data_2DL3
#
_entry.id   2DL3
#
_entity_poly.entity_id   1
_entity_poly.type   'polypeptide(L)'
_entity_poly.pdbx_seq_one_letter_code
;GSSGSSGRPARAKFDFKAQTLKELPLQKGDIVYIYKQIDQNWYEGEHHGRVGIFPRTYIELLSGPSSG
;
_entity_poly.pdbx_strand_id   A
#
# COMPACT_ATOMS: atom_id res chain seq x y z
N GLY A 1 21.50 -3.75 -12.42
CA GLY A 1 20.30 -3.98 -13.19
C GLY A 1 19.04 -3.59 -12.44
N SER A 2 18.58 -4.48 -11.57
CA SER A 2 17.38 -4.23 -10.78
C SER A 2 17.72 -4.11 -9.30
N SER A 3 16.72 -3.77 -8.49
CA SER A 3 16.90 -3.63 -7.05
C SER A 3 16.16 -4.73 -6.30
N GLY A 4 16.63 -5.01 -5.08
CA GLY A 4 16.00 -6.04 -4.28
C GLY A 4 14.50 -5.82 -4.11
N SER A 5 14.11 -5.30 -2.96
CA SER A 5 12.70 -5.05 -2.68
C SER A 5 12.44 -3.55 -2.50
N SER A 6 11.31 -3.09 -3.04
CA SER A 6 10.95 -1.68 -2.95
C SER A 6 9.56 -1.51 -2.34
N GLY A 7 9.48 -0.75 -1.25
CA GLY A 7 8.20 -0.53 -0.60
C GLY A 7 8.02 -1.40 0.62
N ARG A 8 7.00 -1.10 1.42
CA ARG A 8 6.72 -1.86 2.62
C ARG A 8 5.49 -2.75 2.44
N PRO A 9 5.54 -3.95 3.05
CA PRO A 9 4.45 -4.92 2.95
C PRO A 9 3.21 -4.47 3.73
N ALA A 10 2.06 -4.47 3.05
CA ALA A 10 0.80 -4.07 3.68
C ALA A 10 -0.37 -4.84 3.11
N ARG A 11 -1.34 -5.16 3.96
CA ARG A 11 -2.52 -5.91 3.53
C ARG A 11 -3.75 -5.01 3.55
N ALA A 12 -4.55 -5.11 2.49
CA ALA A 12 -5.78 -4.33 2.38
C ALA A 12 -6.85 -4.84 3.32
N LYS A 13 -7.13 -4.07 4.37
CA LYS A 13 -8.14 -4.46 5.35
C LYS A 13 -9.54 -4.38 4.73
N PHE A 14 -9.73 -3.45 3.80
CA PHE A 14 -11.02 -3.28 3.13
C PHE A 14 -10.82 -2.89 1.67
N ASP A 15 -11.82 -3.21 0.85
CA ASP A 15 -11.77 -2.89 -0.57
C ASP A 15 -11.81 -1.38 -0.80
N PHE A 16 -11.07 -0.92 -1.81
CA PHE A 16 -11.02 0.50 -2.12
C PHE A 16 -11.20 0.73 -3.62
N LYS A 17 -12.10 1.64 -3.98
CA LYS A 17 -12.37 1.96 -5.37
C LYS A 17 -11.65 3.23 -5.80
N ALA A 18 -10.67 3.10 -6.67
CA ALA A 18 -9.91 4.23 -7.16
C ALA A 18 -10.66 4.96 -8.28
N GLN A 19 -11.13 6.17 -7.97
CA GLN A 19 -11.86 6.96 -8.95
C GLN A 19 -10.95 7.38 -10.11
N THR A 20 -9.76 7.84 -9.77
CA THR A 20 -8.79 8.28 -10.78
C THR A 20 -7.44 7.62 -10.56
N LEU A 21 -6.49 7.92 -11.45
CA LEU A 21 -5.15 7.36 -11.35
C LEU A 21 -4.52 7.68 -10.00
N LYS A 22 -4.57 8.95 -9.61
CA LYS A 22 -4.02 9.39 -8.34
C LYS A 22 -4.25 8.34 -7.26
N GLU A 23 -5.46 7.79 -7.22
CA GLU A 23 -5.80 6.77 -6.23
C GLU A 23 -5.66 5.37 -6.82
N LEU A 24 -5.45 4.39 -5.94
CA LEU A 24 -5.29 3.01 -6.38
C LEU A 24 -6.31 2.11 -5.69
N PRO A 25 -6.89 1.17 -6.46
CA PRO A 25 -7.89 0.23 -5.94
C PRO A 25 -7.29 -0.79 -4.99
N LEU A 26 -8.12 -1.37 -4.14
CA LEU A 26 -7.68 -2.37 -3.17
C LEU A 26 -8.78 -3.37 -2.86
N GLN A 27 -8.39 -4.53 -2.34
CA GLN A 27 -9.37 -5.56 -2.00
C GLN A 27 -9.07 -6.14 -0.61
N LYS A 28 -10.13 -6.47 0.12
CA LYS A 28 -9.99 -7.03 1.46
C LYS A 28 -9.16 -8.31 1.43
N GLY A 29 -7.86 -8.18 1.67
CA GLY A 29 -6.99 -9.34 1.66
C GLY A 29 -5.81 -9.18 0.71
N ASP A 30 -5.99 -8.35 -0.31
CA ASP A 30 -4.93 -8.11 -1.29
C ASP A 30 -3.75 -7.42 -0.65
N ILE A 31 -2.55 -7.85 -1.02
CA ILE A 31 -1.32 -7.27 -0.48
C ILE A 31 -0.75 -6.21 -1.41
N VAL A 32 -0.10 -5.20 -0.83
CA VAL A 32 0.49 -4.13 -1.62
C VAL A 32 1.83 -3.68 -1.02
N TYR A 33 2.58 -2.91 -1.79
CA TYR A 33 3.87 -2.42 -1.34
C TYR A 33 3.91 -0.89 -1.33
N ILE A 34 3.96 -0.32 -0.13
CA ILE A 34 3.99 1.13 0.02
C ILE A 34 5.41 1.67 -0.19
N TYR A 35 5.58 2.44 -1.26
CA TYR A 35 6.89 3.00 -1.57
C TYR A 35 7.15 4.26 -0.73
N LYS A 36 6.12 5.08 -0.58
CA LYS A 36 6.24 6.31 0.20
C LYS A 36 4.92 6.63 0.91
N GLN A 37 4.96 7.63 1.79
CA GLN A 37 3.77 8.04 2.52
C GLN A 37 3.28 9.41 2.06
N ILE A 38 2.05 9.45 1.56
CA ILE A 38 1.46 10.69 1.08
C ILE A 38 1.22 11.67 2.23
N ASP A 39 0.39 11.26 3.18
CA ASP A 39 0.08 12.10 4.34
C ASP A 39 0.05 11.27 5.62
N GLN A 40 -0.30 11.91 6.72
CA GLN A 40 -0.37 11.23 8.01
C GLN A 40 -1.47 10.18 8.02
N ASN A 41 -2.40 10.30 7.08
CA ASN A 41 -3.51 9.36 6.99
C ASN A 41 -3.63 8.80 5.57
N TRP A 42 -2.54 8.88 4.81
CA TRP A 42 -2.52 8.38 3.44
C TRP A 42 -1.21 7.66 3.15
N TYR A 43 -1.20 6.89 2.07
CA TYR A 43 -0.01 6.14 1.68
C TYR A 43 0.10 6.05 0.15
N GLU A 44 1.21 5.49 -0.32
CA GLU A 44 1.44 5.35 -1.76
C GLU A 44 2.17 4.04 -2.05
N GLY A 45 1.62 3.28 -3.00
CA GLY A 45 2.23 2.01 -3.37
C GLY A 45 1.83 1.55 -4.75
N GLU A 46 1.84 0.24 -4.97
CA GLU A 46 1.46 -0.33 -6.27
C GLU A 46 0.69 -1.63 -6.09
N HIS A 47 -0.20 -1.92 -7.02
CA HIS A 47 -1.01 -3.13 -6.97
C HIS A 47 -1.63 -3.43 -8.33
N HIS A 48 -1.28 -4.57 -8.91
CA HIS A 48 -1.80 -4.99 -10.21
C HIS A 48 -1.32 -4.03 -11.29
N GLY A 49 0.00 -3.87 -11.39
CA GLY A 49 0.56 -2.99 -12.41
C GLY A 49 -0.04 -1.61 -12.37
N ARG A 50 -0.40 -1.15 -11.17
CA ARG A 50 -0.99 0.17 -11.00
C ARG A 50 -0.41 0.88 -9.78
N VAL A 51 -0.16 2.18 -9.91
CA VAL A 51 0.39 2.97 -8.83
C VAL A 51 -0.51 4.14 -8.47
N GLY A 52 -0.71 4.37 -7.18
CA GLY A 52 -1.55 5.45 -6.74
C GLY A 52 -1.42 5.72 -5.25
N ILE A 53 -2.47 6.27 -4.66
CA ILE A 53 -2.46 6.58 -3.23
C ILE A 53 -3.72 6.05 -2.54
N PHE A 54 -3.61 5.75 -1.26
CA PHE A 54 -4.73 5.23 -0.49
C PHE A 54 -4.55 5.51 1.00
N PRO A 55 -5.67 5.56 1.73
CA PRO A 55 -5.66 5.81 3.18
C PRO A 55 -5.07 4.65 3.97
N ARG A 56 -4.46 4.97 5.11
CA ARG A 56 -3.86 3.95 5.96
C ARG A 56 -4.91 3.20 6.76
N THR A 57 -6.10 3.80 6.86
CA THR A 57 -7.20 3.18 7.60
C THR A 57 -7.82 2.04 6.81
N TYR A 58 -7.37 1.87 5.56
CA TYR A 58 -7.88 0.82 4.70
C TYR A 58 -6.89 -0.34 4.60
N ILE A 59 -5.61 -0.03 4.78
CA ILE A 59 -4.57 -1.04 4.72
C ILE A 59 -3.98 -1.31 6.10
N GLU A 60 -3.13 -2.33 6.18
CA GLU A 60 -2.49 -2.68 7.45
C GLU A 60 -1.02 -3.07 7.23
N LEU A 61 -0.12 -2.21 7.69
CA LEU A 61 1.30 -2.45 7.55
C LEU A 61 1.70 -3.79 8.17
N LEU A 62 1.97 -4.77 7.33
CA LEU A 62 2.37 -6.10 7.79
C LEU A 62 3.58 -6.02 8.72
N SER A 63 3.86 -7.11 9.41
CA SER A 63 4.99 -7.16 10.33
C SER A 63 5.85 -8.39 10.07
N GLY A 64 7.17 -8.20 10.03
CA GLY A 64 8.08 -9.29 9.77
C GLY A 64 9.27 -8.87 8.94
N PRO A 65 9.19 -9.08 7.62
CA PRO A 65 10.27 -8.72 6.69
C PRO A 65 10.44 -7.22 6.55
N SER A 66 11.57 -6.70 7.03
CA SER A 66 11.85 -5.28 6.95
C SER A 66 13.36 -5.01 7.03
N SER A 67 13.93 -4.55 5.93
CA SER A 67 15.36 -4.26 5.88
C SER A 67 15.61 -2.88 5.30
N GLY A 68 15.82 -1.90 6.18
CA GLY A 68 16.07 -0.54 5.73
C GLY A 68 17.54 -0.24 5.61
N GLY A 1 23.90 -6.09 -10.64
CA GLY A 1 22.93 -6.77 -9.81
C GLY A 1 22.49 -5.94 -8.62
N SER A 2 21.55 -5.03 -8.85
CA SER A 2 21.05 -4.16 -7.79
C SER A 2 19.54 -4.00 -7.89
N SER A 3 18.89 -3.91 -6.73
CA SER A 3 17.43 -3.76 -6.69
C SER A 3 17.05 -2.30 -6.43
N GLY A 4 17.89 -1.61 -5.65
CA GLY A 4 17.61 -0.22 -5.32
C GLY A 4 16.78 -0.07 -4.07
N SER A 5 15.54 0.39 -4.24
CA SER A 5 14.64 0.59 -3.11
C SER A 5 13.46 -0.37 -3.18
N SER A 6 12.66 -0.40 -2.12
CA SER A 6 11.51 -1.28 -2.06
C SER A 6 10.45 -0.74 -1.09
N GLY A 7 9.20 -1.15 -1.29
CA GLY A 7 8.12 -0.69 -0.44
C GLY A 7 7.89 -1.60 0.75
N ARG A 8 6.88 -1.29 1.54
CA ARG A 8 6.55 -2.10 2.71
C ARG A 8 5.28 -2.92 2.48
N PRO A 9 5.25 -4.14 3.02
CA PRO A 9 4.12 -5.05 2.88
C PRO A 9 2.90 -4.57 3.66
N ALA A 10 1.77 -4.43 2.97
CA ALA A 10 0.54 -3.98 3.60
C ALA A 10 -0.66 -4.77 3.08
N ARG A 11 -1.59 -5.10 3.98
CA ARG A 11 -2.78 -5.85 3.60
C ARG A 11 -4.01 -4.96 3.62
N ALA A 12 -4.90 -5.14 2.66
CA ALA A 12 -6.12 -4.36 2.56
C ALA A 12 -7.19 -4.90 3.51
N LYS A 13 -7.55 -4.10 4.50
CA LYS A 13 -8.57 -4.50 5.47
C LYS A 13 -9.96 -4.38 4.87
N PHE A 14 -10.18 -3.36 4.06
CA PHE A 14 -11.47 -3.14 3.42
C PHE A 14 -11.31 -2.84 1.93
N ASP A 15 -12.39 -2.96 1.18
CA ASP A 15 -12.36 -2.71 -0.25
C ASP A 15 -12.27 -1.21 -0.54
N PHE A 16 -11.33 -0.83 -1.40
CA PHE A 16 -11.14 0.57 -1.75
C PHE A 16 -11.29 0.77 -3.26
N LYS A 17 -12.26 1.60 -3.64
CA LYS A 17 -12.51 1.89 -5.05
C LYS A 17 -11.82 3.17 -5.48
N ALA A 18 -10.88 3.06 -6.40
CA ALA A 18 -10.14 4.22 -6.90
C ALA A 18 -10.95 4.96 -7.96
N GLN A 19 -11.41 6.17 -7.60
CA GLN A 19 -12.19 6.99 -8.52
C GLN A 19 -11.38 7.34 -9.76
N THR A 20 -10.13 7.74 -9.56
CA THR A 20 -9.26 8.10 -10.67
C THR A 20 -7.85 7.53 -10.47
N LEU A 21 -6.99 7.74 -11.46
CA LEU A 21 -5.62 7.25 -11.40
C LEU A 21 -4.96 7.65 -10.08
N LYS A 22 -5.04 8.94 -9.75
CA LYS A 22 -4.45 9.46 -8.52
C LYS A 22 -4.55 8.43 -7.40
N GLU A 23 -5.71 7.79 -7.29
CA GLU A 23 -5.93 6.78 -6.26
C GLU A 23 -5.81 5.38 -6.83
N LEU A 24 -5.56 4.40 -5.96
CA LEU A 24 -5.43 3.02 -6.39
C LEU A 24 -6.40 2.11 -5.63
N PRO A 25 -7.01 1.17 -6.35
CA PRO A 25 -7.97 0.22 -5.76
C PRO A 25 -7.30 -0.78 -4.84
N LEU A 26 -8.06 -1.31 -3.89
CA LEU A 26 -7.54 -2.28 -2.94
C LEU A 26 -8.62 -3.27 -2.52
N GLN A 27 -8.46 -4.53 -2.90
CA GLN A 27 -9.43 -5.57 -2.56
C GLN A 27 -9.17 -6.10 -1.15
N LYS A 28 -10.25 -6.41 -0.44
CA LYS A 28 -10.14 -6.94 0.91
C LYS A 28 -9.25 -8.17 0.95
N GLY A 29 -8.03 -7.99 1.45
CA GLY A 29 -7.10 -9.10 1.52
C GLY A 29 -6.08 -9.10 0.41
N ASP A 30 -5.63 -7.90 0.02
CA ASP A 30 -4.65 -7.76 -1.04
C ASP A 30 -3.31 -7.27 -0.49
N ILE A 31 -2.22 -7.80 -1.04
CA ILE A 31 -0.90 -7.41 -0.60
C ILE A 31 -0.32 -6.31 -1.47
N VAL A 32 -0.05 -5.16 -0.88
CA VAL A 32 0.50 -4.02 -1.61
C VAL A 32 1.83 -3.57 -1.01
N TYR A 33 2.65 -2.92 -1.82
CA TYR A 33 3.95 -2.43 -1.37
C TYR A 33 3.99 -0.91 -1.36
N ILE A 34 4.14 -0.32 -0.17
CA ILE A 34 4.19 1.12 -0.03
C ILE A 34 5.62 1.63 -0.16
N TYR A 35 5.86 2.49 -1.15
CA TYR A 35 7.18 3.05 -1.38
C TYR A 35 7.38 4.33 -0.56
N LYS A 36 6.35 5.16 -0.52
CA LYS A 36 6.41 6.41 0.22
C LYS A 36 5.12 6.64 1.01
N GLN A 37 5.15 7.64 1.89
CA GLN A 37 3.98 7.95 2.71
C GLN A 37 3.45 9.34 2.37
N ILE A 38 2.35 9.38 1.63
CA ILE A 38 1.74 10.64 1.23
C ILE A 38 1.46 11.52 2.44
N ASP A 39 0.53 11.08 3.29
CA ASP A 39 0.18 11.82 4.50
C ASP A 39 0.10 10.89 5.71
N GLN A 40 -0.23 11.46 6.86
CA GLN A 40 -0.34 10.69 8.08
C GLN A 40 -1.48 9.67 8.00
N ASN A 41 -2.37 9.87 7.02
CA ASN A 41 -3.51 8.98 6.83
C ASN A 41 -3.58 8.50 5.38
N TRP A 42 -2.45 8.58 4.68
CA TRP A 42 -2.39 8.16 3.29
C TRP A 42 -1.06 7.47 2.99
N TYR A 43 -1.03 6.71 1.90
CA TYR A 43 0.18 6.01 1.50
C TYR A 43 0.29 5.93 -0.02
N GLU A 44 1.43 5.45 -0.50
CA GLU A 44 1.66 5.31 -1.94
C GLU A 44 2.41 4.03 -2.25
N GLY A 45 1.87 3.22 -3.16
CA GLY A 45 2.49 1.98 -3.53
C GLY A 45 2.11 1.52 -4.92
N GLU A 46 2.23 0.22 -5.18
CA GLU A 46 1.89 -0.34 -6.48
C GLU A 46 1.08 -1.62 -6.33
N HIS A 47 0.07 -1.78 -7.18
CA HIS A 47 -0.79 -2.95 -7.13
C HIS A 47 -1.13 -3.43 -8.55
N HIS A 48 -0.69 -4.63 -8.88
CA HIS A 48 -0.94 -5.19 -10.20
C HIS A 48 -0.56 -4.21 -11.30
N GLY A 49 0.68 -3.73 -11.26
CA GLY A 49 1.15 -2.79 -12.25
C GLY A 49 0.35 -1.50 -12.25
N ARG A 50 -0.05 -1.06 -11.06
CA ARG A 50 -0.82 0.17 -10.93
C ARG A 50 -0.32 1.00 -9.74
N VAL A 51 0.20 2.18 -10.02
CA VAL A 51 0.71 3.07 -8.98
C VAL A 51 -0.34 4.12 -8.59
N GLY A 52 -0.63 4.20 -7.30
CA GLY A 52 -1.61 5.16 -6.82
C GLY A 52 -1.55 5.34 -5.32
N ILE A 53 -2.24 6.37 -4.83
CA ILE A 53 -2.27 6.65 -3.40
C ILE A 53 -3.54 6.10 -2.75
N PHE A 54 -3.45 5.75 -1.48
CA PHE A 54 -4.58 5.21 -0.74
C PHE A 54 -4.43 5.47 0.76
N PRO A 55 -5.58 5.50 1.46
CA PRO A 55 -5.61 5.74 2.91
C PRO A 55 -5.04 4.57 3.70
N ARG A 56 -4.43 4.88 4.84
CA ARG A 56 -3.85 3.85 5.69
C ARG A 56 -4.93 3.10 6.47
N THR A 57 -5.97 3.82 6.87
CA THR A 57 -7.07 3.24 7.62
C THR A 57 -7.73 2.11 6.82
N TYR A 58 -7.37 2.00 5.55
CA TYR A 58 -7.93 0.98 4.69
C TYR A 58 -7.01 -0.24 4.61
N ILE A 59 -5.71 0.00 4.76
CA ILE A 59 -4.73 -1.06 4.72
C ILE A 59 -4.11 -1.30 6.10
N GLU A 60 -3.31 -2.35 6.21
CA GLU A 60 -2.65 -2.69 7.47
C GLU A 60 -1.18 -3.02 7.25
N LEU A 61 -0.30 -2.22 7.84
CA LEU A 61 1.13 -2.44 7.71
C LEU A 61 1.54 -3.78 8.29
N LEU A 62 1.92 -4.71 7.42
CA LEU A 62 2.35 -6.04 7.84
C LEU A 62 3.80 -6.03 8.30
N SER A 63 3.98 -6.06 9.61
CA SER A 63 5.33 -6.05 10.19
C SER A 63 6.06 -7.36 9.88
N GLY A 64 7.23 -7.25 9.25
CA GLY A 64 8.00 -8.43 8.91
C GLY A 64 9.44 -8.32 9.36
N PRO A 65 10.30 -7.75 8.50
CA PRO A 65 11.72 -7.58 8.79
C PRO A 65 11.96 -6.54 9.88
N SER A 66 13.19 -6.50 10.39
CA SER A 66 13.56 -5.56 11.43
C SER A 66 14.94 -4.96 11.17
N SER A 67 15.02 -3.63 11.23
CA SER A 67 16.27 -2.92 11.00
C SER A 67 17.41 -3.54 11.83
N GLY A 68 18.54 -3.75 11.18
CA GLY A 68 19.68 -4.34 11.87
C GLY A 68 19.92 -5.78 11.50
N GLY A 1 12.79 -3.76 -1.47
CA GLY A 1 13.66 -2.86 -2.19
C GLY A 1 15.06 -3.41 -2.35
N SER A 2 15.81 -2.85 -3.31
CA SER A 2 17.16 -3.31 -3.57
C SER A 2 18.18 -2.33 -2.98
N SER A 3 17.97 -1.04 -3.21
CA SER A 3 18.86 -0.01 -2.71
C SER A 3 18.21 1.38 -2.83
N GLY A 4 18.12 2.07 -1.70
CA GLY A 4 17.53 3.39 -1.70
C GLY A 4 16.10 3.39 -1.19
N SER A 5 15.14 3.48 -2.11
CA SER A 5 13.73 3.50 -1.75
C SER A 5 13.15 2.08 -1.76
N SER A 6 12.78 1.59 -0.59
CA SER A 6 12.23 0.25 -0.46
C SER A 6 10.75 0.31 -0.03
N GLY A 7 9.92 -0.48 -0.69
CA GLY A 7 8.50 -0.50 -0.37
C GLY A 7 8.20 -1.44 0.78
N ARG A 8 7.20 -1.07 1.59
CA ARG A 8 6.81 -1.89 2.73
C ARG A 8 5.50 -2.62 2.44
N PRO A 9 5.41 -3.87 2.95
CA PRO A 9 4.21 -4.70 2.76
C PRO A 9 3.01 -4.19 3.55
N ALA A 10 1.82 -4.45 3.03
CA ALA A 10 0.59 -4.02 3.68
C ALA A 10 -0.61 -4.80 3.16
N ARG A 11 -1.53 -5.13 4.07
CA ARG A 11 -2.72 -5.88 3.72
C ARG A 11 -3.96 -5.00 3.76
N ALA A 12 -4.78 -5.07 2.72
CA ALA A 12 -6.00 -4.28 2.65
C ALA A 12 -7.10 -4.88 3.52
N LYS A 13 -7.52 -4.14 4.53
CA LYS A 13 -8.58 -4.61 5.43
C LYS A 13 -9.94 -4.56 4.75
N PHE A 14 -10.21 -3.45 4.07
CA PHE A 14 -11.48 -3.28 3.38
C PHE A 14 -11.26 -3.04 1.88
N ASP A 15 -12.35 -2.87 1.14
CA ASP A 15 -12.27 -2.64 -0.29
C ASP A 15 -12.19 -1.15 -0.60
N PHE A 16 -11.26 -0.78 -1.48
CA PHE A 16 -11.09 0.62 -1.85
C PHE A 16 -11.16 0.79 -3.37
N LYS A 17 -12.01 1.71 -3.82
CA LYS A 17 -12.17 1.97 -5.24
C LYS A 17 -11.40 3.22 -5.66
N ALA A 18 -10.63 3.09 -6.73
CA ALA A 18 -9.84 4.21 -7.24
C ALA A 18 -10.55 4.91 -8.38
N GLN A 19 -10.99 6.14 -8.14
CA GLN A 19 -11.70 6.92 -9.16
C GLN A 19 -10.76 7.29 -10.31
N THR A 20 -9.56 7.75 -9.97
CA THR A 20 -8.59 8.14 -10.97
C THR A 20 -7.21 7.55 -10.64
N LEU A 21 -6.24 7.80 -11.52
CA LEU A 21 -4.88 7.31 -11.33
C LEU A 21 -4.36 7.68 -9.94
N LYS A 22 -4.51 8.95 -9.58
CA LYS A 22 -4.06 9.43 -8.28
C LYS A 22 -4.29 8.38 -7.20
N GLU A 23 -5.48 7.80 -7.18
CA GLU A 23 -5.82 6.78 -6.20
C GLU A 23 -5.59 5.38 -6.77
N LEU A 24 -5.56 4.38 -5.88
CA LEU A 24 -5.35 3.00 -6.29
C LEU A 24 -6.33 2.07 -5.60
N PRO A 25 -6.90 1.13 -6.38
CA PRO A 25 -7.88 0.16 -5.86
C PRO A 25 -7.23 -0.86 -4.93
N LEU A 26 -7.97 -1.25 -3.90
CA LEU A 26 -7.47 -2.23 -2.93
C LEU A 26 -8.59 -3.14 -2.46
N GLN A 27 -8.59 -4.38 -2.95
CA GLN A 27 -9.61 -5.35 -2.57
C GLN A 27 -9.31 -5.95 -1.20
N LYS A 28 -10.35 -6.22 -0.44
CA LYS A 28 -10.21 -6.80 0.89
C LYS A 28 -9.26 -7.99 0.87
N GLY A 29 -8.04 -7.79 1.37
CA GLY A 29 -7.07 -8.86 1.39
C GLY A 29 -6.06 -8.75 0.26
N ASP A 30 -5.65 -7.53 -0.04
CA ASP A 30 -4.69 -7.30 -1.12
C ASP A 30 -3.34 -6.85 -0.55
N ILE A 31 -2.27 -7.45 -1.04
CA ILE A 31 -0.92 -7.11 -0.59
C ILE A 31 -0.27 -6.09 -1.51
N VAL A 32 0.08 -4.94 -0.95
CA VAL A 32 0.72 -3.88 -1.73
C VAL A 32 2.02 -3.44 -1.09
N TYR A 33 2.81 -2.66 -1.83
CA TYR A 33 4.10 -2.18 -1.33
C TYR A 33 4.11 -0.65 -1.27
N ILE A 34 4.13 -0.11 -0.06
CA ILE A 34 4.15 1.33 0.14
C ILE A 34 5.53 1.90 -0.12
N TYR A 35 5.67 2.67 -1.20
CA TYR A 35 6.94 3.27 -1.56
C TYR A 35 7.16 4.57 -0.78
N LYS A 36 6.15 5.42 -0.77
CA LYS A 36 6.24 6.70 -0.06
C LYS A 36 4.99 6.94 0.79
N GLN A 37 5.00 8.01 1.56
CA GLN A 37 3.87 8.35 2.41
C GLN A 37 3.25 9.68 1.99
N ILE A 38 2.07 9.61 1.38
CA ILE A 38 1.37 10.81 0.93
C ILE A 38 1.04 11.72 2.11
N ASP A 39 0.27 11.21 3.05
CA ASP A 39 -0.11 11.98 4.23
C ASP A 39 -0.04 11.14 5.49
N GLN A 40 -0.43 11.72 6.62
CA GLN A 40 -0.40 11.01 7.89
C GLN A 40 -1.46 9.91 7.93
N ASN A 41 -2.39 9.96 6.98
CA ASN A 41 -3.46 8.98 6.91
C ASN A 41 -3.58 8.42 5.49
N TRP A 42 -2.53 8.58 4.71
CA TRP A 42 -2.52 8.09 3.32
C TRP A 42 -1.20 7.42 3.00
N TYR A 43 -1.16 6.71 1.87
CA TYR A 43 0.06 6.02 1.44
C TYR A 43 0.11 5.92 -0.08
N GLU A 44 1.26 5.51 -0.59
CA GLU A 44 1.45 5.36 -2.04
C GLU A 44 2.24 4.10 -2.36
N GLY A 45 1.67 3.24 -3.19
CA GLY A 45 2.34 2.00 -3.56
C GLY A 45 1.90 1.49 -4.92
N GLU A 46 2.16 0.21 -5.17
CA GLU A 46 1.79 -0.40 -6.44
C GLU A 46 0.93 -1.64 -6.22
N HIS A 47 0.09 -1.96 -7.20
CA HIS A 47 -0.79 -3.12 -7.11
C HIS A 47 -1.34 -3.49 -8.48
N HIS A 48 -1.24 -4.77 -8.84
CA HIS A 48 -1.74 -5.25 -10.13
C HIS A 48 -1.31 -4.31 -11.26
N GLY A 49 -0.03 -3.98 -11.28
CA GLY A 49 0.49 -3.09 -12.31
C GLY A 49 -0.15 -1.72 -12.28
N ARG A 50 -0.56 -1.29 -11.09
CA ARG A 50 -1.20 0.01 -10.92
C ARG A 50 -0.56 0.79 -9.78
N VAL A 51 -0.42 2.09 -9.97
CA VAL A 51 0.17 2.96 -8.95
C VAL A 51 -0.79 4.07 -8.55
N GLY A 52 -0.85 4.34 -7.25
CA GLY A 52 -1.73 5.39 -6.76
C GLY A 52 -1.62 5.58 -5.25
N ILE A 53 -2.58 6.30 -4.68
CA ILE A 53 -2.58 6.56 -3.25
C ILE A 53 -3.76 5.87 -2.57
N PHE A 54 -3.64 5.65 -1.26
CA PHE A 54 -4.70 5.00 -0.50
C PHE A 54 -4.52 5.25 1.00
N PRO A 55 -5.64 5.30 1.73
CA PRO A 55 -5.62 5.53 3.18
C PRO A 55 -5.07 4.34 3.95
N ARG A 56 -4.32 4.63 5.02
CA ARG A 56 -3.74 3.57 5.84
C ARG A 56 -4.80 2.83 6.63
N THR A 57 -5.75 3.58 7.19
CA THR A 57 -6.83 2.99 7.97
C THR A 57 -7.48 1.84 7.22
N TYR A 58 -7.40 1.88 5.90
CA TYR A 58 -7.99 0.84 5.05
C TYR A 58 -7.09 -0.40 5.00
N ILE A 59 -5.78 -0.17 5.07
CA ILE A 59 -4.81 -1.26 5.02
C ILE A 59 -4.18 -1.48 6.40
N GLU A 60 -3.36 -2.52 6.51
CA GLU A 60 -2.69 -2.84 7.76
C GLU A 60 -1.27 -3.31 7.50
N LEU A 61 -0.30 -2.54 7.97
CA LEU A 61 1.11 -2.88 7.80
C LEU A 61 1.43 -4.25 8.42
N LEU A 62 2.22 -5.04 7.72
CA LEU A 62 2.60 -6.36 8.20
C LEU A 62 3.94 -6.32 8.92
N SER A 63 4.22 -7.36 9.71
CA SER A 63 5.47 -7.43 10.46
C SER A 63 6.56 -8.09 9.62
N GLY A 64 7.81 -7.89 10.03
CA GLY A 64 8.93 -8.47 9.32
C GLY A 64 10.09 -8.82 10.22
N PRO A 65 11.19 -9.29 9.64
CA PRO A 65 12.40 -9.67 10.38
C PRO A 65 13.12 -8.46 10.97
N SER A 66 14.11 -8.72 11.81
CA SER A 66 14.88 -7.65 12.44
C SER A 66 16.21 -8.19 12.97
N SER A 67 17.15 -7.27 13.21
CA SER A 67 18.46 -7.65 13.71
C SER A 67 18.45 -7.79 15.23
N GLY A 68 18.90 -8.94 15.72
CA GLY A 68 18.93 -9.17 17.15
C GLY A 68 18.23 -10.46 17.54
N GLY A 1 21.56 -6.03 -6.32
CA GLY A 1 20.64 -5.03 -5.80
C GLY A 1 21.15 -3.62 -6.00
N SER A 2 20.26 -2.72 -6.43
CA SER A 2 20.63 -1.33 -6.66
C SER A 2 19.95 -0.42 -5.64
N SER A 3 20.35 0.85 -5.64
CA SER A 3 19.79 1.83 -4.72
C SER A 3 18.40 2.28 -5.18
N GLY A 4 17.69 2.96 -4.28
CA GLY A 4 16.35 3.43 -4.61
C GLY A 4 15.48 3.60 -3.38
N SER A 5 14.22 3.21 -3.50
CA SER A 5 13.27 3.32 -2.40
C SER A 5 12.62 1.97 -2.09
N SER A 6 12.89 1.44 -0.91
CA SER A 6 12.34 0.16 -0.50
C SER A 6 10.93 0.32 0.05
N GLY A 7 9.99 -0.43 -0.51
CA GLY A 7 8.61 -0.35 -0.07
C GLY A 7 8.32 -1.29 1.08
N ARG A 8 7.17 -1.09 1.73
CA ARG A 8 6.77 -1.93 2.85
C ARG A 8 5.52 -2.73 2.53
N PRO A 9 5.45 -3.97 3.03
CA PRO A 9 4.31 -4.86 2.80
C PRO A 9 3.07 -4.40 3.54
N ALA A 10 1.97 -4.20 2.79
CA ALA A 10 0.72 -3.76 3.37
C ALA A 10 -0.45 -4.59 2.85
N ARG A 11 -1.38 -4.94 3.75
CA ARG A 11 -2.53 -5.74 3.38
C ARG A 11 -3.81 -4.91 3.46
N ALA A 12 -4.64 -4.99 2.43
CA ALA A 12 -5.89 -4.25 2.40
C ALA A 12 -6.90 -4.83 3.38
N LYS A 13 -7.32 -4.01 4.35
CA LYS A 13 -8.28 -4.44 5.35
C LYS A 13 -9.70 -4.42 4.80
N PHE A 14 -9.99 -3.41 3.98
CA PHE A 14 -11.31 -3.26 3.38
C PHE A 14 -11.20 -2.97 1.88
N ASP A 15 -12.35 -2.94 1.21
CA ASP A 15 -12.38 -2.65 -0.22
C ASP A 15 -12.30 -1.16 -0.48
N PHE A 16 -11.34 -0.75 -1.32
CA PHE A 16 -11.16 0.66 -1.65
C PHE A 16 -11.34 0.88 -3.15
N LYS A 17 -12.27 1.77 -3.50
CA LYS A 17 -12.53 2.08 -4.90
C LYS A 17 -11.84 3.38 -5.30
N ALA A 18 -10.71 3.26 -5.99
CA ALA A 18 -9.96 4.42 -6.44
C ALA A 18 -10.84 5.36 -7.26
N GLN A 19 -11.15 6.52 -6.68
CA GLN A 19 -11.98 7.50 -7.36
C GLN A 19 -11.40 7.87 -8.71
N THR A 20 -10.09 8.12 -8.74
CA THR A 20 -9.41 8.48 -9.97
C THR A 20 -8.02 7.87 -10.04
N LEU A 21 -7.35 8.03 -11.18
CA LEU A 21 -6.01 7.50 -11.37
C LEU A 21 -5.13 7.80 -10.16
N LYS A 22 -5.21 9.04 -9.68
CA LYS A 22 -4.42 9.46 -8.53
C LYS A 22 -4.41 8.39 -7.44
N GLU A 23 -5.60 7.84 -7.16
CA GLU A 23 -5.72 6.80 -6.15
C GLU A 23 -5.69 5.42 -6.77
N LEU A 24 -5.42 4.40 -5.96
CA LEU A 24 -5.36 3.03 -6.44
C LEU A 24 -6.36 2.14 -5.70
N PRO A 25 -7.07 1.30 -6.45
CA PRO A 25 -8.07 0.38 -5.90
C PRO A 25 -7.45 -0.73 -5.06
N LEU A 26 -8.16 -1.18 -4.05
CA LEU A 26 -7.68 -2.25 -3.18
C LEU A 26 -8.80 -3.21 -2.81
N GLN A 27 -8.48 -4.50 -2.81
CA GLN A 27 -9.47 -5.52 -2.46
C GLN A 27 -9.17 -6.14 -1.10
N LYS A 28 -10.21 -6.43 -0.35
CA LYS A 28 -10.07 -7.03 0.97
C LYS A 28 -9.12 -8.23 0.94
N GLY A 29 -7.92 -8.06 1.47
CA GLY A 29 -6.95 -9.13 1.48
C GLY A 29 -5.98 -9.06 0.31
N ASP A 30 -5.57 -7.84 -0.02
CA ASP A 30 -4.64 -7.63 -1.13
C ASP A 30 -3.28 -7.17 -0.61
N ILE A 31 -2.22 -7.72 -1.18
CA ILE A 31 -0.85 -7.38 -0.78
C ILE A 31 -0.31 -6.25 -1.65
N VAL A 32 0.27 -5.24 -1.01
CA VAL A 32 0.85 -4.11 -1.73
C VAL A 32 2.15 -3.65 -1.07
N TYR A 33 2.93 -2.87 -1.80
CA TYR A 33 4.20 -2.36 -1.30
C TYR A 33 4.19 -0.83 -1.26
N ILE A 34 4.18 -0.27 -0.06
CA ILE A 34 4.18 1.17 0.12
C ILE A 34 5.59 1.76 -0.05
N TYR A 35 5.79 2.47 -1.14
CA TYR A 35 7.09 3.09 -1.42
C TYR A 35 7.29 4.34 -0.57
N LYS A 36 6.24 5.12 -0.43
CA LYS A 36 6.30 6.36 0.35
C LYS A 36 4.97 6.63 1.05
N GLN A 37 4.92 7.70 1.83
CA GLN A 37 3.71 8.08 2.55
C GLN A 37 3.20 9.44 2.10
N ILE A 38 2.07 9.45 1.39
CA ILE A 38 1.48 10.69 0.91
C ILE A 38 1.16 11.63 2.06
N ASP A 39 0.31 11.19 2.97
CA ASP A 39 -0.07 11.99 4.12
C ASP A 39 -0.08 11.15 5.39
N GLN A 40 -0.49 11.77 6.50
CA GLN A 40 -0.54 11.08 7.78
C GLN A 40 -1.59 9.98 7.78
N ASN A 41 -2.52 10.07 6.82
CA ASN A 41 -3.58 9.08 6.70
C ASN A 41 -3.67 8.54 5.27
N TRP A 42 -2.55 8.60 4.57
CA TRP A 42 -2.50 8.11 3.19
C TRP A 42 -1.18 7.38 2.92
N TYR A 43 -1.13 6.67 1.80
CA TYR A 43 0.06 5.92 1.43
C TYR A 43 0.16 5.75 -0.09
N GLU A 44 1.35 5.44 -0.57
CA GLU A 44 1.58 5.26 -1.99
C GLU A 44 2.35 3.96 -2.26
N GLY A 45 1.78 3.11 -3.13
CA GLY A 45 2.43 1.86 -3.45
C GLY A 45 2.05 1.35 -4.83
N GLU A 46 2.25 0.06 -5.07
CA GLU A 46 1.94 -0.54 -6.35
C GLU A 46 1.02 -1.75 -6.17
N HIS A 47 0.21 -2.03 -7.19
CA HIS A 47 -0.72 -3.15 -7.14
C HIS A 47 -1.12 -3.58 -8.55
N HIS A 48 -0.98 -4.86 -8.84
CA HIS A 48 -1.33 -5.40 -10.15
C HIS A 48 -0.69 -4.58 -11.27
N GLY A 49 0.51 -4.07 -11.01
CA GLY A 49 1.21 -3.27 -12.00
C GLY A 49 0.68 -1.84 -12.07
N ARG A 50 -0.03 -1.44 -11.02
CA ARG A 50 -0.60 -0.09 -10.98
C ARG A 50 -0.15 0.65 -9.72
N VAL A 51 0.50 1.79 -9.91
CA VAL A 51 0.99 2.58 -8.78
C VAL A 51 0.05 3.75 -8.50
N GLY A 52 -0.30 3.91 -7.23
CA GLY A 52 -1.20 4.99 -6.84
C GLY A 52 -1.16 5.26 -5.35
N ILE A 53 -2.13 6.03 -4.86
CA ILE A 53 -2.21 6.37 -3.45
C ILE A 53 -3.49 5.82 -2.82
N PHE A 54 -3.46 5.62 -1.51
CA PHE A 54 -4.61 5.10 -0.79
C PHE A 54 -4.50 5.38 0.70
N PRO A 55 -5.65 5.46 1.39
CA PRO A 55 -5.70 5.72 2.83
C PRO A 55 -5.18 4.54 3.65
N ARG A 56 -4.52 4.86 4.77
CA ARG A 56 -3.98 3.82 5.64
C ARG A 56 -5.09 3.12 6.41
N THR A 57 -6.17 3.86 6.68
CA THR A 57 -7.30 3.31 7.41
C THR A 57 -7.97 2.18 6.64
N TYR A 58 -7.53 1.98 5.41
CA TYR A 58 -8.09 0.93 4.57
C TYR A 58 -7.14 -0.26 4.49
N ILE A 59 -5.85 0.00 4.65
CA ILE A 59 -4.84 -1.05 4.61
C ILE A 59 -4.28 -1.34 6.00
N GLU A 60 -3.34 -2.27 6.07
CA GLU A 60 -2.72 -2.63 7.34
C GLU A 60 -1.29 -3.13 7.13
N LEU A 61 -0.33 -2.35 7.64
CA LEU A 61 1.08 -2.70 7.50
C LEU A 61 1.34 -4.11 8.03
N LEU A 62 2.03 -4.91 7.22
CA LEU A 62 2.36 -6.28 7.61
C LEU A 62 3.75 -6.36 8.22
N SER A 63 3.81 -6.50 9.54
CA SER A 63 5.08 -6.59 10.25
C SER A 63 4.98 -7.57 11.42
N GLY A 64 6.02 -8.39 11.57
CA GLY A 64 6.03 -9.36 12.64
C GLY A 64 5.26 -10.62 12.29
N PRO A 65 4.84 -11.37 13.33
CA PRO A 65 4.08 -12.61 13.15
C PRO A 65 2.66 -12.36 12.63
N SER A 66 2.49 -12.52 11.32
CA SER A 66 1.19 -12.31 10.70
C SER A 66 0.07 -12.83 11.60
N SER A 67 -1.13 -12.28 11.41
CA SER A 67 -2.29 -12.68 12.20
C SER A 67 -2.53 -14.18 12.08
N GLY A 68 -2.26 -14.73 10.90
CA GLY A 68 -2.45 -16.16 10.68
C GLY A 68 -3.69 -16.45 9.86
N GLY A 1 22.79 -0.56 3.39
CA GLY A 1 21.56 -1.31 3.21
C GLY A 1 21.56 -2.10 1.91
N SER A 2 21.32 -3.40 2.03
CA SER A 2 21.29 -4.28 0.86
C SER A 2 20.00 -4.09 0.07
N SER A 3 20.05 -4.41 -1.22
CA SER A 3 18.90 -4.27 -2.09
C SER A 3 18.07 -5.55 -2.10
N GLY A 4 17.07 -5.61 -1.23
CA GLY A 4 16.22 -6.79 -1.16
C GLY A 4 14.86 -6.57 -1.79
N SER A 5 14.12 -5.60 -1.27
CA SER A 5 12.80 -5.28 -1.79
C SER A 5 12.47 -3.80 -1.59
N SER A 6 11.80 -3.22 -2.59
CA SER A 6 11.42 -1.81 -2.53
C SER A 6 10.01 -1.64 -2.00
N GLY A 7 9.85 -0.73 -1.04
CA GLY A 7 8.55 -0.48 -0.46
C GLY A 7 8.31 -1.32 0.79
N ARG A 8 7.10 -1.22 1.33
CA ARG A 8 6.73 -1.98 2.52
C ARG A 8 5.47 -2.80 2.29
N PRO A 9 5.42 -4.01 2.88
CA PRO A 9 4.28 -4.90 2.75
C PRO A 9 3.04 -4.39 3.48
N ALA A 10 1.95 -4.27 2.75
CA ALA A 10 0.69 -3.79 3.33
C ALA A 10 -0.49 -4.65 2.89
N ARG A 11 -1.47 -4.80 3.77
CA ARG A 11 -2.65 -5.60 3.46
C ARG A 11 -3.92 -4.76 3.55
N ALA A 12 -4.77 -4.87 2.54
CA ALA A 12 -6.02 -4.11 2.50
C ALA A 12 -7.08 -4.77 3.39
N LYS A 13 -7.50 -4.04 4.43
CA LYS A 13 -8.50 -4.54 5.36
C LYS A 13 -9.89 -4.53 4.71
N PHE A 14 -10.13 -3.52 3.88
CA PHE A 14 -11.42 -3.39 3.20
C PHE A 14 -11.22 -3.08 1.72
N ASP A 15 -12.32 -3.10 0.96
CA ASP A 15 -12.26 -2.82 -0.47
C ASP A 15 -12.24 -1.31 -0.73
N PHE A 16 -11.36 -0.88 -1.63
CA PHE A 16 -11.23 0.53 -1.96
C PHE A 16 -11.29 0.74 -3.47
N LYS A 17 -12.08 1.71 -3.90
CA LYS A 17 -12.23 2.02 -5.31
C LYS A 17 -11.48 3.30 -5.68
N ALA A 18 -10.51 3.17 -6.58
CA ALA A 18 -9.72 4.31 -7.02
C ALA A 18 -10.49 5.15 -8.04
N GLN A 19 -11.04 6.27 -7.59
CA GLN A 19 -11.79 7.15 -8.47
C GLN A 19 -10.98 7.52 -9.71
N THR A 20 -9.70 7.81 -9.50
CA THR A 20 -8.81 8.18 -10.60
C THR A 20 -7.40 7.68 -10.36
N LEU A 21 -6.53 7.86 -11.34
CA LEU A 21 -5.14 7.43 -11.23
C LEU A 21 -4.56 7.79 -9.86
N LYS A 22 -4.79 9.01 -9.43
CA LYS A 22 -4.30 9.47 -8.13
C LYS A 22 -4.43 8.38 -7.09
N GLU A 23 -5.61 7.79 -7.00
CA GLU A 23 -5.87 6.71 -6.04
C GLU A 23 -5.64 5.35 -6.66
N LEU A 24 -5.51 4.33 -5.82
CA LEU A 24 -5.29 2.97 -6.29
C LEU A 24 -6.31 2.01 -5.68
N PRO A 25 -6.89 1.14 -6.53
CA PRO A 25 -7.88 0.14 -6.09
C PRO A 25 -7.27 -0.94 -5.21
N LEU A 26 -7.96 -1.27 -4.13
CA LEU A 26 -7.48 -2.31 -3.21
C LEU A 26 -8.59 -3.29 -2.88
N GLN A 27 -8.27 -4.59 -2.94
CA GLN A 27 -9.24 -5.63 -2.64
C GLN A 27 -8.97 -6.25 -1.27
N LYS A 28 -10.04 -6.56 -0.55
CA LYS A 28 -9.92 -7.17 0.77
C LYS A 28 -8.91 -8.30 0.76
N GLY A 29 -7.85 -8.16 1.55
CA GLY A 29 -6.83 -9.19 1.62
C GLY A 29 -5.86 -9.12 0.45
N ASP A 30 -5.46 -7.91 0.08
CA ASP A 30 -4.54 -7.71 -1.02
C ASP A 30 -3.19 -7.20 -0.52
N ILE A 31 -2.11 -7.76 -1.07
CA ILE A 31 -0.77 -7.35 -0.67
C ILE A 31 -0.22 -6.26 -1.59
N VAL A 32 0.13 -5.12 -1.00
CA VAL A 32 0.67 -4.00 -1.75
C VAL A 32 2.00 -3.54 -1.19
N TYR A 33 2.76 -2.81 -2.00
CA TYR A 33 4.07 -2.31 -1.59
C TYR A 33 4.09 -0.79 -1.55
N ILE A 34 4.14 -0.23 -0.34
CA ILE A 34 4.16 1.22 -0.18
C ILE A 34 5.55 1.79 -0.48
N TYR A 35 5.63 2.61 -1.52
CA TYR A 35 6.90 3.21 -1.92
C TYR A 35 7.18 4.46 -1.08
N LYS A 36 6.16 5.27 -0.87
CA LYS A 36 6.30 6.50 -0.09
C LYS A 36 5.06 6.74 0.78
N GLN A 37 5.09 7.81 1.55
CA GLN A 37 3.97 8.15 2.42
C GLN A 37 3.39 9.52 2.06
N ILE A 38 2.24 9.51 1.42
CA ILE A 38 1.57 10.75 1.02
C ILE A 38 1.25 11.62 2.23
N ASP A 39 0.51 11.05 3.18
CA ASP A 39 0.13 11.77 4.39
C ASP A 39 0.25 10.87 5.62
N GLN A 40 -0.08 11.42 6.77
CA GLN A 40 -0.01 10.67 8.03
C GLN A 40 -1.03 9.52 8.03
N ASN A 41 -2.06 9.65 7.20
CA ASN A 41 -3.09 8.62 7.11
C ASN A 41 -3.25 8.14 5.68
N TRP A 42 -2.28 8.48 4.83
CA TRP A 42 -2.31 8.07 3.43
C TRP A 42 -0.99 7.41 3.03
N TYR A 43 -1.04 6.61 1.97
CA TYR A 43 0.14 5.91 1.48
C TYR A 43 0.12 5.82 -0.04
N GLU A 44 1.21 5.30 -0.61
CA GLU A 44 1.32 5.14 -2.05
C GLU A 44 2.15 3.91 -2.40
N GLY A 45 1.56 3.00 -3.16
CA GLY A 45 2.26 1.79 -3.56
C GLY A 45 1.86 1.32 -4.95
N GLU A 46 1.93 0.01 -5.17
CA GLU A 46 1.59 -0.56 -6.46
C GLU A 46 0.66 -1.76 -6.29
N HIS A 47 -0.22 -1.98 -7.27
CA HIS A 47 -1.16 -3.09 -7.22
C HIS A 47 -1.66 -3.43 -8.62
N HIS A 48 -1.36 -4.65 -9.07
CA HIS A 48 -1.79 -5.09 -10.39
C HIS A 48 -1.21 -4.19 -11.48
N GLY A 49 0.05 -3.83 -11.35
CA GLY A 49 0.69 -2.97 -12.32
C GLY A 49 0.11 -1.58 -12.34
N ARG A 50 -0.37 -1.12 -11.19
CA ARG A 50 -0.96 0.20 -11.06
C ARG A 50 -0.43 0.93 -9.83
N VAL A 51 -0.14 2.22 -9.98
CA VAL A 51 0.37 3.02 -8.88
C VAL A 51 -0.64 4.10 -8.48
N GLY A 52 -0.71 4.36 -7.17
CA GLY A 52 -1.63 5.37 -6.68
C GLY A 52 -1.51 5.59 -5.18
N ILE A 53 -2.54 6.19 -4.59
CA ILE A 53 -2.54 6.45 -3.15
C ILE A 53 -3.76 5.82 -2.49
N PHE A 54 -3.62 5.48 -1.20
CA PHE A 54 -4.71 4.88 -0.45
C PHE A 54 -4.58 5.19 1.05
N PRO A 55 -5.73 5.29 1.73
CA PRO A 55 -5.77 5.58 3.17
C PRO A 55 -5.25 4.41 4.01
N ARG A 56 -4.48 4.73 5.04
CA ARG A 56 -3.93 3.72 5.93
C ARG A 56 -5.04 2.98 6.67
N THR A 57 -6.03 3.72 7.13
CA THR A 57 -7.16 3.14 7.87
C THR A 57 -7.79 2.00 7.06
N TYR A 58 -7.52 1.97 5.77
CA TYR A 58 -8.06 0.93 4.90
C TYR A 58 -7.15 -0.28 4.85
N ILE A 59 -5.84 -0.03 4.96
CA ILE A 59 -4.86 -1.11 4.94
C ILE A 59 -4.22 -1.30 6.31
N GLU A 60 -3.23 -2.19 6.38
CA GLU A 60 -2.55 -2.48 7.63
C GLU A 60 -1.07 -2.79 7.38
N LEU A 61 -0.21 -2.17 8.17
CA LEU A 61 1.24 -2.38 8.05
C LEU A 61 1.65 -3.72 8.62
N LEU A 62 1.79 -4.72 7.74
CA LEU A 62 2.18 -6.06 8.16
C LEU A 62 3.55 -6.04 8.83
N SER A 63 3.56 -5.80 10.14
CA SER A 63 4.82 -5.75 10.89
C SER A 63 4.67 -6.49 12.22
N GLY A 64 5.69 -7.26 12.58
CA GLY A 64 5.67 -8.01 13.82
C GLY A 64 6.93 -7.83 14.63
N PRO A 65 7.01 -6.71 15.37
CA PRO A 65 8.18 -6.40 16.20
C PRO A 65 8.28 -7.32 17.42
N SER A 66 9.32 -8.15 17.43
CA SER A 66 9.53 -9.09 18.54
C SER A 66 9.82 -8.34 19.84
N SER A 67 10.85 -7.48 19.80
CA SER A 67 11.23 -6.70 20.97
C SER A 67 10.02 -6.00 21.58
N GLY A 68 9.90 -6.09 22.91
CA GLY A 68 8.79 -5.46 23.60
C GLY A 68 9.02 -5.35 25.09
N GLY A 1 19.08 -4.41 -5.48
CA GLY A 1 20.15 -3.58 -4.94
C GLY A 1 19.68 -2.68 -3.82
N SER A 2 20.62 -2.25 -2.98
CA SER A 2 20.28 -1.38 -1.85
C SER A 2 20.64 0.07 -2.18
N SER A 3 19.64 0.85 -2.57
CA SER A 3 19.85 2.25 -2.89
C SER A 3 19.29 3.16 -1.81
N GLY A 4 18.04 2.93 -1.44
CA GLY A 4 17.40 3.73 -0.42
C GLY A 4 16.19 3.04 0.20
N SER A 5 15.25 3.83 0.70
CA SER A 5 14.04 3.29 1.31
C SER A 5 13.31 2.37 0.35
N SER A 6 13.05 1.15 0.81
CA SER A 6 12.36 0.15 -0.01
C SER A 6 10.89 0.04 0.40
N GLY A 7 10.07 -0.47 -0.52
CA GLY A 7 8.64 -0.61 -0.24
C GLY A 7 8.39 -1.46 0.99
N ARG A 8 7.18 -1.37 1.53
CA ARG A 8 6.81 -2.13 2.72
C ARG A 8 5.50 -2.90 2.48
N PRO A 9 5.43 -4.11 3.06
CA PRO A 9 4.25 -4.97 2.93
C PRO A 9 3.05 -4.42 3.69
N ALA A 10 1.86 -4.61 3.13
CA ALA A 10 0.63 -4.14 3.76
C ALA A 10 -0.59 -4.90 3.23
N ARG A 11 -1.45 -5.33 4.14
CA ARG A 11 -2.65 -6.07 3.77
C ARG A 11 -3.88 -5.16 3.80
N ALA A 12 -4.64 -5.19 2.72
CA ALA A 12 -5.85 -4.37 2.63
C ALA A 12 -6.97 -4.94 3.48
N LYS A 13 -7.32 -4.21 4.54
CA LYS A 13 -8.39 -4.64 5.44
C LYS A 13 -9.75 -4.53 4.77
N PHE A 14 -9.92 -3.50 3.93
CA PHE A 14 -11.18 -3.28 3.24
C PHE A 14 -10.94 -3.09 1.74
N ASP A 15 -12.02 -3.03 0.98
CA ASP A 15 -11.94 -2.84 -0.47
C ASP A 15 -11.97 -1.37 -0.82
N PHE A 16 -10.84 -0.83 -1.27
CA PHE A 16 -10.75 0.57 -1.65
C PHE A 16 -11.07 0.76 -3.14
N LYS A 17 -11.76 1.84 -3.45
CA LYS A 17 -12.13 2.14 -4.84
C LYS A 17 -11.46 3.43 -5.31
N ALA A 18 -10.61 3.31 -6.33
CA ALA A 18 -9.91 4.46 -6.89
C ALA A 18 -10.76 5.16 -7.95
N GLN A 19 -11.25 6.35 -7.62
CA GLN A 19 -12.08 7.12 -8.53
C GLN A 19 -11.27 7.58 -9.73
N THR A 20 -10.04 8.01 -9.48
CA THR A 20 -9.16 8.48 -10.55
C THR A 20 -7.76 7.90 -10.39
N LEU A 21 -6.94 8.06 -11.44
CA LEU A 21 -5.57 7.55 -11.42
C LEU A 21 -4.87 7.93 -10.12
N LYS A 22 -4.96 9.20 -9.75
CA LYS A 22 -4.33 9.70 -8.53
C LYS A 22 -4.43 8.65 -7.41
N GLU A 23 -5.58 8.00 -7.33
CA GLU A 23 -5.80 6.98 -6.30
C GLU A 23 -5.66 5.58 -6.88
N LEU A 24 -5.38 4.61 -6.02
CA LEU A 24 -5.22 3.23 -6.45
C LEU A 24 -6.22 2.32 -5.74
N PRO A 25 -6.86 1.43 -6.51
CA PRO A 25 -7.84 0.48 -5.97
C PRO A 25 -7.20 -0.59 -5.11
N LEU A 26 -7.97 -1.11 -4.16
CA LEU A 26 -7.48 -2.14 -3.25
C LEU A 26 -8.58 -3.13 -2.90
N GLN A 27 -8.30 -4.42 -3.06
CA GLN A 27 -9.26 -5.47 -2.76
C GLN A 27 -9.03 -6.05 -1.38
N LYS A 28 -10.11 -6.38 -0.68
CA LYS A 28 -10.01 -6.95 0.66
C LYS A 28 -9.10 -8.17 0.67
N GLY A 29 -7.95 -8.02 1.32
CA GLY A 29 -7.00 -9.12 1.40
C GLY A 29 -5.96 -9.07 0.30
N ASP A 30 -5.53 -7.86 -0.06
CA ASP A 30 -4.55 -7.68 -1.11
C ASP A 30 -3.22 -7.17 -0.53
N ILE A 31 -2.13 -7.85 -0.86
CA ILE A 31 -0.81 -7.46 -0.38
C ILE A 31 -0.16 -6.44 -1.31
N VAL A 32 -0.01 -5.21 -0.82
CA VAL A 32 0.60 -4.15 -1.62
C VAL A 32 1.92 -3.71 -1.00
N TYR A 33 2.70 -2.94 -1.77
CA TYR A 33 3.99 -2.46 -1.31
C TYR A 33 4.02 -0.94 -1.29
N ILE A 34 4.05 -0.36 -0.09
CA ILE A 34 4.09 1.09 0.05
C ILE A 34 5.49 1.64 -0.18
N TYR A 35 5.65 2.37 -1.27
CA TYR A 35 6.96 2.95 -1.61
C TYR A 35 7.26 4.17 -0.74
N LYS A 36 6.28 5.06 -0.61
CA LYS A 36 6.43 6.27 0.18
C LYS A 36 5.11 6.65 0.84
N GLN A 37 5.18 7.50 1.86
CA GLN A 37 3.99 7.95 2.56
C GLN A 37 3.52 9.31 2.04
N ILE A 38 2.26 9.38 1.64
CA ILE A 38 1.69 10.62 1.12
C ILE A 38 1.32 11.57 2.26
N ASP A 39 0.41 11.14 3.10
CA ASP A 39 -0.03 11.95 4.23
C ASP A 39 -0.08 11.12 5.52
N GLN A 40 -0.49 11.76 6.61
CA GLN A 40 -0.59 11.08 7.90
C GLN A 40 -1.63 9.97 7.86
N ASN A 41 -2.52 10.05 6.88
CA ASN A 41 -3.58 9.05 6.72
C ASN A 41 -3.64 8.53 5.29
N TRP A 42 -2.53 8.67 4.56
CA TRP A 42 -2.46 8.22 3.18
C TRP A 42 -1.13 7.52 2.90
N TYR A 43 -1.08 6.75 1.82
CA TYR A 43 0.13 6.03 1.45
C TYR A 43 0.28 5.96 -0.07
N GLU A 44 1.35 5.33 -0.52
CA GLU A 44 1.61 5.19 -1.95
C GLU A 44 2.29 3.86 -2.26
N GLY A 45 1.70 3.09 -3.16
CA GLY A 45 2.27 1.80 -3.53
C GLY A 45 1.81 1.34 -4.90
N GLU A 46 2.06 0.08 -5.21
CA GLU A 46 1.68 -0.49 -6.50
C GLU A 46 0.72 -1.66 -6.32
N HIS A 47 -0.14 -1.87 -7.32
CA HIS A 47 -1.12 -2.95 -7.26
C HIS A 47 -1.66 -3.26 -8.65
N HIS A 48 -1.61 -4.53 -9.04
CA HIS A 48 -2.09 -4.96 -10.34
C HIS A 48 -1.51 -4.09 -11.45
N GLY A 49 -0.17 -3.99 -11.47
CA GLY A 49 0.49 -3.18 -12.49
C GLY A 49 -0.01 -1.75 -12.51
N ARG A 50 -0.35 -1.23 -11.33
CA ARG A 50 -0.85 0.13 -11.22
C ARG A 50 -0.21 0.85 -10.03
N VAL A 51 -0.23 2.17 -10.06
CA VAL A 51 0.34 2.98 -8.99
C VAL A 51 -0.60 4.10 -8.57
N GLY A 52 -0.62 4.41 -7.28
CA GLY A 52 -1.48 5.47 -6.78
C GLY A 52 -1.41 5.62 -5.28
N ILE A 53 -2.36 6.33 -4.70
CA ILE A 53 -2.40 6.55 -3.27
C ILE A 53 -3.64 5.91 -2.65
N PHE A 54 -3.56 5.60 -1.36
CA PHE A 54 -4.68 4.99 -0.65
C PHE A 54 -4.57 5.22 0.85
N PRO A 55 -5.72 5.28 1.53
CA PRO A 55 -5.78 5.50 2.98
C PRO A 55 -5.27 4.31 3.77
N ARG A 56 -4.42 4.57 4.76
CA ARG A 56 -3.84 3.53 5.59
C ARG A 56 -4.94 2.77 6.34
N THR A 57 -5.90 3.52 6.87
CA THR A 57 -7.01 2.92 7.62
C THR A 57 -7.61 1.76 6.86
N TYR A 58 -7.45 1.76 5.54
CA TYR A 58 -7.99 0.70 4.70
C TYR A 58 -7.07 -0.53 4.71
N ILE A 59 -5.77 -0.29 4.88
CA ILE A 59 -4.80 -1.37 4.92
C ILE A 59 -4.22 -1.55 6.32
N GLU A 60 -3.27 -2.46 6.45
CA GLU A 60 -2.63 -2.72 7.72
C GLU A 60 -1.17 -3.11 7.54
N LEU A 61 -0.27 -2.26 8.04
CA LEU A 61 1.16 -2.52 7.92
C LEU A 61 1.53 -3.82 8.62
N LEU A 62 2.11 -4.75 7.86
CA LEU A 62 2.52 -6.04 8.40
C LEU A 62 3.84 -5.92 9.16
N SER A 63 3.75 -5.81 10.48
CA SER A 63 4.93 -5.68 11.32
C SER A 63 5.85 -6.89 11.14
N GLY A 64 6.79 -6.77 10.22
CA GLY A 64 7.72 -7.86 9.97
C GLY A 64 7.85 -8.18 8.49
N PRO A 65 8.71 -7.41 7.79
CA PRO A 65 8.95 -7.60 6.36
C PRO A 65 9.70 -8.89 6.06
N SER A 66 9.98 -9.67 7.10
CA SER A 66 10.69 -10.93 6.95
C SER A 66 9.80 -11.99 6.32
N SER A 67 8.63 -12.20 6.93
CA SER A 67 7.69 -13.19 6.44
C SER A 67 6.58 -12.53 5.62
N GLY A 68 5.89 -13.32 4.81
CA GLY A 68 4.82 -12.81 3.99
C GLY A 68 4.07 -13.89 3.25
N GLY A 1 14.47 -7.86 3.64
CA GLY A 1 14.73 -7.78 2.22
C GLY A 1 16.19 -7.63 1.89
N SER A 2 16.49 -7.36 0.63
CA SER A 2 17.87 -7.21 0.19
C SER A 2 18.49 -5.93 0.76
N SER A 3 19.02 -6.04 1.97
CA SER A 3 19.63 -4.90 2.65
C SER A 3 18.60 -3.82 2.93
N GLY A 4 17.42 -4.24 3.39
CA GLY A 4 16.36 -3.29 3.69
C GLY A 4 15.78 -2.65 2.45
N SER A 5 14.57 -3.07 2.08
CA SER A 5 13.91 -2.54 0.90
C SER A 5 13.15 -1.27 1.24
N SER A 6 12.82 -0.48 0.21
CA SER A 6 12.10 0.76 0.40
C SER A 6 10.61 0.49 0.62
N GLY A 7 10.00 -0.26 -0.29
CA GLY A 7 8.59 -0.58 -0.18
C GLY A 7 8.29 -1.45 1.02
N ARG A 8 7.15 -1.22 1.65
CA ARG A 8 6.74 -2.00 2.82
C ARG A 8 5.47 -2.78 2.53
N PRO A 9 5.39 -4.01 3.08
CA PRO A 9 4.23 -4.88 2.90
C PRO A 9 2.99 -4.37 3.63
N ALA A 10 1.88 -4.26 2.90
CA ALA A 10 0.64 -3.78 3.48
C ALA A 10 -0.54 -4.62 3.01
N ARG A 11 -1.51 -4.85 3.90
CA ARG A 11 -2.68 -5.64 3.58
C ARG A 11 -3.95 -4.80 3.66
N ALA A 12 -4.79 -4.90 2.64
CA ALA A 12 -6.04 -4.14 2.60
C ALA A 12 -7.10 -4.79 3.47
N LYS A 13 -7.55 -4.05 4.48
CA LYS A 13 -8.58 -4.56 5.40
C LYS A 13 -9.96 -4.49 4.75
N PHE A 14 -10.18 -3.48 3.92
CA PHE A 14 -11.45 -3.31 3.24
C PHE A 14 -11.25 -3.16 1.73
N ASP A 15 -12.35 -3.08 1.00
CA ASP A 15 -12.30 -2.94 -0.45
C ASP A 15 -12.27 -1.46 -0.85
N PHE A 16 -11.08 -0.96 -1.15
CA PHE A 16 -10.92 0.44 -1.54
C PHE A 16 -11.11 0.61 -3.04
N LYS A 17 -11.87 1.63 -3.42
CA LYS A 17 -12.13 1.91 -4.83
C LYS A 17 -11.44 3.19 -5.27
N ALA A 18 -10.56 3.07 -6.26
CA ALA A 18 -9.83 4.23 -6.78
C ALA A 18 -10.65 4.97 -7.84
N GLN A 19 -11.20 6.12 -7.46
CA GLN A 19 -11.99 6.93 -8.37
C GLN A 19 -11.16 7.40 -9.55
N THR A 20 -9.93 7.78 -9.28
CA THR A 20 -9.03 8.27 -10.33
C THR A 20 -7.64 7.65 -10.18
N LEU A 21 -6.81 7.83 -11.21
CA LEU A 21 -5.46 7.30 -11.19
C LEU A 21 -4.74 7.65 -9.90
N LYS A 22 -4.79 8.92 -9.52
CA LYS A 22 -4.15 9.39 -8.29
C LYS A 22 -4.28 8.35 -7.18
N GLU A 23 -5.46 7.75 -7.08
CA GLU A 23 -5.71 6.74 -6.06
C GLU A 23 -5.59 5.33 -6.64
N LEU A 24 -5.18 4.38 -5.80
CA LEU A 24 -5.03 3.00 -6.24
C LEU A 24 -6.06 2.10 -5.57
N PRO A 25 -6.70 1.24 -6.36
CA PRO A 25 -7.71 0.31 -5.86
C PRO A 25 -7.11 -0.79 -4.99
N LEU A 26 -7.86 -1.21 -3.97
CA LEU A 26 -7.40 -2.24 -3.06
C LEU A 26 -8.55 -3.19 -2.69
N GLN A 27 -8.31 -4.48 -2.85
CA GLN A 27 -9.33 -5.48 -2.52
C GLN A 27 -9.08 -6.08 -1.14
N LYS A 28 -10.16 -6.39 -0.44
CA LYS A 28 -10.06 -6.97 0.90
C LYS A 28 -9.12 -8.17 0.91
N GLY A 29 -7.94 -7.97 1.49
CA GLY A 29 -6.95 -9.04 1.55
C GLY A 29 -5.95 -8.97 0.43
N ASP A 30 -5.61 -7.75 0.01
CA ASP A 30 -4.64 -7.55 -1.07
C ASP A 30 -3.31 -7.05 -0.52
N ILE A 31 -2.22 -7.60 -1.06
CA ILE A 31 -0.88 -7.20 -0.62
C ILE A 31 -0.30 -6.13 -1.54
N VAL A 32 0.21 -5.06 -0.94
CA VAL A 32 0.80 -3.97 -1.71
C VAL A 32 2.10 -3.49 -1.07
N TYR A 33 2.88 -2.73 -1.83
CA TYR A 33 4.16 -2.22 -1.34
C TYR A 33 4.14 -0.69 -1.30
N ILE A 34 4.23 -0.14 -0.09
CA ILE A 34 4.23 1.31 0.08
C ILE A 34 5.63 1.88 -0.10
N TYR A 35 5.83 2.60 -1.21
CA TYR A 35 7.13 3.20 -1.51
C TYR A 35 7.32 4.48 -0.71
N LYS A 36 6.30 5.32 -0.69
CA LYS A 36 6.35 6.59 0.04
C LYS A 36 5.07 6.82 0.82
N GLN A 37 5.05 7.89 1.61
CA GLN A 37 3.88 8.22 2.41
C GLN A 37 3.33 9.59 2.03
N ILE A 38 2.13 9.60 1.46
CA ILE A 38 1.49 10.85 1.05
C ILE A 38 1.13 11.70 2.26
N ASP A 39 0.20 11.21 3.07
CA ASP A 39 -0.23 11.93 4.26
C ASP A 39 -0.21 11.03 5.49
N GLN A 40 -0.60 11.58 6.64
CA GLN A 40 -0.62 10.81 7.88
C GLN A 40 -1.66 9.70 7.81
N ASN A 41 -2.61 9.84 6.88
CA ASN A 41 -3.66 8.83 6.72
C ASN A 41 -3.69 8.33 5.28
N TRP A 42 -2.60 8.52 4.56
CA TRP A 42 -2.52 8.08 3.17
C TRP A 42 -1.15 7.46 2.88
N TYR A 43 -1.06 6.73 1.77
CA TYR A 43 0.18 6.08 1.39
C TYR A 43 0.31 6.02 -0.14
N GLU A 44 1.40 5.41 -0.60
CA GLU A 44 1.64 5.28 -2.04
C GLU A 44 2.39 4.00 -2.34
N GLY A 45 1.84 3.21 -3.26
CA GLY A 45 2.48 1.95 -3.64
C GLY A 45 2.00 1.45 -4.99
N GLU A 46 2.12 0.14 -5.20
CA GLU A 46 1.71 -0.47 -6.46
C GLU A 46 0.73 -1.62 -6.21
N HIS A 47 -0.12 -1.89 -7.20
CA HIS A 47 -1.11 -2.95 -7.09
C HIS A 47 -1.69 -3.30 -8.45
N HIS A 48 -1.59 -4.57 -8.83
CA HIS A 48 -2.11 -5.03 -10.11
C HIS A 48 -1.43 -4.29 -11.27
N GLY A 49 -0.12 -4.12 -11.16
CA GLY A 49 0.63 -3.43 -12.20
C GLY A 49 0.23 -1.98 -12.34
N ARG A 50 -0.15 -1.36 -11.22
CA ARG A 50 -0.56 0.04 -11.22
C ARG A 50 0.09 0.80 -10.07
N VAL A 51 -0.09 2.12 -10.06
CA VAL A 51 0.48 2.96 -9.01
C VAL A 51 -0.49 4.06 -8.60
N GLY A 52 -0.52 4.36 -7.30
CA GLY A 52 -1.41 5.38 -6.80
C GLY A 52 -1.35 5.52 -5.29
N ILE A 53 -2.26 6.32 -4.73
CA ILE A 53 -2.30 6.53 -3.29
C ILE A 53 -3.58 5.95 -2.69
N PHE A 54 -3.52 5.62 -1.41
CA PHE A 54 -4.66 5.05 -0.71
C PHE A 54 -4.60 5.34 0.78
N PRO A 55 -5.76 5.35 1.45
CA PRO A 55 -5.86 5.61 2.88
C PRO A 55 -5.29 4.48 3.72
N ARG A 56 -4.52 4.84 4.74
CA ARG A 56 -3.90 3.85 5.62
C ARG A 56 -4.96 3.12 6.44
N THR A 57 -5.95 3.86 6.92
CA THR A 57 -7.02 3.27 7.72
C THR A 57 -7.67 2.10 6.99
N TYR A 58 -7.45 2.04 5.68
CA TYR A 58 -8.02 0.97 4.86
C TYR A 58 -7.10 -0.26 4.84
N ILE A 59 -5.79 0.00 4.90
CA ILE A 59 -4.81 -1.07 4.89
C ILE A 59 -4.10 -1.19 6.23
N GLU A 60 -3.19 -2.15 6.34
CA GLU A 60 -2.45 -2.37 7.57
C GLU A 60 -1.03 -2.87 7.28
N LEU A 61 -0.04 -2.22 7.88
CA LEU A 61 1.34 -2.59 7.68
C LEU A 61 1.63 -3.98 8.23
N LEU A 62 1.91 -4.92 7.33
CA LEU A 62 2.19 -6.30 7.72
C LEU A 62 3.45 -6.37 8.57
N SER A 63 3.39 -7.16 9.64
CA SER A 63 4.53 -7.32 10.54
C SER A 63 5.44 -8.46 10.08
N GLY A 64 6.68 -8.45 10.56
CA GLY A 64 7.62 -9.49 10.18
C GLY A 64 8.72 -9.68 11.21
N PRO A 65 9.31 -10.87 11.23
CA PRO A 65 10.38 -11.21 12.17
C PRO A 65 11.68 -10.46 11.88
N SER A 66 12.13 -9.66 12.83
CA SER A 66 13.35 -8.88 12.67
C SER A 66 13.50 -8.39 11.24
N SER A 67 12.39 -7.93 10.67
CA SER A 67 12.38 -7.43 9.29
C SER A 67 12.49 -5.91 9.28
N GLY A 68 13.73 -5.41 9.31
CA GLY A 68 13.95 -3.98 9.30
C GLY A 68 14.88 -3.53 10.41
N GLY A 1 24.09 -4.07 -1.94
CA GLY A 1 23.03 -3.07 -2.07
C GLY A 1 22.41 -3.07 -3.46
N SER A 2 21.17 -2.60 -3.54
CA SER A 2 20.45 -2.55 -4.80
C SER A 2 19.86 -1.17 -5.04
N SER A 3 20.44 -0.41 -5.95
CA SER A 3 19.97 0.92 -6.28
C SER A 3 18.75 0.87 -7.18
N GLY A 4 17.57 1.03 -6.59
CA GLY A 4 16.35 0.99 -7.37
C GLY A 4 15.16 1.57 -6.60
N SER A 5 14.27 0.69 -6.14
CA SER A 5 13.10 1.12 -5.40
C SER A 5 12.71 0.07 -4.36
N SER A 6 12.39 0.53 -3.15
CA SER A 6 12.00 -0.36 -2.07
C SER A 6 10.65 0.04 -1.50
N GLY A 7 9.89 -0.95 -1.03
CA GLY A 7 8.58 -0.69 -0.47
C GLY A 7 8.30 -1.52 0.76
N ARG A 8 7.12 -1.34 1.34
CA ARG A 8 6.74 -2.08 2.54
C ARG A 8 5.43 -2.85 2.30
N PRO A 9 5.34 -4.05 2.91
CA PRO A 9 4.16 -4.91 2.77
C PRO A 9 2.95 -4.34 3.50
N ALA A 10 1.82 -4.24 2.80
CA ALA A 10 0.60 -3.71 3.38
C ALA A 10 -0.62 -4.49 2.90
N ARG A 11 -1.49 -4.88 3.83
CA ARG A 11 -2.69 -5.62 3.49
C ARG A 11 -3.92 -4.72 3.53
N ALA A 12 -4.85 -4.97 2.61
CA ALA A 12 -6.08 -4.18 2.53
C ALA A 12 -7.15 -4.74 3.46
N LYS A 13 -7.40 -4.05 4.56
CA LYS A 13 -8.41 -4.47 5.53
C LYS A 13 -9.80 -4.43 4.92
N PHE A 14 -10.02 -3.43 4.06
CA PHE A 14 -11.32 -3.27 3.42
C PHE A 14 -11.15 -3.03 1.92
N ASP A 15 -12.27 -3.02 1.19
CA ASP A 15 -12.25 -2.81 -0.25
C ASP A 15 -12.22 -1.31 -0.56
N PHE A 16 -11.30 -0.91 -1.44
CA PHE A 16 -11.16 0.48 -1.83
C PHE A 16 -11.45 0.66 -3.31
N LYS A 17 -12.10 1.77 -3.67
CA LYS A 17 -12.43 2.06 -5.05
C LYS A 17 -11.71 3.31 -5.53
N ALA A 18 -10.89 3.16 -6.56
CA ALA A 18 -10.15 4.28 -7.11
C ALA A 18 -10.92 4.95 -8.23
N GLN A 19 -11.36 6.18 -7.99
CA GLN A 19 -12.12 6.93 -8.98
C GLN A 19 -11.25 7.31 -10.17
N THR A 20 -10.00 7.69 -9.88
CA THR A 20 -9.06 8.08 -10.92
C THR A 20 -7.66 7.57 -10.62
N LEU A 21 -6.74 7.78 -11.56
CA LEU A 21 -5.36 7.34 -11.39
C LEU A 21 -4.82 7.75 -10.02
N LYS A 22 -5.00 9.01 -9.67
CA LYS A 22 -4.54 9.53 -8.39
C LYS A 22 -4.67 8.48 -7.29
N GLU A 23 -5.84 7.86 -7.21
CA GLU A 23 -6.10 6.83 -6.21
C GLU A 23 -5.92 5.44 -6.81
N LEU A 24 -5.64 4.47 -5.95
CA LEU A 24 -5.44 3.09 -6.39
C LEU A 24 -6.46 2.16 -5.75
N PRO A 25 -7.08 1.30 -6.57
CA PRO A 25 -8.09 0.34 -6.09
C PRO A 25 -7.48 -0.76 -5.23
N LEU A 26 -8.14 -1.06 -4.12
CA LEU A 26 -7.67 -2.10 -3.21
C LEU A 26 -8.77 -3.11 -2.91
N GLN A 27 -8.37 -4.32 -2.52
CA GLN A 27 -9.32 -5.37 -2.21
C GLN A 27 -8.99 -6.03 -0.87
N LYS A 28 -10.01 -6.43 -0.13
CA LYS A 28 -9.83 -7.07 1.16
C LYS A 28 -8.89 -8.27 1.04
N GLY A 29 -7.72 -8.16 1.68
CA GLY A 29 -6.75 -9.24 1.62
C GLY A 29 -5.80 -9.11 0.47
N ASP A 30 -5.55 -7.87 0.04
CA ASP A 30 -4.64 -7.62 -1.07
C ASP A 30 -3.30 -7.10 -0.58
N ILE A 31 -2.23 -7.79 -0.96
CA ILE A 31 -0.88 -7.40 -0.55
C ILE A 31 -0.31 -6.33 -1.48
N VAL A 32 0.05 -5.18 -0.90
CA VAL A 32 0.61 -4.08 -1.68
C VAL A 32 1.96 -3.65 -1.12
N TYR A 33 2.73 -2.93 -1.93
CA TYR A 33 4.04 -2.46 -1.52
C TYR A 33 4.07 -0.93 -1.47
N ILE A 34 4.20 -0.39 -0.26
CA ILE A 34 4.25 1.06 -0.08
C ILE A 34 5.68 1.58 -0.23
N TYR A 35 5.87 2.49 -1.18
CA TYR A 35 7.19 3.07 -1.42
C TYR A 35 7.41 4.29 -0.54
N LYS A 36 6.39 5.14 -0.44
CA LYS A 36 6.48 6.34 0.37
C LYS A 36 5.13 6.68 1.00
N GLN A 37 5.16 7.52 2.03
CA GLN A 37 3.92 7.92 2.71
C GLN A 37 3.43 9.27 2.21
N ILE A 38 2.26 9.27 1.58
CA ILE A 38 1.68 10.50 1.06
C ILE A 38 1.33 11.47 2.18
N ASP A 39 0.40 11.08 3.03
CA ASP A 39 -0.02 11.91 4.15
C ASP A 39 0.01 11.13 5.46
N GLN A 40 -0.39 11.78 6.55
CA GLN A 40 -0.40 11.14 7.85
C GLN A 40 -1.44 10.02 7.91
N ASN A 41 -2.35 10.03 6.94
CA ASN A 41 -3.40 9.01 6.88
C ASN A 41 -3.52 8.44 5.46
N TRP A 42 -2.44 8.54 4.70
CA TRP A 42 -2.43 8.03 3.33
C TRP A 42 -1.10 7.36 3.02
N TYR A 43 -1.04 6.66 1.89
CA TYR A 43 0.17 5.97 1.47
C TYR A 43 0.28 5.93 -0.05
N GLU A 44 1.39 5.41 -0.55
CA GLU A 44 1.62 5.31 -1.98
C GLU A 44 2.37 4.03 -2.32
N GLY A 45 1.77 3.20 -3.18
CA GLY A 45 2.40 1.95 -3.58
C GLY A 45 1.93 1.47 -4.93
N GLU A 46 2.15 0.20 -5.23
CA GLU A 46 1.75 -0.38 -6.49
C GLU A 46 0.82 -1.58 -6.29
N HIS A 47 0.05 -1.91 -7.33
CA HIS A 47 -0.88 -3.03 -7.25
C HIS A 47 -1.31 -3.47 -8.65
N HIS A 48 -0.87 -4.64 -9.06
CA HIS A 48 -1.21 -5.17 -10.38
C HIS A 48 -0.77 -4.21 -11.48
N GLY A 49 0.44 -3.70 -11.36
CA GLY A 49 0.97 -2.77 -12.35
C GLY A 49 0.28 -1.42 -12.30
N ARG A 50 -0.18 -1.05 -11.12
CA ARG A 50 -0.86 0.23 -10.93
C ARG A 50 -0.34 0.95 -9.68
N VAL A 51 0.13 2.18 -9.87
CA VAL A 51 0.64 2.97 -8.77
C VAL A 51 -0.30 4.12 -8.40
N GLY A 52 -0.55 4.29 -7.12
CA GLY A 52 -1.44 5.34 -6.66
C GLY A 52 -1.34 5.59 -5.17
N ILE A 53 -2.42 6.11 -4.59
CA ILE A 53 -2.45 6.40 -3.16
C ILE A 53 -3.67 5.78 -2.51
N PHE A 54 -3.62 5.62 -1.18
CA PHE A 54 -4.73 5.05 -0.44
C PHE A 54 -4.58 5.32 1.06
N PRO A 55 -5.72 5.44 1.76
CA PRO A 55 -5.74 5.69 3.20
C PRO A 55 -5.24 4.51 4.01
N ARG A 56 -4.42 4.79 5.03
CA ARG A 56 -3.87 3.75 5.87
C ARG A 56 -4.99 2.96 6.57
N THR A 57 -5.94 3.69 7.14
CA THR A 57 -7.06 3.06 7.83
C THR A 57 -7.64 1.91 7.01
N TYR A 58 -7.55 2.03 5.69
CA TYR A 58 -8.07 1.01 4.79
C TYR A 58 -7.16 -0.21 4.78
N ILE A 59 -5.85 0.03 4.86
CA ILE A 59 -4.87 -1.04 4.85
C ILE A 59 -4.24 -1.22 6.23
N GLU A 60 -3.26 -2.12 6.30
CA GLU A 60 -2.57 -2.38 7.57
C GLU A 60 -1.14 -2.81 7.32
N LEU A 61 -0.19 -2.13 7.98
CA LEU A 61 1.22 -2.44 7.83
C LEU A 61 1.54 -3.81 8.42
N LEU A 62 1.99 -4.73 7.58
CA LEU A 62 2.34 -6.08 8.01
C LEU A 62 3.67 -6.08 8.76
N SER A 63 3.78 -6.96 9.75
CA SER A 63 4.99 -7.06 10.55
C SER A 63 5.51 -8.50 10.56
N GLY A 64 6.81 -8.65 10.81
CA GLY A 64 7.40 -9.98 10.85
C GLY A 64 7.83 -10.47 9.48
N PRO A 65 8.27 -11.74 9.41
CA PRO A 65 8.72 -12.34 8.15
C PRO A 65 7.57 -12.59 7.18
N SER A 66 7.85 -12.49 5.90
CA SER A 66 6.84 -12.70 4.87
C SER A 66 7.29 -13.75 3.86
N SER A 67 6.36 -14.62 3.45
CA SER A 67 6.67 -15.68 2.50
C SER A 67 5.98 -15.42 1.17
N GLY A 68 6.73 -15.58 0.08
CA GLY A 68 6.18 -15.37 -1.24
C GLY A 68 6.24 -16.61 -2.12
N GLY A 1 22.98 6.59 -9.51
CA GLY A 1 21.55 6.45 -9.41
C GLY A 1 21.10 5.02 -9.64
N SER A 2 20.14 4.83 -10.53
CA SER A 2 19.60 3.50 -10.83
C SER A 2 19.20 2.79 -9.55
N SER A 3 18.58 3.52 -8.64
CA SER A 3 18.14 2.94 -7.37
C SER A 3 16.69 3.35 -7.06
N GLY A 4 15.96 2.43 -6.44
CA GLY A 4 14.58 2.71 -6.10
C GLY A 4 14.13 1.97 -4.86
N SER A 5 13.01 2.42 -4.27
CA SER A 5 12.49 1.80 -3.07
C SER A 5 11.57 0.63 -3.41
N SER A 6 11.78 -0.50 -2.75
CA SER A 6 10.97 -1.69 -3.00
C SER A 6 9.57 -1.53 -2.44
N GLY A 7 9.48 -0.86 -1.29
CA GLY A 7 8.19 -0.64 -0.66
C GLY A 7 7.99 -1.49 0.57
N ARG A 8 6.95 -1.18 1.35
CA ARG A 8 6.65 -1.92 2.55
C ARG A 8 5.40 -2.78 2.38
N PRO A 9 5.40 -3.97 3.00
CA PRO A 9 4.27 -4.91 2.92
C PRO A 9 3.06 -4.40 3.69
N ALA A 10 1.91 -4.41 3.03
CA ALA A 10 0.66 -3.95 3.66
C ALA A 10 -0.53 -4.75 3.14
N ARG A 11 -1.54 -4.92 3.99
CA ARG A 11 -2.73 -5.66 3.63
C ARG A 11 -3.97 -4.77 3.68
N ALA A 12 -4.75 -4.79 2.61
CA ALA A 12 -5.97 -3.98 2.53
C ALA A 12 -7.08 -4.60 3.38
N LYS A 13 -7.43 -3.92 4.47
CA LYS A 13 -8.48 -4.39 5.35
C LYS A 13 -9.83 -4.42 4.63
N PHE A 14 -10.07 -3.41 3.80
CA PHE A 14 -11.31 -3.31 3.06
C PHE A 14 -11.04 -3.03 1.58
N ASP A 15 -12.06 -3.25 0.74
CA ASP A 15 -11.92 -3.03 -0.69
C ASP A 15 -12.06 -1.54 -1.02
N PHE A 16 -10.94 -0.90 -1.34
CA PHE A 16 -10.93 0.51 -1.67
C PHE A 16 -11.12 0.72 -3.17
N LYS A 17 -11.90 1.73 -3.53
CA LYS A 17 -12.16 2.04 -4.93
C LYS A 17 -11.45 3.32 -5.35
N ALA A 18 -10.69 3.24 -6.44
CA ALA A 18 -9.97 4.40 -6.95
C ALA A 18 -10.75 5.11 -8.03
N GLN A 19 -10.92 6.42 -7.87
CA GLN A 19 -11.65 7.22 -8.84
C GLN A 19 -10.75 7.68 -9.98
N THR A 20 -9.48 7.93 -9.66
CA THR A 20 -8.52 8.36 -10.65
C THR A 20 -7.16 7.71 -10.42
N LEU A 21 -6.22 7.95 -11.34
CA LEU A 21 -4.88 7.39 -11.23
C LEU A 21 -4.28 7.68 -9.86
N LYS A 22 -4.39 8.92 -9.42
CA LYS A 22 -3.85 9.33 -8.12
C LYS A 22 -4.12 8.26 -7.07
N GLU A 23 -5.34 7.73 -7.08
CA GLU A 23 -5.73 6.69 -6.12
C GLU A 23 -5.58 5.30 -6.73
N LEU A 24 -5.45 4.30 -5.87
CA LEU A 24 -5.31 2.91 -6.32
C LEU A 24 -6.35 2.01 -5.67
N PRO A 25 -7.00 1.18 -6.49
CA PRO A 25 -8.03 0.24 -6.03
C PRO A 25 -7.44 -0.88 -5.18
N LEU A 26 -8.08 -1.14 -4.03
CA LEU A 26 -7.63 -2.19 -3.14
C LEU A 26 -8.76 -3.17 -2.83
N GLN A 27 -8.40 -4.41 -2.51
CA GLN A 27 -9.38 -5.44 -2.19
C GLN A 27 -9.11 -6.04 -0.82
N LYS A 28 -10.13 -6.66 -0.23
CA LYS A 28 -10.00 -7.27 1.08
C LYS A 28 -8.99 -8.42 1.05
N GLY A 29 -7.84 -8.21 1.68
CA GLY A 29 -6.82 -9.23 1.72
C GLY A 29 -5.86 -9.12 0.54
N ASP A 30 -5.43 -7.90 0.23
CA ASP A 30 -4.52 -7.67 -0.88
C ASP A 30 -3.16 -7.19 -0.36
N ILE A 31 -2.10 -7.80 -0.89
CA ILE A 31 -0.74 -7.43 -0.48
C ILE A 31 -0.14 -6.39 -1.43
N VAL A 32 0.11 -5.20 -0.91
CA VAL A 32 0.69 -4.13 -1.71
C VAL A 32 2.00 -3.64 -1.12
N TYR A 33 2.76 -2.88 -1.90
CA TYR A 33 4.04 -2.36 -1.47
C TYR A 33 4.04 -0.84 -1.45
N ILE A 34 4.07 -0.26 -0.26
CA ILE A 34 4.08 1.19 -0.11
C ILE A 34 5.47 1.76 -0.36
N TYR A 35 5.60 2.52 -1.45
CA TYR A 35 6.87 3.13 -1.81
C TYR A 35 7.14 4.37 -0.97
N LYS A 36 6.10 5.17 -0.78
CA LYS A 36 6.21 6.40 0.01
C LYS A 36 4.92 6.68 0.77
N GLN A 37 4.94 7.73 1.59
CA GLN A 37 3.77 8.09 2.37
C GLN A 37 3.28 9.49 1.99
N ILE A 38 2.06 9.57 1.50
CA ILE A 38 1.47 10.84 1.10
C ILE A 38 1.13 11.70 2.31
N ASP A 39 0.24 11.18 3.16
CA ASP A 39 -0.17 11.90 4.36
C ASP A 39 -0.10 10.99 5.59
N GLN A 40 -0.40 11.56 6.75
CA GLN A 40 -0.36 10.79 7.99
C GLN A 40 -1.43 9.71 8.00
N ASN A 41 -2.38 9.81 7.07
CA ASN A 41 -3.46 8.85 6.97
C ASN A 41 -3.59 8.31 5.55
N TRP A 42 -2.58 8.58 4.72
CA TRP A 42 -2.57 8.13 3.34
C TRP A 42 -1.26 7.44 2.99
N TYR A 43 -1.26 6.67 1.92
CA TYR A 43 -0.06 5.96 1.48
C TYR A 43 -0.02 5.85 -0.04
N GLU A 44 1.07 5.29 -0.55
CA GLU A 44 1.24 5.13 -1.99
C GLU A 44 2.08 3.89 -2.30
N GLY A 45 1.57 3.04 -3.19
CA GLY A 45 2.29 1.83 -3.56
C GLY A 45 1.95 1.36 -4.96
N GLU A 46 1.92 0.05 -5.15
CA GLU A 46 1.61 -0.53 -6.46
C GLU A 46 0.74 -1.77 -6.30
N HIS A 47 -0.12 -2.01 -7.29
CA HIS A 47 -1.01 -3.16 -7.26
C HIS A 47 -1.56 -3.46 -8.65
N HIS A 48 -1.39 -4.70 -9.10
CA HIS A 48 -1.87 -5.11 -10.42
C HIS A 48 -1.31 -4.20 -11.50
N GLY A 49 -0.03 -3.86 -11.40
CA GLY A 49 0.60 -3.00 -12.37
C GLY A 49 0.03 -1.60 -12.37
N ARG A 50 -0.40 -1.14 -11.19
CA ARG A 50 -0.98 0.19 -11.05
C ARG A 50 -0.41 0.91 -9.82
N VAL A 51 -0.04 2.17 -10.01
CA VAL A 51 0.52 2.96 -8.92
C VAL A 51 -0.41 4.11 -8.54
N GLY A 52 -0.62 4.29 -7.24
CA GLY A 52 -1.49 5.35 -6.78
C GLY A 52 -1.38 5.57 -5.28
N ILE A 53 -2.43 6.14 -4.69
CA ILE A 53 -2.45 6.41 -3.25
C ILE A 53 -3.71 5.84 -2.61
N PHE A 54 -3.63 5.58 -1.31
CA PHE A 54 -4.76 5.04 -0.57
C PHE A 54 -4.63 5.34 0.92
N PRO A 55 -5.78 5.39 1.62
CA PRO A 55 -5.82 5.68 3.05
C PRO A 55 -5.26 4.53 3.88
N ARG A 56 -4.60 4.87 4.98
CA ARG A 56 -4.01 3.86 5.86
C ARG A 56 -5.10 3.08 6.60
N THR A 57 -6.09 3.80 7.12
CA THR A 57 -7.18 3.19 7.85
C THR A 57 -7.78 2.02 7.06
N TYR A 58 -7.53 2.01 5.75
CA TYR A 58 -8.05 0.96 4.89
C TYR A 58 -7.10 -0.24 4.86
N ILE A 59 -5.81 0.04 5.02
CA ILE A 59 -4.80 -1.01 5.02
C ILE A 59 -4.17 -1.18 6.39
N GLU A 60 -3.36 -2.22 6.55
CA GLU A 60 -2.71 -2.49 7.82
C GLU A 60 -1.23 -2.85 7.61
N LEU A 61 -0.35 -2.03 8.16
CA LEU A 61 1.08 -2.26 8.03
C LEU A 61 1.47 -3.62 8.59
N LEU A 62 1.83 -4.55 7.69
CA LEU A 62 2.23 -5.89 8.09
C LEU A 62 3.66 -5.90 8.60
N SER A 63 3.96 -6.88 9.46
CA SER A 63 5.31 -7.00 10.02
C SER A 63 6.31 -7.46 8.95
N GLY A 64 7.59 -7.28 9.24
CA GLY A 64 8.62 -7.67 8.30
C GLY A 64 9.97 -7.88 8.97
N PRO A 65 10.14 -9.05 9.60
CA PRO A 65 11.38 -9.40 10.30
C PRO A 65 12.54 -9.63 9.32
N SER A 66 13.45 -8.68 9.25
CA SER A 66 14.60 -8.79 8.36
C SER A 66 15.81 -9.34 9.11
N SER A 67 16.61 -10.16 8.42
CA SER A 67 17.80 -10.76 9.02
C SER A 67 18.93 -9.74 9.10
N GLY A 68 19.85 -9.98 10.03
CA GLY A 68 20.97 -9.07 10.21
C GLY A 68 22.27 -9.80 10.47
N GLY A 1 22.27 -3.00 -4.26
CA GLY A 1 22.73 -2.33 -5.46
C GLY A 1 21.61 -2.08 -6.44
N SER A 2 21.32 -3.08 -7.27
CA SER A 2 20.27 -2.95 -8.28
C SER A 2 18.89 -3.17 -7.65
N SER A 3 18.73 -4.31 -6.97
CA SER A 3 17.46 -4.64 -6.34
C SER A 3 17.16 -3.66 -5.20
N GLY A 4 15.87 -3.41 -4.97
CA GLY A 4 15.47 -2.50 -3.92
C GLY A 4 14.09 -2.81 -3.37
N SER A 5 14.04 -3.33 -2.14
CA SER A 5 12.77 -3.67 -1.52
C SER A 5 12.38 -2.63 -0.47
N SER A 6 12.47 -1.36 -0.85
CA SER A 6 12.13 -0.27 0.07
C SER A 6 10.66 -0.35 0.47
N GLY A 7 9.80 -0.78 -0.46
CA GLY A 7 8.39 -0.89 -0.18
C GLY A 7 8.10 -1.72 1.05
N ARG A 8 6.93 -1.53 1.64
CA ARG A 8 6.53 -2.27 2.83
C ARG A 8 5.24 -3.05 2.59
N PRO A 9 5.16 -4.25 3.16
CA PRO A 9 3.99 -5.11 3.02
C PRO A 9 2.76 -4.57 3.76
N ALA A 10 1.64 -4.52 3.06
CA ALA A 10 0.40 -4.02 3.64
C ALA A 10 -0.81 -4.80 3.15
N ARG A 11 -1.65 -5.23 4.08
CA ARG A 11 -2.85 -5.99 3.73
C ARG A 11 -4.09 -5.10 3.75
N ALA A 12 -4.88 -5.18 2.67
CA ALA A 12 -6.10 -4.38 2.57
C ALA A 12 -7.17 -4.88 3.52
N LYS A 13 -7.49 -4.07 4.52
CA LYS A 13 -8.49 -4.42 5.51
C LYS A 13 -9.89 -4.36 4.92
N PHE A 14 -10.11 -3.36 4.06
CA PHE A 14 -11.41 -3.18 3.41
C PHE A 14 -11.25 -2.97 1.92
N ASP A 15 -12.35 -3.10 1.18
CA ASP A 15 -12.33 -2.92 -0.27
C ASP A 15 -12.35 -1.44 -0.63
N PHE A 16 -11.20 -0.92 -1.06
CA PHE A 16 -11.09 0.48 -1.43
C PHE A 16 -11.40 0.68 -2.92
N LYS A 17 -12.00 1.81 -3.25
CA LYS A 17 -12.35 2.12 -4.63
C LYS A 17 -11.64 3.38 -5.10
N ALA A 18 -10.91 3.26 -6.20
CA ALA A 18 -10.19 4.40 -6.76
C ALA A 18 -11.00 5.08 -7.85
N GLN A 19 -11.40 6.33 -7.60
CA GLN A 19 -12.18 7.10 -8.56
C GLN A 19 -11.33 7.48 -9.76
N THR A 20 -10.11 7.93 -9.51
CA THR A 20 -9.20 8.34 -10.57
C THR A 20 -7.86 7.63 -10.45
N LEU A 21 -6.96 7.91 -11.39
CA LEU A 21 -5.64 7.29 -11.39
C LEU A 21 -4.90 7.59 -10.08
N LYS A 22 -4.91 8.86 -9.68
CA LYS A 22 -4.25 9.27 -8.45
C LYS A 22 -4.43 8.23 -7.35
N GLU A 23 -5.65 7.70 -7.25
CA GLU A 23 -5.96 6.70 -6.24
C GLU A 23 -5.87 5.28 -6.82
N LEU A 24 -5.58 4.32 -5.97
CA LEU A 24 -5.46 2.93 -6.40
C LEU A 24 -6.45 2.04 -5.65
N PRO A 25 -7.16 1.18 -6.41
CA PRO A 25 -8.15 0.26 -5.84
C PRO A 25 -7.51 -0.85 -5.00
N LEU A 26 -8.16 -1.21 -3.92
CA LEU A 26 -7.66 -2.27 -3.04
C LEU A 26 -8.76 -3.25 -2.66
N GLN A 27 -8.53 -4.53 -2.94
CA GLN A 27 -9.51 -5.56 -2.63
C GLN A 27 -9.27 -6.14 -1.24
N LYS A 28 -10.35 -6.48 -0.55
CA LYS A 28 -10.26 -7.04 0.79
C LYS A 28 -9.28 -8.20 0.83
N GLY A 29 -8.10 -7.96 1.38
CA GLY A 29 -7.08 -9.00 1.48
C GLY A 29 -6.09 -8.94 0.33
N ASP A 30 -5.63 -7.74 0.01
CA ASP A 30 -4.68 -7.56 -1.08
C ASP A 30 -3.31 -7.14 -0.54
N ILE A 31 -2.26 -7.77 -1.05
CA ILE A 31 -0.90 -7.46 -0.63
C ILE A 31 -0.27 -6.42 -1.53
N VAL A 32 0.02 -5.25 -0.95
CA VAL A 32 0.64 -4.17 -1.70
C VAL A 32 1.94 -3.71 -1.04
N TYR A 33 2.76 -2.99 -1.80
CA TYR A 33 4.04 -2.50 -1.30
C TYR A 33 4.06 -0.98 -1.27
N ILE A 34 4.06 -0.41 -0.07
CA ILE A 34 4.08 1.04 0.09
C ILE A 34 5.50 1.59 -0.03
N TYR A 35 5.74 2.35 -1.09
CA TYR A 35 7.07 2.93 -1.33
C TYR A 35 7.26 4.18 -0.47
N LYS A 36 6.25 5.04 -0.44
CA LYS A 36 6.32 6.27 0.34
C LYS A 36 4.97 6.58 0.98
N GLN A 37 4.96 7.56 1.89
CA GLN A 37 3.74 7.95 2.58
C GLN A 37 3.29 9.34 2.14
N ILE A 38 2.15 9.41 1.49
CA ILE A 38 1.61 10.69 1.03
C ILE A 38 1.30 11.61 2.20
N ASP A 39 0.34 11.22 3.02
CA ASP A 39 -0.04 12.01 4.19
C ASP A 39 -0.09 11.15 5.45
N GLN A 40 -0.32 11.78 6.59
CA GLN A 40 -0.38 11.08 7.86
C GLN A 40 -1.51 10.05 7.85
N ASN A 41 -2.39 10.15 6.87
CA ASN A 41 -3.52 9.23 6.76
C ASN A 41 -3.60 8.64 5.35
N TRP A 42 -2.54 8.82 4.58
CA TRP A 42 -2.49 8.31 3.21
C TRP A 42 -1.15 7.63 2.94
N TYR A 43 -1.10 6.85 1.86
CA TYR A 43 0.12 6.13 1.49
C TYR A 43 0.27 6.09 -0.03
N GLU A 44 1.34 5.43 -0.48
CA GLU A 44 1.61 5.32 -1.91
C GLU A 44 2.37 4.03 -2.21
N GLY A 45 1.81 3.20 -3.09
CA GLY A 45 2.45 1.95 -3.45
C GLY A 45 2.09 1.49 -4.85
N GLU A 46 2.23 0.20 -5.10
CA GLU A 46 1.92 -0.37 -6.41
C GLU A 46 0.97 -1.55 -6.28
N HIS A 47 0.24 -1.84 -7.36
CA HIS A 47 -0.71 -2.95 -7.36
C HIS A 47 -1.10 -3.31 -8.79
N HIS A 48 -0.87 -4.57 -9.16
CA HIS A 48 -1.20 -5.05 -10.50
C HIS A 48 -0.62 -4.12 -11.56
N GLY A 49 0.62 -3.69 -11.36
CA GLY A 49 1.27 -2.80 -12.31
C GLY A 49 0.68 -1.41 -12.29
N ARG A 50 0.05 -1.05 -11.18
CA ARG A 50 -0.57 0.26 -11.05
C ARG A 50 -0.12 0.95 -9.76
N VAL A 51 0.52 2.10 -9.89
CA VAL A 51 1.00 2.85 -8.73
C VAL A 51 0.07 4.01 -8.40
N GLY A 52 -0.37 4.06 -7.14
CA GLY A 52 -1.27 5.13 -6.72
C GLY A 52 -1.26 5.32 -5.22
N ILE A 53 -2.05 6.27 -4.74
CA ILE A 53 -2.14 6.55 -3.31
C ILE A 53 -3.40 5.96 -2.71
N PHE A 54 -3.39 5.77 -1.40
CA PHE A 54 -4.54 5.20 -0.70
C PHE A 54 -4.43 5.43 0.81
N PRO A 55 -5.57 5.43 1.50
CA PRO A 55 -5.63 5.64 2.95
C PRO A 55 -5.06 4.46 3.72
N ARG A 56 -4.34 4.75 4.79
CA ARG A 56 -3.74 3.70 5.63
C ARG A 56 -4.81 2.95 6.40
N THR A 57 -5.79 3.69 6.92
CA THR A 57 -6.88 3.09 7.68
C THR A 57 -7.51 1.92 6.93
N TYR A 58 -7.39 1.94 5.61
CA TYR A 58 -7.95 0.89 4.77
C TYR A 58 -7.04 -0.34 4.76
N ILE A 59 -5.74 -0.10 4.89
CA ILE A 59 -4.76 -1.18 4.89
C ILE A 59 -4.16 -1.37 6.28
N GLU A 60 -3.31 -2.38 6.41
CA GLU A 60 -2.66 -2.68 7.69
C GLU A 60 -1.24 -3.21 7.47
N LEU A 61 -0.25 -2.40 7.84
CA LEU A 61 1.15 -2.79 7.69
C LEU A 61 1.42 -4.13 8.36
N LEU A 62 1.82 -5.11 7.57
CA LEU A 62 2.12 -6.44 8.10
C LEU A 62 3.46 -6.46 8.83
N SER A 63 4.48 -5.89 8.20
CA SER A 63 5.82 -5.84 8.78
C SER A 63 5.91 -4.71 9.81
N GLY A 64 7.04 -4.65 10.52
CA GLY A 64 7.23 -3.62 11.52
C GLY A 64 7.93 -4.14 12.76
N PRO A 65 8.44 -3.22 13.58
CA PRO A 65 9.14 -3.57 14.83
C PRO A 65 8.20 -4.14 15.88
N SER A 66 8.48 -5.36 16.32
CA SER A 66 7.66 -6.02 17.32
C SER A 66 8.36 -6.03 18.67
N SER A 67 7.58 -5.97 19.75
CA SER A 67 8.13 -5.97 21.10
C SER A 67 8.94 -7.24 21.35
N GLY A 68 8.38 -8.38 20.97
CA GLY A 68 9.08 -9.65 21.16
C GLY A 68 9.72 -9.75 22.53
N GLY A 1 24.28 -4.77 -7.51
CA GLY A 1 24.55 -3.45 -6.96
C GLY A 1 23.38 -2.87 -6.21
N SER A 2 23.11 -1.59 -6.45
CA SER A 2 22.00 -0.90 -5.80
C SER A 2 20.79 -0.81 -6.72
N SER A 3 19.66 -0.38 -6.17
CA SER A 3 18.43 -0.25 -6.94
C SER A 3 17.78 1.11 -6.70
N GLY A 4 17.72 1.52 -5.44
CA GLY A 4 17.12 2.80 -5.10
C GLY A 4 16.33 2.75 -3.80
N SER A 5 15.03 2.51 -3.92
CA SER A 5 14.15 2.45 -2.75
C SER A 5 13.39 1.13 -2.73
N SER A 6 12.67 0.89 -1.63
CA SER A 6 11.89 -0.33 -1.48
C SER A 6 10.59 -0.05 -0.73
N GLY A 7 9.50 -0.66 -1.21
CA GLY A 7 8.21 -0.47 -0.57
C GLY A 7 8.04 -1.33 0.66
N ARG A 8 6.96 -1.10 1.40
CA ARG A 8 6.68 -1.85 2.61
C ARG A 8 5.46 -2.75 2.43
N PRO A 9 5.51 -3.95 3.02
CA PRO A 9 4.42 -4.93 2.94
C PRO A 9 3.19 -4.49 3.72
N ALA A 10 2.05 -4.39 3.03
CA ALA A 10 0.80 -3.97 3.66
C ALA A 10 -0.38 -4.74 3.07
N ARG A 11 -1.38 -4.99 3.91
CA ARG A 11 -2.57 -5.71 3.47
C ARG A 11 -3.81 -4.82 3.55
N ALA A 12 -4.64 -4.88 2.51
CA ALA A 12 -5.86 -4.08 2.47
C ALA A 12 -6.90 -4.62 3.43
N LYS A 13 -7.19 -3.86 4.49
CA LYS A 13 -8.17 -4.25 5.48
C LYS A 13 -9.59 -4.22 4.90
N PHE A 14 -9.81 -3.30 3.97
CA PHE A 14 -11.11 -3.17 3.32
C PHE A 14 -10.96 -2.98 1.81
N ASP A 15 -12.07 -3.11 1.10
CA ASP A 15 -12.07 -2.96 -0.35
C ASP A 15 -12.14 -1.49 -0.74
N PHE A 16 -11.06 -0.99 -1.33
CA PHE A 16 -10.99 0.41 -1.74
C PHE A 16 -11.21 0.53 -3.25
N LYS A 17 -11.77 1.67 -3.67
CA LYS A 17 -12.03 1.92 -5.08
C LYS A 17 -11.38 3.21 -5.54
N ALA A 18 -10.53 3.13 -6.55
CA ALA A 18 -9.84 4.29 -7.08
C ALA A 18 -10.63 4.92 -8.23
N GLN A 19 -11.11 6.15 -8.01
CA GLN A 19 -11.88 6.86 -9.02
C GLN A 19 -10.98 7.33 -10.16
N THR A 20 -9.74 7.68 -9.82
CA THR A 20 -8.80 8.15 -10.82
C THR A 20 -7.40 7.61 -10.55
N LEU A 21 -6.47 7.87 -11.46
CA LEU A 21 -5.09 7.40 -11.32
C LEU A 21 -4.54 7.77 -9.95
N LYS A 22 -4.74 9.02 -9.54
CA LYS A 22 -4.26 9.49 -8.24
C LYS A 22 -4.44 8.42 -7.17
N GLU A 23 -5.60 7.75 -7.19
CA GLU A 23 -5.89 6.71 -6.22
C GLU A 23 -5.67 5.32 -6.83
N LEU A 24 -5.49 4.34 -5.96
CA LEU A 24 -5.27 2.96 -6.42
C LEU A 24 -6.29 2.01 -5.80
N PRO A 25 -6.88 1.16 -6.63
CA PRO A 25 -7.88 0.18 -6.19
C PRO A 25 -7.28 -0.92 -5.33
N LEU A 26 -7.93 -1.23 -4.22
CA LEU A 26 -7.45 -2.27 -3.32
C LEU A 26 -8.59 -3.20 -2.90
N GLN A 27 -8.27 -4.48 -2.76
CA GLN A 27 -9.27 -5.48 -2.37
C GLN A 27 -8.95 -6.05 -1.00
N LYS A 28 -9.99 -6.32 -0.22
CA LYS A 28 -9.81 -6.89 1.12
C LYS A 28 -9.01 -8.18 1.06
N GLY A 29 -7.87 -8.18 1.75
CA GLY A 29 -7.01 -9.35 1.76
C GLY A 29 -5.81 -9.22 0.85
N ASP A 30 -5.96 -8.42 -0.20
CA ASP A 30 -4.88 -8.20 -1.16
C ASP A 30 -3.67 -7.55 -0.48
N ILE A 31 -2.49 -7.82 -1.02
CA ILE A 31 -1.26 -7.27 -0.47
C ILE A 31 -0.63 -6.27 -1.43
N VAL A 32 -0.13 -5.16 -0.89
CA VAL A 32 0.50 -4.13 -1.70
C VAL A 32 1.82 -3.69 -1.08
N TYR A 33 2.56 -2.86 -1.82
CA TYR A 33 3.85 -2.37 -1.35
C TYR A 33 3.86 -0.84 -1.30
N ILE A 34 3.97 -0.29 -0.09
CA ILE A 34 3.99 1.14 0.09
C ILE A 34 5.40 1.71 -0.11
N TYR A 35 5.57 2.53 -1.14
CA TYR A 35 6.86 3.12 -1.44
C TYR A 35 7.10 4.36 -0.59
N LYS A 36 6.09 5.22 -0.51
CA LYS A 36 6.18 6.45 0.26
C LYS A 36 4.89 6.69 1.05
N GLN A 37 4.88 7.76 1.84
CA GLN A 37 3.71 8.11 2.64
C GLN A 37 3.16 9.48 2.25
N ILE A 38 2.07 9.48 1.50
CA ILE A 38 1.44 10.72 1.06
C ILE A 38 1.19 11.66 2.24
N ASP A 39 0.28 11.25 3.12
CA ASP A 39 -0.06 12.05 4.29
C ASP A 39 0.01 11.21 5.57
N GLN A 40 -0.30 11.83 6.70
CA GLN A 40 -0.26 11.14 7.98
C GLN A 40 -1.32 10.04 8.03
N ASN A 41 -2.25 10.07 7.08
CA ASN A 41 -3.31 9.08 7.01
C ASN A 41 -3.45 8.51 5.60
N TRP A 42 -2.43 8.74 4.78
CA TRP A 42 -2.43 8.26 3.40
C TRP A 42 -1.11 7.58 3.06
N TYR A 43 -1.14 6.72 2.05
CA TYR A 43 0.06 6.00 1.63
C TYR A 43 0.13 5.91 0.11
N GLU A 44 1.20 5.30 -0.40
CA GLU A 44 1.38 5.14 -1.83
C GLU A 44 2.09 3.83 -2.16
N GLY A 45 1.47 3.01 -3.00
CA GLY A 45 2.06 1.75 -3.37
C GLY A 45 1.65 1.30 -4.77
N GLU A 46 2.02 0.08 -5.13
CA GLU A 46 1.68 -0.45 -6.44
C GLU A 46 0.94 -1.77 -6.32
N HIS A 47 0.01 -2.02 -7.25
CA HIS A 47 -0.77 -3.25 -7.24
C HIS A 47 -1.39 -3.50 -8.60
N HIS A 48 -1.15 -4.68 -9.16
CA HIS A 48 -1.68 -5.05 -10.47
C HIS A 48 -1.20 -4.08 -11.54
N GLY A 49 0.08 -3.74 -11.51
CA GLY A 49 0.64 -2.82 -12.48
C GLY A 49 0.03 -1.44 -12.39
N ARG A 50 -0.54 -1.12 -11.23
CA ARG A 50 -1.16 0.18 -11.01
C ARG A 50 -0.55 0.88 -9.81
N VAL A 51 -0.41 2.20 -9.91
CA VAL A 51 0.16 2.99 -8.82
C VAL A 51 -0.77 4.15 -8.44
N GLY A 52 -0.84 4.44 -7.15
CA GLY A 52 -1.67 5.52 -6.67
C GLY A 52 -1.54 5.76 -5.18
N ILE A 53 -2.56 6.34 -4.58
CA ILE A 53 -2.55 6.63 -3.15
C ILE A 53 -3.80 6.08 -2.47
N PHE A 54 -3.67 5.72 -1.20
CA PHE A 54 -4.79 5.18 -0.44
C PHE A 54 -4.61 5.46 1.05
N PRO A 55 -5.74 5.55 1.78
CA PRO A 55 -5.74 5.81 3.22
C PRO A 55 -5.20 4.64 4.02
N ARG A 56 -4.24 4.92 4.90
CA ARG A 56 -3.64 3.89 5.73
C ARG A 56 -4.69 3.18 6.56
N THR A 57 -5.86 3.81 6.72
CA THR A 57 -6.94 3.25 7.49
C THR A 57 -7.58 2.07 6.77
N TYR A 58 -7.41 2.02 5.45
CA TYR A 58 -7.96 0.95 4.64
C TYR A 58 -6.98 -0.23 4.55
N ILE A 59 -5.71 0.06 4.77
CA ILE A 59 -4.68 -0.97 4.72
C ILE A 59 -4.00 -1.14 6.07
N GLU A 60 -3.10 -2.11 6.17
CA GLU A 60 -2.37 -2.38 7.41
C GLU A 60 -0.95 -2.81 7.12
N LEU A 61 -0.01 -2.29 7.90
CA LEU A 61 1.40 -2.62 7.73
C LEU A 61 1.73 -3.97 8.35
N LEU A 62 1.88 -4.99 7.51
CA LEU A 62 2.19 -6.33 7.98
C LEU A 62 3.46 -6.33 8.82
N SER A 63 3.50 -7.21 9.82
CA SER A 63 4.65 -7.31 10.71
C SER A 63 5.86 -7.92 9.97
N GLY A 64 6.96 -7.19 9.95
CA GLY A 64 8.15 -7.66 9.28
C GLY A 64 9.23 -8.10 10.25
N PRO A 65 9.12 -9.34 10.75
CA PRO A 65 10.09 -9.90 11.70
C PRO A 65 11.45 -10.16 11.06
N SER A 66 11.54 -9.91 9.76
CA SER A 66 12.79 -10.13 9.02
C SER A 66 13.98 -9.59 9.81
N SER A 67 13.75 -8.49 10.53
CA SER A 67 14.81 -7.86 11.32
C SER A 67 14.47 -7.91 12.80
N GLY A 68 15.45 -8.28 13.63
CA GLY A 68 15.24 -8.35 15.05
C GLY A 68 14.74 -9.71 15.50
N GLY A 1 23.17 -2.77 -7.06
CA GLY A 1 22.08 -2.01 -7.64
C GLY A 1 20.83 -2.02 -6.78
N SER A 2 19.68 -1.84 -7.41
CA SER A 2 18.41 -1.82 -6.68
C SER A 2 18.52 -0.98 -5.41
N SER A 3 19.06 0.22 -5.55
CA SER A 3 19.22 1.12 -4.41
C SER A 3 17.87 1.52 -3.84
N GLY A 4 16.93 1.86 -4.72
CA GLY A 4 15.61 2.25 -4.29
C GLY A 4 14.61 1.11 -4.33
N SER A 5 13.56 1.26 -5.13
CA SER A 5 12.54 0.23 -5.25
C SER A 5 12.31 -0.47 -3.91
N SER A 6 12.20 0.32 -2.85
CA SER A 6 11.98 -0.22 -1.51
C SER A 6 10.57 0.06 -1.04
N GLY A 7 9.79 -1.01 -0.85
CA GLY A 7 8.42 -0.85 -0.41
C GLY A 7 8.09 -1.76 0.77
N ARG A 8 7.07 -1.39 1.54
CA ARG A 8 6.66 -2.17 2.69
C ARG A 8 5.34 -2.88 2.43
N PRO A 9 5.19 -4.11 2.97
CA PRO A 9 3.98 -4.91 2.80
C PRO A 9 2.80 -4.33 3.57
N ALA A 10 1.61 -4.40 2.96
CA ALA A 10 0.40 -3.90 3.60
C ALA A 10 -0.82 -4.68 3.16
N ARG A 11 -1.61 -5.12 4.12
CA ARG A 11 -2.82 -5.90 3.82
C ARG A 11 -4.06 -5.01 3.86
N ALA A 12 -4.81 -5.01 2.76
CA ALA A 12 -6.02 -4.21 2.67
C ALA A 12 -7.12 -4.75 3.57
N LYS A 13 -7.49 -3.99 4.59
CA LYS A 13 -8.53 -4.41 5.52
C LYS A 13 -9.90 -4.39 4.85
N PHE A 14 -10.09 -3.45 3.92
CA PHE A 14 -11.36 -3.33 3.20
C PHE A 14 -11.12 -3.00 1.73
N ASP A 15 -12.08 -3.35 0.89
CA ASP A 15 -11.98 -3.09 -0.54
C ASP A 15 -12.00 -1.60 -0.83
N PHE A 16 -11.02 -1.14 -1.59
CA PHE A 16 -10.93 0.29 -1.95
C PHE A 16 -11.21 0.49 -3.43
N LYS A 17 -11.93 1.57 -3.74
CA LYS A 17 -12.26 1.89 -5.13
C LYS A 17 -11.60 3.19 -5.56
N ALA A 18 -10.69 3.10 -6.53
CA ALA A 18 -10.00 4.27 -7.03
C ALA A 18 -10.81 4.98 -8.10
N GLN A 19 -11.27 6.19 -7.80
CA GLN A 19 -12.06 6.97 -8.74
C GLN A 19 -11.22 7.43 -9.92
N THR A 20 -9.97 7.78 -9.64
CA THR A 20 -9.06 8.24 -10.68
C THR A 20 -7.67 7.63 -10.50
N LEU A 21 -6.77 7.95 -11.43
CA LEU A 21 -5.40 7.43 -11.37
C LEU A 21 -4.75 7.77 -10.04
N LYS A 22 -4.92 9.01 -9.60
CA LYS A 22 -4.35 9.46 -8.34
C LYS A 22 -4.49 8.38 -7.27
N GLU A 23 -5.67 7.79 -7.19
CA GLU A 23 -5.93 6.74 -6.21
C GLU A 23 -5.71 5.36 -6.81
N LEU A 24 -5.58 4.36 -5.95
CA LEU A 24 -5.36 2.99 -6.39
C LEU A 24 -6.40 2.05 -5.79
N PRO A 25 -7.00 1.20 -6.63
CA PRO A 25 -8.02 0.23 -6.20
C PRO A 25 -7.43 -0.88 -5.34
N LEU A 26 -8.23 -1.39 -4.40
CA LEU A 26 -7.79 -2.45 -3.53
C LEU A 26 -8.95 -3.36 -3.15
N GLN A 27 -8.63 -4.53 -2.60
CA GLN A 27 -9.65 -5.49 -2.19
C GLN A 27 -9.36 -6.04 -0.80
N LYS A 28 -10.40 -6.50 -0.12
CA LYS A 28 -10.25 -7.07 1.22
C LYS A 28 -9.26 -8.23 1.22
N GLY A 29 -8.04 -7.95 1.68
CA GLY A 29 -7.02 -8.98 1.73
C GLY A 29 -6.08 -8.91 0.54
N ASP A 30 -5.64 -7.71 0.21
CA ASP A 30 -4.72 -7.50 -0.91
C ASP A 30 -3.35 -7.07 -0.41
N ILE A 31 -2.30 -7.65 -0.99
CA ILE A 31 -0.94 -7.33 -0.61
C ILE A 31 -0.36 -6.23 -1.51
N VAL A 32 -0.01 -5.10 -0.91
CA VAL A 32 0.56 -3.99 -1.65
C VAL A 32 1.89 -3.54 -1.05
N TYR A 33 2.71 -2.88 -1.87
CA TYR A 33 4.00 -2.40 -1.42
C TYR A 33 4.05 -0.87 -1.39
N ILE A 34 4.14 -0.32 -0.19
CA ILE A 34 4.19 1.13 -0.01
C ILE A 34 5.61 1.65 -0.18
N TYR A 35 5.82 2.49 -1.19
CA TYR A 35 7.14 3.05 -1.45
C TYR A 35 7.37 4.30 -0.61
N LYS A 36 6.33 5.13 -0.51
CA LYS A 36 6.41 6.37 0.27
C LYS A 36 5.12 6.62 1.02
N GLN A 37 5.12 7.66 1.87
CA GLN A 37 3.94 8.00 2.65
C GLN A 37 3.40 9.37 2.25
N ILE A 38 2.26 9.37 1.56
CA ILE A 38 1.64 10.62 1.12
C ILE A 38 1.35 11.53 2.30
N ASP A 39 0.51 11.06 3.22
CA ASP A 39 0.16 11.84 4.40
C ASP A 39 0.10 10.96 5.64
N GLN A 40 -0.15 11.57 6.79
CA GLN A 40 -0.22 10.83 8.05
C GLN A 40 -1.39 9.85 8.04
N ASN A 41 -2.26 9.98 7.04
CA ASN A 41 -3.42 9.11 6.92
C ASN A 41 -3.54 8.56 5.49
N TRP A 42 -2.43 8.61 4.75
CA TRP A 42 -2.41 8.12 3.38
C TRP A 42 -1.09 7.42 3.07
N TYR A 43 -1.04 6.76 1.92
CA TYR A 43 0.17 6.05 1.51
C TYR A 43 0.26 5.98 -0.02
N GLU A 44 1.36 5.41 -0.51
CA GLU A 44 1.57 5.28 -1.95
C GLU A 44 2.29 3.97 -2.28
N GLY A 45 1.68 3.16 -3.13
CA GLY A 45 2.28 1.90 -3.51
C GLY A 45 1.84 1.44 -4.89
N GLU A 46 2.03 0.15 -5.18
CA GLU A 46 1.66 -0.40 -6.47
C GLU A 46 0.71 -1.59 -6.29
N HIS A 47 -0.14 -1.82 -7.29
CA HIS A 47 -1.10 -2.91 -7.25
C HIS A 47 -1.54 -3.30 -8.66
N HIS A 48 -1.08 -4.46 -9.12
CA HIS A 48 -1.43 -4.94 -10.45
C HIS A 48 -0.94 -3.98 -11.52
N GLY A 49 0.35 -3.67 -11.49
CA GLY A 49 0.92 -2.76 -12.47
C GLY A 49 0.29 -1.38 -12.41
N ARG A 50 -0.24 -1.01 -11.25
CA ARG A 50 -0.87 0.28 -11.06
C ARG A 50 -0.34 0.98 -9.82
N VAL A 51 0.18 2.19 -10.00
CA VAL A 51 0.72 2.96 -8.89
C VAL A 51 -0.21 4.12 -8.52
N GLY A 52 -0.45 4.29 -7.22
CA GLY A 52 -1.32 5.36 -6.77
C GLY A 52 -1.29 5.51 -5.25
N ILE A 53 -2.20 6.32 -4.73
CA ILE A 53 -2.28 6.56 -3.29
C ILE A 53 -3.51 5.90 -2.69
N PHE A 54 -3.51 5.74 -1.38
CA PHE A 54 -4.62 5.12 -0.67
C PHE A 54 -4.53 5.37 0.84
N PRO A 55 -5.70 5.40 1.49
CA PRO A 55 -5.77 5.63 2.94
C PRO A 55 -5.23 4.46 3.75
N ARG A 56 -4.52 4.78 4.82
CA ARG A 56 -3.94 3.76 5.68
C ARG A 56 -5.03 3.00 6.45
N THR A 57 -6.00 3.75 6.96
CA THR A 57 -7.10 3.15 7.71
C THR A 57 -7.73 2.00 6.94
N TYR A 58 -7.53 1.98 5.63
CA TYR A 58 -8.08 0.94 4.79
C TYR A 58 -7.17 -0.29 4.76
N ILE A 59 -5.86 -0.04 4.87
CA ILE A 59 -4.87 -1.12 4.85
C ILE A 59 -4.23 -1.29 6.23
N GLU A 60 -3.39 -2.31 6.36
CA GLU A 60 -2.71 -2.58 7.62
C GLU A 60 -1.25 -2.97 7.37
N LEU A 61 -0.34 -2.17 7.92
CA LEU A 61 1.09 -2.43 7.77
C LEU A 61 1.50 -3.70 8.50
N LEU A 62 2.22 -4.57 7.80
CA LEU A 62 2.68 -5.82 8.38
C LEU A 62 4.07 -5.66 9.01
N SER A 63 4.50 -6.69 9.74
CA SER A 63 5.80 -6.65 10.39
C SER A 63 6.69 -7.80 9.89
N GLY A 64 7.88 -7.91 10.47
CA GLY A 64 8.80 -8.96 10.07
C GLY A 64 8.92 -10.05 11.11
N PRO A 65 7.98 -11.01 11.08
CA PRO A 65 7.95 -12.12 12.02
C PRO A 65 9.09 -13.11 11.78
N SER A 66 9.95 -12.79 10.81
CA SER A 66 11.08 -13.64 10.48
C SER A 66 11.90 -13.97 11.73
N SER A 67 12.39 -15.21 11.80
CA SER A 67 13.18 -15.66 12.93
C SER A 67 14.51 -14.90 13.01
N GLY A 68 15.31 -15.04 11.96
CA GLY A 68 16.60 -14.36 11.92
C GLY A 68 17.52 -14.92 10.85
N GLY A 1 18.25 -4.22 -14.02
CA GLY A 1 18.70 -3.56 -12.81
C GLY A 1 17.72 -2.51 -12.32
N SER A 2 17.68 -2.29 -11.01
CA SER A 2 16.78 -1.31 -10.42
C SER A 2 17.45 -0.55 -9.29
N SER A 3 17.32 0.77 -9.31
CA SER A 3 17.94 1.61 -8.29
C SER A 3 16.90 2.02 -7.24
N GLY A 4 16.08 1.07 -6.82
CA GLY A 4 15.06 1.35 -5.83
C GLY A 4 13.78 0.57 -6.07
N SER A 5 12.70 1.29 -6.34
CA SER A 5 11.41 0.66 -6.59
C SER A 5 11.06 -0.33 -5.49
N SER A 6 11.21 0.10 -4.24
CA SER A 6 10.92 -0.75 -3.10
C SER A 6 9.98 -0.05 -2.12
N GLY A 7 9.08 -0.81 -1.52
CA GLY A 7 8.14 -0.25 -0.56
C GLY A 7 7.98 -1.11 0.67
N ARG A 8 6.85 -0.94 1.36
CA ARG A 8 6.58 -1.72 2.57
C ARG A 8 5.34 -2.59 2.39
N PRO A 9 5.38 -3.80 2.97
CA PRO A 9 4.28 -4.76 2.89
C PRO A 9 3.05 -4.29 3.68
N ALA A 10 1.91 -4.19 2.99
CA ALA A 10 0.67 -3.76 3.62
C ALA A 10 -0.50 -4.61 3.15
N ARG A 11 -1.46 -4.84 4.04
CA ARG A 11 -2.64 -5.63 3.71
C ARG A 11 -3.90 -4.77 3.74
N ALA A 12 -4.72 -4.91 2.70
CA ALA A 12 -5.96 -4.14 2.59
C ALA A 12 -7.05 -4.76 3.45
N LYS A 13 -7.45 -4.06 4.51
CA LYS A 13 -8.49 -4.54 5.39
C LYS A 13 -9.85 -4.53 4.70
N PHE A 14 -10.07 -3.53 3.84
CA PHE A 14 -11.32 -3.41 3.12
C PHE A 14 -11.08 -3.13 1.64
N ASP A 15 -12.13 -3.18 0.84
CA ASP A 15 -12.03 -2.93 -0.59
C ASP A 15 -12.13 -1.44 -0.89
N PHE A 16 -11.06 -0.87 -1.41
CA PHE A 16 -11.02 0.56 -1.73
C PHE A 16 -11.42 0.78 -3.19
N LYS A 17 -11.91 1.98 -3.47
CA LYS A 17 -12.34 2.34 -4.83
C LYS A 17 -11.62 3.59 -5.32
N ALA A 18 -10.68 3.41 -6.24
CA ALA A 18 -9.93 4.52 -6.79
C ALA A 18 -10.74 5.28 -7.83
N GLN A 19 -11.01 6.56 -7.55
CA GLN A 19 -11.78 7.39 -8.47
C GLN A 19 -10.99 7.68 -9.75
N THR A 20 -9.70 7.97 -9.57
CA THR A 20 -8.84 8.26 -10.72
C THR A 20 -7.44 7.68 -10.51
N LEU A 21 -6.62 7.75 -11.56
CA LEU A 21 -5.26 7.23 -11.49
C LEU A 21 -4.60 7.61 -10.17
N LYS A 22 -4.72 8.89 -9.80
CA LYS A 22 -4.14 9.38 -8.57
C LYS A 22 -4.25 8.34 -7.45
N GLU A 23 -5.46 7.80 -7.29
CA GLU A 23 -5.70 6.79 -6.27
C GLU A 23 -5.59 5.38 -6.84
N LEU A 24 -5.35 4.41 -5.97
CA LEU A 24 -5.23 3.02 -6.38
C LEU A 24 -6.25 2.15 -5.68
N PRO A 25 -6.96 1.31 -6.46
CA PRO A 25 -7.98 0.41 -5.93
C PRO A 25 -7.38 -0.73 -5.09
N LEU A 26 -8.04 -1.07 -3.99
CA LEU A 26 -7.58 -2.13 -3.11
C LEU A 26 -8.66 -3.18 -2.90
N GLN A 27 -8.26 -4.34 -2.40
CA GLN A 27 -9.20 -5.43 -2.15
C GLN A 27 -8.87 -6.14 -0.85
N LYS A 28 -9.91 -6.53 -0.11
CA LYS A 28 -9.72 -7.23 1.16
C LYS A 28 -8.71 -8.37 1.02
N GLY A 29 -7.61 -8.26 1.75
CA GLY A 29 -6.58 -9.28 1.71
C GLY A 29 -5.63 -9.09 0.54
N ASP A 30 -5.35 -7.83 0.20
CA ASP A 30 -4.45 -7.52 -0.90
C ASP A 30 -3.10 -7.03 -0.38
N ILE A 31 -2.02 -7.64 -0.87
CA ILE A 31 -0.67 -7.27 -0.47
C ILE A 31 -0.07 -6.27 -1.45
N VAL A 32 0.19 -5.05 -0.96
CA VAL A 32 0.78 -4.01 -1.79
C VAL A 32 2.09 -3.52 -1.20
N TYR A 33 2.88 -2.83 -2.02
CA TYR A 33 4.16 -2.30 -1.59
C TYR A 33 4.16 -0.78 -1.59
N ILE A 34 4.14 -0.19 -0.40
CA ILE A 34 4.14 1.26 -0.27
C ILE A 34 5.54 1.84 -0.47
N TYR A 35 5.69 2.66 -1.52
CA TYR A 35 6.97 3.27 -1.83
C TYR A 35 7.19 4.53 -0.98
N LYS A 36 6.16 5.35 -0.88
CA LYS A 36 6.24 6.58 -0.09
C LYS A 36 4.91 6.87 0.60
N GLN A 37 4.99 7.45 1.79
CA GLN A 37 3.80 7.78 2.56
C GLN A 37 3.30 9.19 2.22
N ILE A 38 2.13 9.27 1.61
CA ILE A 38 1.55 10.55 1.23
C ILE A 38 1.27 11.41 2.46
N ASP A 39 0.42 10.90 3.34
CA ASP A 39 0.06 11.62 4.57
C ASP A 39 0.02 10.67 5.76
N GLN A 40 -0.17 11.22 6.95
CA GLN A 40 -0.24 10.43 8.17
C GLN A 40 -1.34 9.37 8.07
N ASN A 41 -2.26 9.58 7.14
CA ASN A 41 -3.36 8.64 6.94
C ASN A 41 -3.48 8.25 5.47
N TRP A 42 -2.38 8.35 4.74
CA TRP A 42 -2.37 8.01 3.33
C TRP A 42 -1.04 7.35 2.93
N TYR A 43 -1.08 6.55 1.87
CA TYR A 43 0.13 5.87 1.40
C TYR A 43 0.18 5.86 -0.12
N GLU A 44 1.23 5.25 -0.66
CA GLU A 44 1.41 5.17 -2.11
C GLU A 44 2.25 3.96 -2.49
N GLY A 45 1.67 3.06 -3.27
CA GLY A 45 2.38 1.87 -3.69
C GLY A 45 2.00 1.43 -5.09
N GLU A 46 2.02 0.12 -5.31
CA GLU A 46 1.68 -0.43 -6.63
C GLU A 46 0.83 -1.69 -6.48
N HIS A 47 -0.16 -1.85 -7.37
CA HIS A 47 -1.04 -3.01 -7.33
C HIS A 47 -1.51 -3.37 -8.74
N HIS A 48 -1.42 -4.64 -9.09
CA HIS A 48 -1.84 -5.12 -10.40
C HIS A 48 -1.37 -4.17 -11.50
N GLY A 49 -0.09 -3.82 -11.44
CA GLY A 49 0.47 -2.91 -12.43
C GLY A 49 -0.17 -1.54 -12.41
N ARG A 50 -0.55 -1.09 -11.21
CA ARG A 50 -1.19 0.21 -11.06
C ARG A 50 -0.63 0.95 -9.85
N VAL A 51 -0.04 2.11 -10.08
CA VAL A 51 0.54 2.92 -9.02
C VAL A 51 -0.39 4.06 -8.62
N GLY A 52 -0.61 4.21 -7.32
CA GLY A 52 -1.48 5.27 -6.84
C GLY A 52 -1.43 5.41 -5.33
N ILE A 53 -2.32 6.24 -4.79
CA ILE A 53 -2.38 6.46 -3.35
C ILE A 53 -3.64 5.84 -2.75
N PHE A 54 -3.62 5.65 -1.43
CA PHE A 54 -4.76 5.06 -0.73
C PHE A 54 -4.67 5.33 0.77
N PRO A 55 -5.84 5.38 1.43
CA PRO A 55 -5.92 5.63 2.87
C PRO A 55 -5.40 4.46 3.69
N ARG A 56 -4.73 4.77 4.79
CA ARG A 56 -4.17 3.74 5.67
C ARG A 56 -5.28 2.97 6.39
N THR A 57 -6.28 3.71 6.89
CA THR A 57 -7.39 3.10 7.59
C THR A 57 -7.95 1.91 6.83
N TYR A 58 -7.74 1.91 5.52
CA TYR A 58 -8.23 0.84 4.67
C TYR A 58 -7.27 -0.35 4.69
N ILE A 59 -5.98 -0.06 4.79
CA ILE A 59 -4.96 -1.10 4.83
C ILE A 59 -4.31 -1.20 6.21
N GLU A 60 -3.30 -2.05 6.33
CA GLU A 60 -2.61 -2.24 7.59
C GLU A 60 -1.14 -2.60 7.36
N LEU A 61 -0.27 -2.13 8.24
CA LEU A 61 1.16 -2.40 8.13
C LEU A 61 1.51 -3.73 8.81
N LEU A 62 1.97 -4.69 8.02
CA LEU A 62 2.34 -6.00 8.54
C LEU A 62 3.60 -5.91 9.39
N SER A 63 3.83 -6.92 10.22
CA SER A 63 5.00 -6.96 11.09
C SER A 63 5.42 -8.39 11.38
N GLY A 64 6.68 -8.56 11.77
CA GLY A 64 7.19 -9.89 12.07
C GLY A 64 6.51 -10.52 13.27
N PRO A 65 7.18 -11.49 13.89
CA PRO A 65 6.66 -12.19 15.07
C PRO A 65 6.62 -11.30 16.30
N SER A 66 6.24 -11.88 17.44
CA SER A 66 6.16 -11.14 18.69
C SER A 66 7.24 -10.07 18.76
N SER A 67 6.89 -8.91 19.29
CA SER A 67 7.83 -7.80 19.41
C SER A 67 7.26 -6.69 20.29
N GLY A 68 8.14 -5.90 20.89
CA GLY A 68 7.70 -4.82 21.75
C GLY A 68 6.63 -5.25 22.72
N GLY A 1 22.07 3.13 -0.18
CA GLY A 1 21.41 1.87 -0.46
C GLY A 1 20.42 1.49 0.63
N SER A 2 19.20 1.16 0.22
CA SER A 2 18.15 0.77 1.16
C SER A 2 18.25 -0.70 1.51
N SER A 3 19.10 -1.03 2.48
CA SER A 3 19.29 -2.42 2.91
C SER A 3 18.00 -2.99 3.47
N GLY A 4 17.24 -3.68 2.62
CA GLY A 4 15.98 -4.27 3.05
C GLY A 4 14.98 -4.37 1.92
N SER A 5 14.18 -3.33 1.73
CA SER A 5 13.18 -3.32 0.68
C SER A 5 12.58 -1.92 0.51
N SER A 6 12.75 -1.36 -0.68
CA SER A 6 12.25 -0.02 -0.97
C SER A 6 10.85 0.17 -0.38
N GLY A 7 9.90 -0.64 -0.84
CA GLY A 7 8.54 -0.55 -0.35
C GLY A 7 8.31 -1.41 0.88
N ARG A 8 7.10 -1.35 1.43
CA ARG A 8 6.75 -2.13 2.61
C ARG A 8 5.47 -2.92 2.38
N PRO A 9 5.42 -4.13 2.95
CA PRO A 9 4.25 -5.01 2.82
C PRO A 9 3.04 -4.49 3.57
N ALA A 10 1.88 -4.48 2.91
CA ALA A 10 0.65 -4.00 3.53
C ALA A 10 -0.55 -4.84 3.07
N ARG A 11 -1.58 -4.87 3.90
CA ARG A 11 -2.79 -5.63 3.57
C ARG A 11 -4.03 -4.74 3.67
N ALA A 12 -4.88 -4.82 2.65
CA ALA A 12 -6.09 -4.03 2.61
C ALA A 12 -7.16 -4.61 3.54
N LYS A 13 -7.37 -3.96 4.68
CA LYS A 13 -8.36 -4.41 5.65
C LYS A 13 -9.75 -4.45 5.03
N PHE A 14 -10.02 -3.52 4.12
CA PHE A 14 -11.32 -3.46 3.45
C PHE A 14 -11.15 -3.22 1.96
N ASP A 15 -12.25 -3.26 1.23
CA ASP A 15 -12.23 -3.05 -0.21
C ASP A 15 -12.22 -1.56 -0.54
N PHE A 16 -11.26 -1.14 -1.36
CA PHE A 16 -11.14 0.26 -1.76
C PHE A 16 -11.35 0.42 -3.25
N LYS A 17 -12.12 1.43 -3.64
CA LYS A 17 -12.40 1.70 -5.05
C LYS A 17 -11.85 3.07 -5.46
N ALA A 18 -10.76 3.05 -6.21
CA ALA A 18 -10.14 4.30 -6.67
C ALA A 18 -11.02 4.99 -7.71
N GLN A 19 -11.46 6.21 -7.39
CA GLN A 19 -12.30 6.97 -8.31
C GLN A 19 -11.48 7.53 -9.46
N THR A 20 -10.25 7.94 -9.18
CA THR A 20 -9.38 8.49 -10.20
C THR A 20 -8.00 7.84 -10.14
N LEU A 21 -7.24 7.99 -11.23
CA LEU A 21 -5.89 7.41 -11.30
C LEU A 21 -5.10 7.74 -10.04
N LYS A 22 -5.10 9.01 -9.64
CA LYS A 22 -4.38 9.44 -8.46
C LYS A 22 -4.47 8.39 -7.35
N GLU A 23 -5.67 7.82 -7.18
CA GLU A 23 -5.88 6.80 -6.16
C GLU A 23 -5.78 5.40 -6.75
N LEU A 24 -5.31 4.45 -5.95
CA LEU A 24 -5.17 3.08 -6.39
C LEU A 24 -6.21 2.18 -5.74
N PRO A 25 -6.88 1.35 -6.56
CA PRO A 25 -7.92 0.43 -6.08
C PRO A 25 -7.34 -0.71 -5.25
N LEU A 26 -8.11 -1.18 -4.28
CA LEU A 26 -7.67 -2.27 -3.41
C LEU A 26 -8.85 -3.16 -3.02
N GLN A 27 -8.55 -4.38 -2.61
CA GLN A 27 -9.58 -5.34 -2.21
C GLN A 27 -9.23 -5.99 -0.88
N LYS A 28 -10.26 -6.36 -0.12
CA LYS A 28 -10.07 -7.00 1.18
C LYS A 28 -9.05 -8.14 1.08
N GLY A 29 -7.86 -7.92 1.64
CA GLY A 29 -6.82 -8.93 1.61
C GLY A 29 -5.91 -8.78 0.40
N ASP A 30 -5.55 -7.54 0.09
CA ASP A 30 -4.68 -7.26 -1.04
C ASP A 30 -3.29 -6.85 -0.57
N ILE A 31 -2.27 -7.58 -1.02
CA ILE A 31 -0.90 -7.28 -0.64
C ILE A 31 -0.29 -6.23 -1.56
N VAL A 32 0.02 -5.07 -0.99
CA VAL A 32 0.61 -3.97 -1.74
C VAL A 32 1.93 -3.53 -1.13
N TYR A 33 2.74 -2.84 -1.93
CA TYR A 33 4.04 -2.36 -1.47
C TYR A 33 4.07 -0.83 -1.41
N ILE A 34 4.16 -0.30 -0.20
CA ILE A 34 4.19 1.14 0.00
C ILE A 34 5.61 1.68 -0.15
N TYR A 35 5.85 2.42 -1.22
CA TYR A 35 7.15 3.01 -1.48
C TYR A 35 7.39 4.24 -0.62
N LYS A 36 6.42 5.14 -0.60
CA LYS A 36 6.51 6.36 0.19
C LYS A 36 5.22 6.61 0.96
N GLN A 37 5.19 7.69 1.72
CA GLN A 37 4.02 8.05 2.52
C GLN A 37 3.48 9.41 2.10
N ILE A 38 2.28 9.42 1.52
CA ILE A 38 1.65 10.67 1.08
C ILE A 38 1.28 11.54 2.27
N ASP A 39 0.49 10.97 3.19
CA ASP A 39 0.06 11.71 4.38
C ASP A 39 0.01 10.78 5.59
N GLN A 40 -0.39 11.34 6.73
CA GLN A 40 -0.47 10.57 7.97
C GLN A 40 -1.47 9.43 7.82
N ASN A 41 -2.52 9.66 7.02
CA ASN A 41 -3.55 8.65 6.79
C ASN A 41 -3.60 8.25 5.33
N TRP A 42 -2.48 8.43 4.63
CA TRP A 42 -2.39 8.08 3.21
C TRP A 42 -1.05 7.45 2.89
N TYR A 43 -1.00 6.67 1.81
CA TYR A 43 0.22 5.99 1.40
C TYR A 43 0.30 5.90 -0.13
N GLU A 44 1.43 5.42 -0.62
CA GLU A 44 1.64 5.27 -2.06
C GLU A 44 2.40 3.99 -2.37
N GLY A 45 1.80 3.16 -3.23
CA GLY A 45 2.43 1.90 -3.59
C GLY A 45 2.07 1.46 -4.99
N GLU A 46 2.13 0.16 -5.24
CA GLU A 46 1.80 -0.39 -6.55
C GLU A 46 0.97 -1.66 -6.43
N HIS A 47 0.02 -1.84 -7.34
CA HIS A 47 -0.84 -3.01 -7.32
C HIS A 47 -1.35 -3.33 -8.73
N HIS A 48 -1.17 -4.58 -9.15
CA HIS A 48 -1.61 -5.01 -10.47
C HIS A 48 -0.98 -4.16 -11.56
N GLY A 49 0.25 -3.71 -11.31
CA GLY A 49 0.95 -2.88 -12.28
C GLY A 49 0.42 -1.46 -12.32
N ARG A 50 -0.07 -0.98 -11.19
CA ARG A 50 -0.61 0.36 -11.10
C ARG A 50 -0.08 1.09 -9.87
N VAL A 51 0.52 2.26 -10.09
CA VAL A 51 1.08 3.05 -9.00
C VAL A 51 0.15 4.20 -8.62
N GLY A 52 -0.21 4.27 -7.34
CA GLY A 52 -1.10 5.32 -6.88
C GLY A 52 -1.03 5.51 -5.38
N ILE A 53 -2.07 6.11 -4.81
CA ILE A 53 -2.13 6.34 -3.38
C ILE A 53 -3.39 5.76 -2.77
N PHE A 54 -3.37 5.54 -1.45
CA PHE A 54 -4.51 4.97 -0.75
C PHE A 54 -4.42 5.26 0.74
N PRO A 55 -5.60 5.32 1.40
CA PRO A 55 -5.68 5.60 2.84
C PRO A 55 -5.16 4.44 3.68
N ARG A 56 -4.48 4.77 4.77
CA ARG A 56 -3.93 3.75 5.66
C ARG A 56 -5.04 3.03 6.43
N THR A 57 -6.13 3.75 6.67
CA THR A 57 -7.26 3.20 7.40
C THR A 57 -7.89 2.03 6.64
N TYR A 58 -7.52 1.89 5.38
CA TYR A 58 -8.04 0.81 4.54
C TYR A 58 -7.07 -0.36 4.50
N ILE A 59 -5.82 -0.10 4.86
CA ILE A 59 -4.79 -1.14 4.87
C ILE A 59 -4.17 -1.28 6.25
N GLU A 60 -3.31 -2.28 6.40
CA GLU A 60 -2.64 -2.52 7.69
C GLU A 60 -1.21 -3.00 7.47
N LEU A 61 -0.25 -2.18 7.88
CA LEU A 61 1.17 -2.52 7.72
C LEU A 61 1.45 -3.89 8.33
N LEU A 62 2.01 -4.78 7.51
CA LEU A 62 2.35 -6.12 7.97
C LEU A 62 3.66 -6.13 8.74
N SER A 63 3.56 -6.01 10.07
CA SER A 63 4.74 -6.00 10.93
C SER A 63 4.82 -7.28 11.76
N GLY A 64 6.04 -7.77 11.97
CA GLY A 64 6.23 -8.97 12.75
C GLY A 64 5.50 -8.92 14.07
N PRO A 65 5.02 -10.10 14.52
CA PRO A 65 4.28 -10.21 15.78
C PRO A 65 5.19 -10.01 17.00
N SER A 66 6.37 -10.60 16.95
CA SER A 66 7.33 -10.48 18.04
C SER A 66 7.28 -9.08 18.67
N SER A 67 7.63 -9.00 19.94
CA SER A 67 7.63 -7.72 20.65
C SER A 67 8.59 -7.75 21.83
N GLY A 68 9.34 -6.66 22.01
CA GLY A 68 10.29 -6.59 23.10
C GLY A 68 11.43 -5.64 22.82
N GLY A 1 22.95 -8.71 -3.52
CA GLY A 1 24.04 -8.16 -2.74
C GLY A 1 23.55 -7.29 -1.59
N SER A 2 23.88 -6.00 -1.66
CA SER A 2 23.46 -5.06 -0.61
C SER A 2 21.95 -5.04 -0.46
N SER A 3 21.44 -5.90 0.42
CA SER A 3 20.00 -5.99 0.66
C SER A 3 19.36 -4.61 0.56
N GLY A 4 18.34 -4.50 -0.29
CA GLY A 4 17.65 -3.23 -0.46
C GLY A 4 16.16 -3.36 -0.28
N SER A 5 15.49 -2.24 0.01
CA SER A 5 14.06 -2.23 0.22
C SER A 5 13.38 -1.18 -0.66
N SER A 6 12.34 -1.58 -1.37
CA SER A 6 11.61 -0.68 -2.26
C SER A 6 10.33 -0.19 -1.60
N GLY A 7 9.50 -1.13 -1.14
CA GLY A 7 8.26 -0.76 -0.49
C GLY A 7 7.96 -1.63 0.70
N ARG A 8 7.01 -1.21 1.52
CA ARG A 8 6.62 -1.96 2.72
C ARG A 8 5.36 -2.77 2.46
N PRO A 9 5.30 -3.97 3.06
CA PRO A 9 4.15 -4.86 2.92
C PRO A 9 2.91 -4.34 3.64
N ALA A 10 1.80 -4.28 2.91
CA ALA A 10 0.55 -3.79 3.48
C ALA A 10 -0.65 -4.60 2.96
N ARG A 11 -1.64 -4.78 3.81
CA ARG A 11 -2.83 -5.54 3.44
C ARG A 11 -4.07 -4.65 3.47
N ALA A 12 -4.94 -4.81 2.48
CA ALA A 12 -6.17 -4.04 2.41
C ALA A 12 -7.25 -4.61 3.31
N LYS A 13 -7.58 -3.89 4.36
CA LYS A 13 -8.60 -4.33 5.31
C LYS A 13 -9.99 -4.27 4.68
N PHE A 14 -10.19 -3.29 3.80
CA PHE A 14 -11.48 -3.13 3.13
C PHE A 14 -11.28 -2.97 1.62
N ASP A 15 -12.35 -3.18 0.87
CA ASP A 15 -12.31 -3.07 -0.58
C ASP A 15 -12.28 -1.60 -1.01
N PHE A 16 -11.09 -1.08 -1.27
CA PHE A 16 -10.93 0.30 -1.68
C PHE A 16 -11.10 0.44 -3.18
N LYS A 17 -11.77 1.51 -3.60
CA LYS A 17 -12.01 1.77 -5.02
C LYS A 17 -11.33 3.06 -5.46
N ALA A 18 -10.42 2.95 -6.43
CA ALA A 18 -9.71 4.10 -6.94
C ALA A 18 -10.56 4.87 -7.95
N GLN A 19 -10.97 6.08 -7.58
CA GLN A 19 -11.79 6.91 -8.45
C GLN A 19 -11.03 7.29 -9.71
N THR A 20 -9.73 7.54 -9.58
CA THR A 20 -8.90 7.91 -10.71
C THR A 20 -7.48 7.39 -10.53
N LEU A 21 -6.60 7.71 -11.49
CA LEU A 21 -5.22 7.28 -11.43
C LEU A 21 -4.55 7.73 -10.13
N LYS A 22 -4.86 8.94 -9.70
CA LYS A 22 -4.31 9.49 -8.47
C LYS A 22 -4.40 8.47 -7.33
N GLU A 23 -5.53 7.76 -7.27
CA GLU A 23 -5.74 6.77 -6.23
C GLU A 23 -5.44 5.37 -6.76
N LEU A 24 -5.37 4.40 -5.84
CA LEU A 24 -5.09 3.01 -6.21
C LEU A 24 -6.08 2.07 -5.55
N PRO A 25 -6.64 1.14 -6.35
CA PRO A 25 -7.61 0.15 -5.86
C PRO A 25 -6.96 -0.88 -4.95
N LEU A 26 -7.71 -1.33 -3.94
CA LEU A 26 -7.20 -2.32 -3.01
C LEU A 26 -8.31 -3.28 -2.59
N GLN A 27 -8.27 -4.49 -3.12
CA GLN A 27 -9.28 -5.51 -2.81
C GLN A 27 -9.05 -6.08 -1.40
N LYS A 28 -10.14 -6.33 -0.69
CA LYS A 28 -10.07 -6.88 0.66
C LYS A 28 -9.12 -8.06 0.71
N GLY A 29 -7.99 -7.89 1.39
CA GLY A 29 -7.01 -8.94 1.50
C GLY A 29 -6.00 -8.94 0.37
N ASP A 30 -5.60 -7.74 -0.05
CA ASP A 30 -4.64 -7.60 -1.14
C ASP A 30 -3.31 -7.06 -0.61
N ILE A 31 -2.23 -7.79 -0.90
CA ILE A 31 -0.89 -7.38 -0.46
C ILE A 31 -0.29 -6.36 -1.40
N VAL A 32 0.01 -5.17 -0.89
CA VAL A 32 0.60 -4.11 -1.68
C VAL A 32 1.91 -3.63 -1.08
N TYR A 33 2.70 -2.90 -1.87
CA TYR A 33 3.98 -2.38 -1.42
C TYR A 33 3.98 -0.86 -1.44
N ILE A 34 4.08 -0.25 -0.25
CA ILE A 34 4.09 1.20 -0.14
C ILE A 34 5.48 1.76 -0.41
N TYR A 35 5.60 2.55 -1.46
CA TYR A 35 6.88 3.16 -1.83
C TYR A 35 7.16 4.40 -0.99
N LYS A 36 6.11 5.17 -0.72
CA LYS A 36 6.24 6.39 0.08
C LYS A 36 4.94 6.71 0.81
N GLN A 37 5.02 7.56 1.81
CA GLN A 37 3.84 7.95 2.59
C GLN A 37 3.35 9.33 2.18
N ILE A 38 2.16 9.37 1.59
CA ILE A 38 1.58 10.63 1.14
C ILE A 38 1.27 11.54 2.34
N ASP A 39 0.39 11.07 3.22
CA ASP A 39 0.02 11.84 4.40
C ASP A 39 0.01 10.96 5.64
N GLN A 40 -0.24 11.57 6.80
CA GLN A 40 -0.27 10.84 8.05
C GLN A 40 -1.35 9.76 8.03
N ASN A 41 -2.29 9.89 7.10
CA ASN A 41 -3.38 8.93 6.98
C ASN A 41 -3.51 8.44 5.54
N TRP A 42 -2.46 8.61 4.76
CA TRP A 42 -2.45 8.19 3.37
C TRP A 42 -1.17 7.45 3.02
N TYR A 43 -1.20 6.68 1.95
CA TYR A 43 -0.04 5.91 1.51
C TYR A 43 0.05 5.88 -0.02
N GLU A 44 1.09 5.22 -0.52
CA GLU A 44 1.29 5.10 -1.96
C GLU A 44 2.13 3.88 -2.31
N GLY A 45 1.54 2.97 -3.09
CA GLY A 45 2.25 1.77 -3.48
C GLY A 45 1.90 1.32 -4.88
N GLU A 46 2.00 0.02 -5.13
CA GLU A 46 1.69 -0.54 -6.44
C GLU A 46 0.74 -1.72 -6.32
N HIS A 47 -0.04 -1.97 -7.38
CA HIS A 47 -0.99 -3.07 -7.39
C HIS A 47 -1.47 -3.35 -8.81
N HIS A 48 -1.48 -4.63 -9.18
CA HIS A 48 -1.91 -5.04 -10.51
C HIS A 48 -1.37 -4.09 -11.57
N GLY A 49 -0.08 -3.78 -11.49
CA GLY A 49 0.54 -2.88 -12.45
C GLY A 49 -0.05 -1.50 -12.40
N ARG A 50 -0.49 -1.08 -11.22
CA ARG A 50 -1.09 0.24 -11.05
C ARG A 50 -0.53 0.93 -9.81
N VAL A 51 -0.21 2.21 -9.95
CA VAL A 51 0.34 2.99 -8.84
C VAL A 51 -0.60 4.13 -8.45
N GLY A 52 -0.69 4.40 -7.15
CA GLY A 52 -1.55 5.47 -6.68
C GLY A 52 -1.44 5.68 -5.18
N ILE A 53 -2.47 6.27 -4.59
CA ILE A 53 -2.48 6.54 -3.15
C ILE A 53 -3.71 5.94 -2.49
N PHE A 54 -3.61 5.67 -1.19
CA PHE A 54 -4.72 5.09 -0.45
C PHE A 54 -4.57 5.37 1.05
N PRO A 55 -5.71 5.45 1.74
CA PRO A 55 -5.74 5.73 3.19
C PRO A 55 -5.21 4.55 4.00
N ARG A 56 -4.41 4.86 5.03
CA ARG A 56 -3.85 3.82 5.89
C ARG A 56 -4.94 3.08 6.64
N THR A 57 -5.94 3.82 7.10
CA THR A 57 -7.05 3.22 7.84
C THR A 57 -7.70 2.09 7.04
N TYR A 58 -7.45 2.07 5.73
CA TYR A 58 -8.01 1.05 4.86
C TYR A 58 -7.09 -0.17 4.78
N ILE A 59 -5.79 0.08 4.98
CA ILE A 59 -4.81 -1.00 4.92
C ILE A 59 -4.12 -1.17 6.27
N GLU A 60 -3.19 -2.11 6.34
CA GLU A 60 -2.46 -2.39 7.58
C GLU A 60 -0.98 -2.63 7.29
N LEU A 61 -0.13 -2.28 8.24
CA LEU A 61 1.30 -2.46 8.10
C LEU A 61 1.75 -3.80 8.68
N LEU A 62 2.12 -4.73 7.81
CA LEU A 62 2.56 -6.05 8.23
C LEU A 62 3.98 -6.00 8.79
N SER A 63 4.17 -6.59 9.97
CA SER A 63 5.48 -6.60 10.62
C SER A 63 6.00 -8.03 10.75
N GLY A 64 7.05 -8.34 10.02
CA GLY A 64 7.64 -9.66 10.08
C GLY A 64 9.11 -9.64 10.39
N PRO A 65 9.81 -10.74 10.06
CA PRO A 65 11.26 -10.86 10.31
C PRO A 65 12.08 -9.94 9.41
N SER A 66 11.40 -9.15 8.60
CA SER A 66 12.06 -8.22 7.69
C SER A 66 13.18 -7.48 8.40
N SER A 67 13.97 -6.74 7.63
CA SER A 67 15.09 -5.97 8.19
C SER A 67 14.65 -5.19 9.43
N GLY A 68 15.41 -5.33 10.50
CA GLY A 68 15.08 -4.63 11.74
C GLY A 68 15.46 -5.42 12.97
N GLY A 1 13.11 -6.80 -5.71
CA GLY A 1 14.29 -5.96 -5.63
C GLY A 1 15.53 -6.73 -5.20
N SER A 2 16.65 -6.03 -5.11
CA SER A 2 17.91 -6.65 -4.72
C SER A 2 18.74 -5.70 -3.86
N SER A 3 18.97 -6.09 -2.61
CA SER A 3 19.75 -5.27 -1.69
C SER A 3 19.20 -3.85 -1.63
N GLY A 4 17.88 -3.73 -1.57
CA GLY A 4 17.25 -2.43 -1.50
C GLY A 4 15.77 -2.51 -1.17
N SER A 5 15.42 -2.16 0.07
CA SER A 5 14.03 -2.20 0.51
C SER A 5 13.12 -1.51 -0.50
N SER A 6 12.31 -2.31 -1.19
CA SER A 6 11.39 -1.78 -2.19
C SER A 6 9.98 -1.69 -1.63
N GLY A 7 9.67 -0.58 -0.99
CA GLY A 7 8.34 -0.40 -0.41
C GLY A 7 8.13 -1.23 0.83
N ARG A 8 6.95 -1.10 1.44
CA ARG A 8 6.63 -1.85 2.64
C ARG A 8 5.37 -2.69 2.43
N PRO A 9 5.37 -3.90 3.02
CA PRO A 9 4.23 -4.83 2.92
C PRO A 9 3.00 -4.33 3.67
N ALA A 10 1.85 -4.40 3.01
CA ALA A 10 0.60 -3.96 3.62
C ALA A 10 -0.57 -4.80 3.13
N ARG A 11 -1.55 -5.01 4.01
CA ARG A 11 -2.73 -5.80 3.66
C ARG A 11 -3.98 -4.94 3.68
N ALA A 12 -4.77 -5.02 2.61
CA ALA A 12 -6.00 -4.24 2.51
C ALA A 12 -7.09 -4.82 3.41
N LYS A 13 -7.36 -4.12 4.51
CA LYS A 13 -8.38 -4.56 5.45
C LYS A 13 -9.76 -4.50 4.83
N PHE A 14 -10.03 -3.44 4.07
CA PHE A 14 -11.32 -3.27 3.41
C PHE A 14 -11.13 -2.96 1.93
N ASP A 15 -12.20 -3.11 1.16
CA ASP A 15 -12.17 -2.85 -0.27
C ASP A 15 -12.15 -1.35 -0.55
N PHE A 16 -11.13 -0.90 -1.27
CA PHE A 16 -10.99 0.52 -1.61
C PHE A 16 -11.30 0.76 -3.08
N LYS A 17 -11.91 1.90 -3.37
CA LYS A 17 -12.25 2.25 -4.75
C LYS A 17 -11.58 3.55 -5.16
N ALA A 18 -10.55 3.45 -6.00
CA ALA A 18 -9.83 4.63 -6.47
C ALA A 18 -10.70 5.47 -7.39
N GLN A 19 -11.03 6.68 -6.93
CA GLN A 19 -11.86 7.59 -7.70
C GLN A 19 -11.23 7.88 -9.07
N THR A 20 -9.92 8.11 -9.07
CA THR A 20 -9.20 8.40 -10.30
C THR A 20 -7.79 7.81 -10.27
N LEU A 21 -7.09 7.90 -11.40
CA LEU A 21 -5.73 7.38 -11.49
C LEU A 21 -4.91 7.74 -10.26
N LYS A 22 -4.99 9.01 -9.86
CA LYS A 22 -4.26 9.49 -8.69
C LYS A 22 -4.30 8.47 -7.56
N GLU A 23 -5.48 7.89 -7.33
CA GLU A 23 -5.65 6.90 -6.28
C GLU A 23 -5.54 5.49 -6.86
N LEU A 24 -5.34 4.51 -5.97
CA LEU A 24 -5.21 3.12 -6.38
C LEU A 24 -6.24 2.25 -5.67
N PRO A 25 -6.96 1.42 -6.45
CA PRO A 25 -7.98 0.52 -5.92
C PRO A 25 -7.39 -0.62 -5.10
N LEU A 26 -8.16 -1.11 -4.14
CA LEU A 26 -7.70 -2.20 -3.28
C LEU A 26 -8.86 -3.14 -2.92
N GLN A 27 -8.54 -4.40 -2.67
CA GLN A 27 -9.54 -5.39 -2.31
C GLN A 27 -9.28 -5.96 -0.93
N LYS A 28 -10.34 -6.41 -0.27
CA LYS A 28 -10.22 -6.99 1.07
C LYS A 28 -9.27 -8.18 1.06
N GLY A 29 -8.02 -7.93 1.46
CA GLY A 29 -7.02 -8.99 1.49
C GLY A 29 -6.06 -8.92 0.33
N ASP A 30 -5.68 -7.70 -0.05
CA ASP A 30 -4.75 -7.49 -1.16
C ASP A 30 -3.42 -6.94 -0.65
N ILE A 31 -2.34 -7.63 -0.98
CA ILE A 31 -1.01 -7.21 -0.55
C ILE A 31 -0.44 -6.16 -1.50
N VAL A 32 0.08 -5.08 -0.93
CA VAL A 32 0.67 -4.00 -1.72
C VAL A 32 1.97 -3.50 -1.11
N TYR A 33 2.75 -2.79 -1.90
CA TYR A 33 4.03 -2.25 -1.43
C TYR A 33 4.01 -0.73 -1.42
N ILE A 34 4.11 -0.15 -0.22
CA ILE A 34 4.10 1.29 -0.07
C ILE A 34 5.50 1.87 -0.27
N TYR A 35 5.68 2.60 -1.36
CA TYR A 35 6.97 3.20 -1.68
C TYR A 35 7.20 4.45 -0.83
N LYS A 36 6.20 5.32 -0.77
CA LYS A 36 6.29 6.55 0.01
C LYS A 36 4.99 6.82 0.75
N GLN A 37 5.02 7.79 1.66
CA GLN A 37 3.84 8.14 2.44
C GLN A 37 3.23 9.46 1.94
N ILE A 38 2.03 9.37 1.40
CA ILE A 38 1.34 10.55 0.88
C ILE A 38 0.94 11.49 2.01
N ASP A 39 0.22 10.96 2.99
CA ASP A 39 -0.23 11.76 4.13
C ASP A 39 -0.24 10.92 5.40
N GLN A 40 -0.58 11.56 6.52
CA GLN A 40 -0.61 10.87 7.81
C GLN A 40 -1.60 9.71 7.77
N ASN A 41 -2.58 9.80 6.87
CA ASN A 41 -3.59 8.75 6.73
C ASN A 41 -3.65 8.26 5.29
N TRP A 42 -2.57 8.42 4.56
CA TRP A 42 -2.50 7.99 3.16
C TRP A 42 -1.16 7.34 2.85
N TYR A 43 -1.12 6.55 1.79
CA TYR A 43 0.10 5.87 1.39
C TYR A 43 0.18 5.75 -0.14
N GLU A 44 1.35 5.36 -0.63
CA GLU A 44 1.55 5.20 -2.07
C GLU A 44 2.31 3.91 -2.37
N GLY A 45 1.71 3.07 -3.20
CA GLY A 45 2.34 1.80 -3.56
C GLY A 45 1.94 1.32 -4.94
N GLU A 46 2.15 0.04 -5.20
CA GLU A 46 1.82 -0.54 -6.49
C GLU A 46 0.87 -1.73 -6.33
N HIS A 47 0.17 -2.06 -7.41
CA HIS A 47 -0.77 -3.18 -7.39
C HIS A 47 -1.13 -3.62 -8.80
N HIS A 48 -0.79 -4.87 -9.14
CA HIS A 48 -1.08 -5.41 -10.47
C HIS A 48 -0.56 -4.47 -11.56
N GLY A 49 0.64 -3.93 -11.34
CA GLY A 49 1.22 -3.03 -12.32
C GLY A 49 0.54 -1.68 -12.34
N ARG A 50 0.08 -1.23 -11.19
CA ARG A 50 -0.61 0.06 -11.08
C ARG A 50 -0.18 0.80 -9.81
N VAL A 51 0.32 2.01 -9.99
CA VAL A 51 0.76 2.82 -8.86
C VAL A 51 -0.23 3.95 -8.58
N GLY A 52 -0.45 4.24 -7.29
CA GLY A 52 -1.36 5.29 -6.91
C GLY A 52 -1.28 5.62 -5.44
N ILE A 53 -2.40 6.04 -4.87
CA ILE A 53 -2.46 6.40 -3.45
C ILE A 53 -3.68 5.79 -2.78
N PHE A 54 -3.55 5.47 -1.49
CA PHE A 54 -4.65 4.88 -0.74
C PHE A 54 -4.48 5.15 0.75
N PRO A 55 -5.61 5.20 1.47
CA PRO A 55 -5.62 5.46 2.92
C PRO A 55 -5.06 4.29 3.72
N ARG A 56 -4.43 4.61 4.86
CA ARG A 56 -3.84 3.58 5.71
C ARG A 56 -4.93 2.81 6.45
N THR A 57 -5.90 3.54 7.00
CA THR A 57 -6.99 2.92 7.74
C THR A 57 -7.59 1.74 6.96
N TYR A 58 -7.50 1.82 5.64
CA TYR A 58 -8.04 0.77 4.79
C TYR A 58 -7.11 -0.44 4.77
N ILE A 59 -5.81 -0.19 4.84
CA ILE A 59 -4.82 -1.26 4.83
C ILE A 59 -4.20 -1.44 6.22
N GLU A 60 -3.30 -2.41 6.32
CA GLU A 60 -2.64 -2.70 7.60
C GLU A 60 -1.19 -3.10 7.37
N LEU A 61 -0.26 -2.27 7.84
CA LEU A 61 1.17 -2.55 7.68
C LEU A 61 1.54 -3.85 8.38
N LEU A 62 2.09 -4.79 7.60
CA LEU A 62 2.49 -6.08 8.13
C LEU A 62 3.84 -5.97 8.84
N SER A 63 3.93 -6.57 10.03
CA SER A 63 5.16 -6.54 10.81
C SER A 63 5.13 -7.61 11.90
N GLY A 64 6.33 -8.02 12.34
CA GLY A 64 6.41 -9.04 13.37
C GLY A 64 7.81 -9.12 13.97
N PRO A 65 8.63 -10.04 13.44
CA PRO A 65 10.00 -10.24 13.93
C PRO A 65 10.91 -9.08 13.57
N SER A 66 11.43 -8.39 14.59
CA SER A 66 12.32 -7.26 14.38
C SER A 66 13.78 -7.69 14.48
N SER A 67 14.46 -7.70 13.34
CA SER A 67 15.87 -8.08 13.30
C SER A 67 16.71 -7.17 14.17
N GLY A 68 17.76 -7.74 14.77
CA GLY A 68 18.63 -6.95 15.64
C GLY A 68 18.10 -6.84 17.05
N GLY A 1 9.32 -5.35 -8.08
CA GLY A 1 9.16 -5.67 -9.49
C GLY A 1 10.41 -5.40 -10.30
N SER A 2 10.22 -5.04 -11.57
CA SER A 2 11.34 -4.75 -12.45
C SER A 2 12.20 -3.62 -11.90
N SER A 3 11.59 -2.44 -11.77
CA SER A 3 12.30 -1.27 -11.26
C SER A 3 11.90 -0.98 -9.81
N GLY A 4 12.87 -0.56 -9.00
CA GLY A 4 12.60 -0.26 -7.61
C GLY A 4 12.85 -1.45 -6.71
N SER A 5 13.59 -1.22 -5.63
CA SER A 5 13.91 -2.29 -4.69
C SER A 5 13.60 -1.85 -3.26
N SER A 6 12.46 -1.18 -3.08
CA SER A 6 12.05 -0.71 -1.76
C SER A 6 10.54 -0.83 -1.59
N GLY A 7 10.06 -0.51 -0.39
CA GLY A 7 8.64 -0.58 -0.12
C GLY A 7 8.32 -1.42 1.10
N ARG A 8 7.14 -1.21 1.67
CA ARG A 8 6.72 -1.96 2.86
C ARG A 8 5.46 -2.76 2.57
N PRO A 9 5.39 -3.98 3.13
CA PRO A 9 4.24 -4.87 2.94
C PRO A 9 3.00 -4.37 3.67
N ALA A 10 1.87 -4.39 2.99
CA ALA A 10 0.61 -3.94 3.57
C ALA A 10 -0.57 -4.71 2.99
N ARG A 11 -1.44 -5.20 3.88
CA ARG A 11 -2.61 -5.96 3.46
C ARG A 11 -3.87 -5.12 3.57
N ALA A 12 -4.68 -5.14 2.50
CA ALA A 12 -5.92 -4.37 2.48
C ALA A 12 -6.96 -4.97 3.42
N LYS A 13 -7.43 -4.14 4.35
CA LYS A 13 -8.43 -4.59 5.32
C LYS A 13 -9.84 -4.46 4.75
N PHE A 14 -10.07 -3.38 4.02
CA PHE A 14 -11.38 -3.14 3.42
C PHE A 14 -11.25 -2.85 1.92
N ASP A 15 -12.33 -3.09 1.19
CA ASP A 15 -12.32 -2.85 -0.26
C ASP A 15 -12.26 -1.36 -0.56
N PHE A 16 -11.44 -1.00 -1.54
CA PHE A 16 -11.28 0.39 -1.93
C PHE A 16 -11.64 0.60 -3.40
N LYS A 17 -11.81 1.86 -3.80
CA LYS A 17 -12.16 2.18 -5.16
C LYS A 17 -11.46 3.46 -5.62
N ALA A 18 -10.46 3.31 -6.47
CA ALA A 18 -9.71 4.46 -6.98
C ALA A 18 -10.56 5.27 -7.97
N GLN A 19 -11.23 6.29 -7.45
CA GLN A 19 -12.07 7.15 -8.29
C GLN A 19 -11.31 7.64 -9.52
N THR A 20 -10.03 7.96 -9.31
CA THR A 20 -9.18 8.44 -10.40
C THR A 20 -7.81 7.78 -10.36
N LEU A 21 -6.94 8.20 -11.27
CA LEU A 21 -5.59 7.65 -11.35
C LEU A 21 -4.81 7.94 -10.06
N LYS A 22 -4.86 9.19 -9.61
CA LYS A 22 -4.17 9.60 -8.40
C LYS A 22 -4.29 8.53 -7.33
N GLU A 23 -5.46 7.91 -7.23
CA GLU A 23 -5.71 6.88 -6.24
C GLU A 23 -5.47 5.49 -6.84
N LEU A 24 -5.43 4.48 -5.98
CA LEU A 24 -5.21 3.11 -6.42
C LEU A 24 -6.24 2.16 -5.79
N PRO A 25 -6.85 1.32 -6.64
CA PRO A 25 -7.86 0.35 -6.19
C PRO A 25 -7.26 -0.77 -5.35
N LEU A 26 -8.00 -1.21 -4.34
CA LEU A 26 -7.53 -2.28 -3.46
C LEU A 26 -8.64 -3.28 -3.19
N GLN A 27 -8.25 -4.50 -2.79
CA GLN A 27 -9.22 -5.54 -2.51
C GLN A 27 -9.04 -6.07 -1.09
N LYS A 28 -10.15 -6.41 -0.44
CA LYS A 28 -10.12 -6.92 0.92
C LYS A 28 -9.17 -8.10 1.03
N GLY A 29 -7.95 -7.82 1.47
CA GLY A 29 -6.95 -8.87 1.62
C GLY A 29 -5.94 -8.87 0.50
N ASP A 30 -5.49 -7.68 0.11
CA ASP A 30 -4.52 -7.55 -0.98
C ASP A 30 -3.18 -7.05 -0.44
N ILE A 31 -2.09 -7.69 -0.86
CA ILE A 31 -0.76 -7.30 -0.42
C ILE A 31 -0.15 -6.26 -1.36
N VAL A 32 0.22 -5.11 -0.79
CA VAL A 32 0.82 -4.04 -1.58
C VAL A 32 2.16 -3.60 -0.99
N TYR A 33 2.89 -2.80 -1.73
CA TYR A 33 4.19 -2.31 -1.28
C TYR A 33 4.23 -0.79 -1.27
N ILE A 34 4.20 -0.21 -0.07
CA ILE A 34 4.23 1.23 0.09
C ILE A 34 5.64 1.79 -0.10
N TYR A 35 5.84 2.49 -1.22
CA TYR A 35 7.15 3.06 -1.52
C TYR A 35 7.40 4.32 -0.69
N LYS A 36 6.42 5.21 -0.67
CA LYS A 36 6.53 6.45 0.09
C LYS A 36 5.27 6.71 0.91
N GLN A 37 5.29 7.78 1.70
CA GLN A 37 4.14 8.13 2.53
C GLN A 37 3.58 9.49 2.14
N ILE A 38 2.35 9.50 1.65
CA ILE A 38 1.69 10.73 1.25
C ILE A 38 1.31 11.58 2.45
N ASP A 39 0.42 11.05 3.29
CA ASP A 39 -0.03 11.75 4.48
C ASP A 39 -0.10 10.81 5.68
N GLN A 40 -0.44 11.36 6.83
CA GLN A 40 -0.54 10.56 8.05
C GLN A 40 -1.64 9.51 7.93
N ASN A 41 -2.53 9.71 6.97
CA ASN A 41 -3.63 8.78 6.76
C ASN A 41 -3.69 8.33 5.29
N TRP A 42 -2.57 8.49 4.59
CA TRP A 42 -2.50 8.11 3.19
C TRP A 42 -1.15 7.46 2.87
N TYR A 43 -1.10 6.71 1.78
CA TYR A 43 0.13 6.05 1.37
C TYR A 43 0.20 5.90 -0.16
N GLU A 44 1.29 5.36 -0.65
CA GLU A 44 1.48 5.17 -2.08
C GLU A 44 2.31 3.92 -2.36
N GLY A 45 1.80 3.05 -3.23
CA GLY A 45 2.49 1.83 -3.57
C GLY A 45 2.11 1.29 -4.93
N GLU A 46 2.21 -0.02 -5.11
CA GLU A 46 1.87 -0.65 -6.37
C GLU A 46 0.88 -1.79 -6.17
N HIS A 47 0.02 -2.00 -7.17
CA HIS A 47 -0.98 -3.06 -7.09
C HIS A 47 -1.54 -3.38 -8.48
N HIS A 48 -1.46 -4.65 -8.86
CA HIS A 48 -1.96 -5.08 -10.17
C HIS A 48 -1.43 -4.18 -11.27
N GLY A 49 -0.10 -4.03 -11.33
CA GLY A 49 0.51 -3.19 -12.35
C GLY A 49 -0.05 -1.78 -12.36
N ARG A 50 -0.59 -1.36 -11.21
CA ARG A 50 -1.16 -0.02 -11.10
C ARG A 50 -0.58 0.71 -9.89
N VAL A 51 -0.22 1.98 -10.09
CA VAL A 51 0.34 2.79 -9.01
C VAL A 51 -0.61 3.91 -8.62
N GLY A 52 -0.59 4.28 -7.34
CA GLY A 52 -1.45 5.34 -6.85
C GLY A 52 -1.34 5.53 -5.35
N ILE A 53 -2.39 6.08 -4.75
CA ILE A 53 -2.41 6.31 -3.32
C ILE A 53 -3.64 5.68 -2.67
N PHE A 54 -3.57 5.46 -1.36
CA PHE A 54 -4.68 4.86 -0.62
C PHE A 54 -4.56 5.16 0.87
N PRO A 55 -5.72 5.26 1.54
CA PRO A 55 -5.79 5.53 2.98
C PRO A 55 -5.27 4.38 3.82
N ARG A 56 -4.52 4.70 4.87
CA ARG A 56 -3.96 3.68 5.76
C ARG A 56 -5.08 2.93 6.48
N THR A 57 -6.05 3.67 6.99
CA THR A 57 -7.17 3.08 7.72
C THR A 57 -7.79 1.93 6.92
N TYR A 58 -7.51 1.91 5.63
CA TYR A 58 -8.04 0.86 4.75
C TYR A 58 -7.10 -0.34 4.71
N ILE A 59 -5.81 -0.08 4.81
CA ILE A 59 -4.81 -1.14 4.77
C ILE A 59 -4.18 -1.34 6.16
N GLU A 60 -3.36 -2.38 6.28
CA GLU A 60 -2.69 -2.67 7.54
C GLU A 60 -1.22 -3.01 7.31
N LEU A 61 -0.35 -2.12 7.77
CA LEU A 61 1.09 -2.32 7.61
C LEU A 61 1.55 -3.60 8.31
N LEU A 62 1.98 -4.57 7.51
CA LEU A 62 2.44 -5.85 8.04
C LEU A 62 3.86 -5.73 8.61
N SER A 63 4.05 -6.19 9.84
CA SER A 63 5.34 -6.13 10.48
C SER A 63 5.57 -7.36 11.36
N GLY A 64 6.83 -7.79 11.46
CA GLY A 64 7.16 -8.94 12.27
C GLY A 64 8.63 -9.02 12.61
N PRO A 65 9.39 -9.78 11.80
CA PRO A 65 10.83 -9.95 11.98
C PRO A 65 11.61 -8.67 11.69
N SER A 66 12.04 -7.99 12.75
CA SER A 66 12.79 -6.75 12.60
C SER A 66 14.18 -7.02 12.03
N SER A 67 14.89 -7.97 12.63
CA SER A 67 16.22 -8.33 12.19
C SER A 67 16.20 -9.63 11.39
N GLY A 68 16.13 -9.50 10.07
CA GLY A 68 16.11 -10.68 9.21
C GLY A 68 17.40 -11.48 9.29
N GLY A 1 23.82 0.86 -2.24
CA GLY A 1 22.50 1.41 -1.94
C GLY A 1 21.78 0.62 -0.87
N SER A 2 20.57 1.07 -0.53
CA SER A 2 19.77 0.40 0.49
C SER A 2 19.22 -0.92 -0.02
N SER A 3 20.05 -1.97 0.06
CA SER A 3 19.64 -3.29 -0.40
C SER A 3 18.74 -3.97 0.62
N GLY A 4 17.81 -4.78 0.14
CA GLY A 4 16.89 -5.48 1.02
C GLY A 4 15.53 -5.72 0.39
N SER A 5 14.78 -4.65 0.22
CA SER A 5 13.44 -4.74 -0.36
C SER A 5 12.87 -3.35 -0.65
N SER A 6 11.98 -3.28 -1.63
CA SER A 6 11.37 -2.01 -2.00
C SER A 6 9.95 -1.92 -1.46
N GLY A 7 9.64 -0.80 -0.80
CA GLY A 7 8.33 -0.60 -0.24
C GLY A 7 8.07 -1.50 0.96
N ARG A 8 7.04 -1.16 1.73
CA ARG A 8 6.70 -1.95 2.91
C ARG A 8 5.43 -2.77 2.67
N PRO A 9 5.39 -3.98 3.23
CA PRO A 9 4.24 -4.89 3.08
C PRO A 9 3.01 -4.40 3.83
N ALA A 10 1.84 -4.59 3.24
CA ALA A 10 0.59 -4.17 3.86
C ALA A 10 -0.59 -4.89 3.24
N ARG A 11 -1.48 -5.41 4.09
CA ARG A 11 -2.65 -6.13 3.63
C ARG A 11 -3.90 -5.25 3.72
N ALA A 12 -4.68 -5.24 2.64
CA ALA A 12 -5.90 -4.44 2.60
C ALA A 12 -6.99 -5.03 3.49
N LYS A 13 -7.42 -4.26 4.48
CA LYS A 13 -8.45 -4.70 5.41
C LYS A 13 -9.82 -4.69 4.74
N PHE A 14 -10.08 -3.66 3.94
CA PHE A 14 -11.36 -3.53 3.25
C PHE A 14 -11.14 -3.24 1.77
N ASP A 15 -12.22 -3.28 0.99
CA ASP A 15 -12.15 -3.02 -0.44
C ASP A 15 -12.27 -1.53 -0.72
N PHE A 16 -11.15 -0.92 -1.11
CA PHE A 16 -11.13 0.51 -1.42
C PHE A 16 -11.46 0.76 -2.88
N LYS A 17 -12.13 1.87 -3.15
CA LYS A 17 -12.52 2.22 -4.51
C LYS A 17 -11.80 3.49 -4.96
N ALA A 18 -10.99 3.36 -6.03
CA ALA A 18 -10.25 4.49 -6.56
C ALA A 18 -11.13 5.35 -7.47
N GLN A 19 -11.42 6.56 -7.03
CA GLN A 19 -12.26 7.48 -7.81
C GLN A 19 -11.57 7.86 -9.11
N THR A 20 -10.27 8.14 -9.04
CA THR A 20 -9.51 8.53 -10.21
C THR A 20 -8.14 7.85 -10.22
N LEU A 21 -7.41 8.01 -11.32
CA LEU A 21 -6.08 7.41 -11.45
C LEU A 21 -5.23 7.72 -10.23
N LYS A 22 -5.34 8.95 -9.73
CA LYS A 22 -4.57 9.39 -8.57
C LYS A 22 -4.64 8.34 -7.46
N GLU A 23 -5.83 7.80 -7.22
CA GLU A 23 -6.02 6.78 -6.19
C GLU A 23 -6.00 5.38 -6.79
N LEU A 24 -5.47 4.43 -6.04
CA LEU A 24 -5.40 3.05 -6.50
C LEU A 24 -6.40 2.17 -5.76
N PRO A 25 -7.17 1.37 -6.53
CA PRO A 25 -8.18 0.48 -5.97
C PRO A 25 -7.56 -0.70 -5.21
N LEU A 26 -8.14 -1.03 -4.07
CA LEU A 26 -7.65 -2.13 -3.25
C LEU A 26 -8.78 -3.05 -2.82
N GLN A 27 -8.52 -4.35 -2.80
CA GLN A 27 -9.53 -5.34 -2.41
C GLN A 27 -9.16 -5.99 -1.09
N LYS A 28 -10.17 -6.41 -0.34
CA LYS A 28 -9.96 -7.06 0.95
C LYS A 28 -9.11 -8.33 0.79
N GLY A 29 -7.89 -8.28 1.34
CA GLY A 29 -7.00 -9.43 1.25
C GLY A 29 -5.96 -9.26 0.16
N ASP A 30 -5.56 -8.02 -0.09
CA ASP A 30 -4.57 -7.72 -1.11
C ASP A 30 -3.26 -7.27 -0.46
N ILE A 31 -2.14 -7.69 -1.04
CA ILE A 31 -0.83 -7.32 -0.52
C ILE A 31 -0.13 -6.32 -1.45
N VAL A 32 0.09 -5.12 -0.93
CA VAL A 32 0.76 -4.07 -1.71
C VAL A 32 2.05 -3.62 -1.03
N TYR A 33 2.85 -2.86 -1.77
CA TYR A 33 4.11 -2.35 -1.24
C TYR A 33 4.12 -0.83 -1.19
N ILE A 34 4.19 -0.28 0.01
CA ILE A 34 4.21 1.17 0.20
C ILE A 34 5.62 1.73 0.04
N TYR A 35 5.85 2.46 -1.04
CA TYR A 35 7.16 3.04 -1.31
C TYR A 35 7.35 4.31 -0.48
N LYS A 36 6.34 5.16 -0.46
CA LYS A 36 6.39 6.41 0.29
C LYS A 36 5.04 6.73 0.93
N GLN A 37 5.03 7.73 1.80
CA GLN A 37 3.81 8.13 2.48
C GLN A 37 3.35 9.51 2.02
N ILE A 38 2.21 9.55 1.34
CA ILE A 38 1.66 10.81 0.84
C ILE A 38 1.33 11.76 1.98
N ASP A 39 0.42 11.32 2.84
CA ASP A 39 0.01 12.14 3.99
C ASP A 39 -0.06 11.29 5.25
N GLN A 40 -0.26 11.95 6.40
CA GLN A 40 -0.34 11.25 7.67
C GLN A 40 -1.50 10.27 7.68
N ASN A 41 -2.36 10.36 6.68
CA ASN A 41 -3.51 9.47 6.57
C ASN A 41 -3.60 8.87 5.18
N TRP A 42 -2.49 8.91 4.44
CA TRP A 42 -2.44 8.35 3.10
C TRP A 42 -1.10 7.67 2.83
N TYR A 43 -1.06 6.83 1.81
CA TYR A 43 0.16 6.11 1.46
C TYR A 43 0.33 6.05 -0.05
N GLU A 44 1.39 5.38 -0.49
CA GLU A 44 1.68 5.25 -1.92
C GLU A 44 2.41 3.94 -2.21
N GLY A 45 1.83 3.12 -3.08
CA GLY A 45 2.45 1.85 -3.42
C GLY A 45 2.07 1.39 -4.81
N GLU A 46 2.30 0.11 -5.09
CA GLU A 46 1.99 -0.46 -6.41
C GLU A 46 1.04 -1.65 -6.26
N HIS A 47 0.34 -1.96 -7.35
CA HIS A 47 -0.60 -3.08 -7.35
C HIS A 47 -0.95 -3.49 -8.78
N HIS A 48 -0.75 -4.77 -9.09
CA HIS A 48 -1.04 -5.29 -10.42
C HIS A 48 -0.55 -4.33 -11.50
N GLY A 49 0.68 -3.84 -11.32
CA GLY A 49 1.25 -2.91 -12.29
C GLY A 49 0.59 -1.55 -12.26
N ARG A 50 -0.01 -1.21 -11.12
CA ARG A 50 -0.68 0.07 -10.96
C ARG A 50 -0.19 0.79 -9.71
N VAL A 51 0.43 1.95 -9.91
CA VAL A 51 0.95 2.75 -8.80
C VAL A 51 0.05 3.94 -8.50
N GLY A 52 -0.42 4.04 -7.26
CA GLY A 52 -1.28 5.13 -6.87
C GLY A 52 -1.26 5.38 -5.38
N ILE A 53 -2.14 6.27 -4.92
CA ILE A 53 -2.21 6.60 -3.50
C ILE A 53 -3.49 6.03 -2.87
N PHE A 54 -3.41 5.71 -1.59
CA PHE A 54 -4.56 5.16 -0.88
C PHE A 54 -4.45 5.43 0.62
N PRO A 55 -5.60 5.47 1.30
CA PRO A 55 -5.66 5.72 2.75
C PRO A 55 -5.11 4.55 3.56
N ARG A 56 -4.34 4.87 4.59
CA ARG A 56 -3.74 3.85 5.44
C ARG A 56 -4.81 3.18 6.32
N THR A 57 -5.87 3.93 6.60
CA THR A 57 -6.95 3.41 7.43
C THR A 57 -7.69 2.28 6.73
N TYR A 58 -7.33 2.04 5.47
CA TYR A 58 -7.96 0.97 4.70
C TYR A 58 -7.08 -0.28 4.66
N ILE A 59 -5.78 -0.07 4.75
CA ILE A 59 -4.82 -1.18 4.74
C ILE A 59 -4.18 -1.37 6.11
N GLU A 60 -3.49 -2.49 6.28
CA GLU A 60 -2.83 -2.79 7.55
C GLU A 60 -1.37 -3.22 7.31
N LEU A 61 -0.44 -2.46 7.85
CA LEU A 61 0.99 -2.76 7.70
C LEU A 61 1.32 -4.11 8.33
N LEU A 62 1.81 -5.03 7.51
CA LEU A 62 2.17 -6.36 7.99
C LEU A 62 3.46 -6.31 8.82
N SER A 63 3.49 -7.09 9.90
CA SER A 63 4.64 -7.13 10.77
C SER A 63 5.71 -8.09 10.23
N GLY A 64 6.81 -7.53 9.74
CA GLY A 64 7.88 -8.34 9.19
C GLY A 64 8.43 -9.33 10.21
N PRO A 65 9.66 -9.79 9.98
CA PRO A 65 10.32 -10.75 10.87
C PRO A 65 10.70 -10.14 12.22
N SER A 66 10.61 -10.94 13.27
CA SER A 66 10.94 -10.47 14.62
C SER A 66 12.10 -11.26 15.19
N SER A 67 12.49 -10.92 16.42
CA SER A 67 13.60 -11.59 17.09
C SER A 67 13.69 -11.16 18.55
N GLY A 68 13.79 -12.13 19.45
CA GLY A 68 13.89 -11.83 20.87
C GLY A 68 14.55 -12.95 21.65
N GLY A 1 24.07 -11.78 1.41
CA GLY A 1 24.33 -10.39 1.04
C GLY A 1 23.19 -9.48 1.45
N SER A 2 22.57 -8.84 0.47
CA SER A 2 21.46 -7.92 0.72
C SER A 2 20.15 -8.48 0.17
N SER A 3 19.08 -8.35 0.95
CA SER A 3 17.77 -8.84 0.54
C SER A 3 16.66 -7.97 1.13
N GLY A 4 15.43 -8.27 0.75
CA GLY A 4 14.29 -7.51 1.24
C GLY A 4 13.60 -6.73 0.14
N SER A 5 12.63 -5.90 0.53
CA SER A 5 11.89 -5.09 -0.43
C SER A 5 11.82 -3.64 0.03
N SER A 6 12.24 -2.73 -0.85
CA SER A 6 12.24 -1.30 -0.55
C SER A 6 10.95 -0.91 0.16
N GLY A 7 9.83 -1.05 -0.53
CA GLY A 7 8.55 -0.70 0.04
C GLY A 7 8.18 -1.57 1.23
N ARG A 8 7.05 -1.28 1.85
CA ARG A 8 6.59 -2.04 3.01
C ARG A 8 5.30 -2.80 2.69
N PRO A 9 5.18 -4.02 3.25
CA PRO A 9 4.02 -4.87 3.03
C PRO A 9 2.78 -4.33 3.73
N ALA A 10 1.61 -4.51 3.11
CA ALA A 10 0.36 -4.04 3.67
C ALA A 10 -0.83 -4.84 3.12
N ARG A 11 -1.74 -5.23 4.00
CA ARG A 11 -2.90 -5.99 3.60
C ARG A 11 -4.15 -5.11 3.59
N ALA A 12 -4.93 -5.21 2.51
CA ALA A 12 -6.15 -4.42 2.38
C ALA A 12 -7.25 -4.95 3.29
N LYS A 13 -7.60 -4.16 4.30
CA LYS A 13 -8.64 -4.55 5.25
C LYS A 13 -10.02 -4.46 4.61
N PHE A 14 -10.20 -3.46 3.75
CA PHE A 14 -11.49 -3.26 3.07
C PHE A 14 -11.27 -2.93 1.59
N ASP A 15 -12.33 -3.05 0.81
CA ASP A 15 -12.26 -2.77 -0.62
C ASP A 15 -12.25 -1.27 -0.87
N PHE A 16 -11.13 -0.78 -1.43
CA PHE A 16 -10.99 0.65 -1.72
C PHE A 16 -11.12 0.91 -3.23
N LYS A 17 -12.19 1.59 -3.61
CA LYS A 17 -12.44 1.92 -5.01
C LYS A 17 -11.82 3.26 -5.37
N ALA A 18 -10.85 3.24 -6.28
CA ALA A 18 -10.18 4.45 -6.72
C ALA A 18 -11.08 5.28 -7.62
N GLN A 19 -11.54 6.42 -7.11
CA GLN A 19 -12.42 7.30 -7.87
C GLN A 19 -11.66 7.96 -9.02
N THR A 20 -10.36 8.14 -8.84
CA THR A 20 -9.52 8.76 -9.86
C THR A 20 -8.16 8.09 -9.94
N LEU A 21 -7.53 8.17 -11.10
CA LEU A 21 -6.22 7.56 -11.30
C LEU A 21 -5.28 7.90 -10.15
N LYS A 22 -5.42 9.10 -9.61
CA LYS A 22 -4.59 9.55 -8.49
C LYS A 22 -4.56 8.50 -7.39
N GLU A 23 -5.71 7.88 -7.13
CA GLU A 23 -5.81 6.86 -6.10
C GLU A 23 -5.66 5.47 -6.70
N LEU A 24 -5.31 4.50 -5.85
CA LEU A 24 -5.13 3.12 -6.28
C LEU A 24 -6.14 2.20 -5.62
N PRO A 25 -6.82 1.37 -6.42
CA PRO A 25 -7.81 0.42 -5.94
C PRO A 25 -7.20 -0.72 -5.13
N LEU A 26 -7.89 -1.14 -4.08
CA LEU A 26 -7.40 -2.21 -3.22
C LEU A 26 -8.52 -3.19 -2.88
N GLN A 27 -8.25 -4.48 -3.08
CA GLN A 27 -9.24 -5.51 -2.81
C GLN A 27 -8.96 -6.19 -1.48
N LYS A 28 -10.02 -6.52 -0.74
CA LYS A 28 -9.88 -7.17 0.56
C LYS A 28 -8.82 -8.27 0.50
N GLY A 29 -7.93 -8.29 1.49
CA GLY A 29 -6.89 -9.28 1.54
C GLY A 29 -5.93 -9.19 0.37
N ASP A 30 -5.48 -7.96 0.08
CA ASP A 30 -4.56 -7.73 -1.02
C ASP A 30 -3.19 -7.31 -0.50
N ILE A 31 -2.14 -7.95 -1.00
CA ILE A 31 -0.78 -7.65 -0.59
C ILE A 31 -0.17 -6.56 -1.47
N VAL A 32 0.11 -5.41 -0.87
CA VAL A 32 0.70 -4.28 -1.60
C VAL A 32 1.99 -3.83 -0.95
N TYR A 33 2.77 -3.02 -1.68
CA TYR A 33 4.03 -2.50 -1.17
C TYR A 33 4.05 -0.98 -1.19
N ILE A 34 4.23 -0.37 -0.02
CA ILE A 34 4.27 1.08 0.09
C ILE A 34 5.67 1.61 -0.15
N TYR A 35 5.84 2.36 -1.24
CA TYR A 35 7.15 2.93 -1.58
C TYR A 35 7.38 4.23 -0.82
N LYS A 36 6.32 5.02 -0.65
CA LYS A 36 6.42 6.29 0.06
C LYS A 36 5.12 6.61 0.77
N GLN A 37 5.13 7.65 1.59
CA GLN A 37 3.95 8.07 2.34
C GLN A 37 3.53 9.48 1.96
N ILE A 38 2.30 9.61 1.46
CA ILE A 38 1.78 10.92 1.06
C ILE A 38 1.45 11.77 2.28
N ASP A 39 0.59 11.24 3.15
CA ASP A 39 0.19 11.96 4.35
C ASP A 39 0.09 11.01 5.54
N GLN A 40 -0.13 11.58 6.72
CA GLN A 40 -0.25 10.77 7.94
C GLN A 40 -1.48 9.87 7.89
N ASN A 41 -2.29 10.05 6.85
CA ASN A 41 -3.50 9.26 6.68
C ASN A 41 -3.60 8.69 5.27
N TRP A 42 -2.48 8.76 4.54
CA TRP A 42 -2.44 8.26 3.16
C TRP A 42 -1.13 7.52 2.91
N TYR A 43 -1.08 6.78 1.80
CA TYR A 43 0.11 6.03 1.44
C TYR A 43 0.25 5.92 -0.08
N GLU A 44 1.37 5.35 -0.53
CA GLU A 44 1.61 5.18 -1.95
C GLU A 44 2.37 3.88 -2.22
N GLY A 45 1.80 3.05 -3.10
CA GLY A 45 2.43 1.79 -3.43
C GLY A 45 2.08 1.30 -4.82
N GLU A 46 2.15 0.00 -5.04
CA GLU A 46 1.83 -0.59 -6.33
C GLU A 46 0.92 -1.80 -6.17
N HIS A 47 0.05 -2.01 -7.16
CA HIS A 47 -0.88 -3.14 -7.13
C HIS A 47 -1.40 -3.45 -8.53
N HIS A 48 -1.21 -4.69 -8.95
CA HIS A 48 -1.66 -5.12 -10.28
C HIS A 48 -1.03 -4.27 -11.37
N GLY A 49 0.30 -4.18 -11.35
CA GLY A 49 1.01 -3.39 -12.35
C GLY A 49 0.53 -1.95 -12.39
N ARG A 50 0.11 -1.43 -11.24
CA ARG A 50 -0.38 -0.06 -11.16
C ARG A 50 0.24 0.66 -9.97
N VAL A 51 0.13 1.99 -9.98
CA VAL A 51 0.68 2.80 -8.89
C VAL A 51 -0.25 3.96 -8.56
N GLY A 52 -0.33 4.30 -7.28
CA GLY A 52 -1.18 5.40 -6.84
C GLY A 52 -1.07 5.66 -5.35
N ILE A 53 -2.18 6.08 -4.75
CA ILE A 53 -2.21 6.36 -3.33
C ILE A 53 -3.47 5.81 -2.68
N PHE A 54 -3.40 5.58 -1.37
CA PHE A 54 -4.54 5.04 -0.63
C PHE A 54 -4.39 5.33 0.87
N PRO A 55 -5.54 5.41 1.56
CA PRO A 55 -5.57 5.68 3.01
C PRO A 55 -5.03 4.50 3.83
N ARG A 56 -4.32 4.82 4.90
CA ARG A 56 -3.75 3.79 5.77
C ARG A 56 -4.84 3.14 6.62
N THR A 57 -5.98 3.82 6.73
CA THR A 57 -7.10 3.31 7.52
C THR A 57 -7.83 2.19 6.78
N TYR A 58 -7.38 1.90 5.57
CA TYR A 58 -8.00 0.86 4.76
C TYR A 58 -7.09 -0.36 4.66
N ILE A 59 -5.78 -0.13 4.78
CA ILE A 59 -4.81 -1.22 4.72
C ILE A 59 -4.22 -1.52 6.08
N GLU A 60 -3.46 -2.60 6.18
CA GLU A 60 -2.83 -2.99 7.43
C GLU A 60 -1.36 -3.36 7.21
N LEU A 61 -0.47 -2.53 7.75
CA LEU A 61 0.96 -2.77 7.61
C LEU A 61 1.37 -4.09 8.27
N LEU A 62 2.05 -4.94 7.52
CA LEU A 62 2.50 -6.23 8.03
C LEU A 62 3.88 -6.11 8.67
N SER A 63 4.06 -5.07 9.48
CA SER A 63 5.34 -4.85 10.16
C SER A 63 5.39 -5.59 11.49
N GLY A 64 4.83 -6.80 11.51
CA GLY A 64 4.82 -7.59 12.73
C GLY A 64 5.69 -8.81 12.64
N PRO A 65 5.93 -9.47 13.78
CA PRO A 65 6.75 -10.68 13.85
C PRO A 65 6.09 -11.88 13.18
N SER A 66 6.84 -12.97 13.05
CA SER A 66 6.31 -14.18 12.43
C SER A 66 6.55 -15.40 13.32
N SER A 67 5.98 -16.53 12.93
CA SER A 67 6.12 -17.77 13.70
C SER A 67 6.98 -18.78 12.95
N GLY A 68 8.19 -19.01 13.46
CA GLY A 68 9.09 -19.96 12.82
C GLY A 68 10.15 -19.27 11.98
N GLY A 1 26.00 -6.19 -5.29
CA GLY A 1 24.71 -6.69 -5.69
C GLY A 1 23.93 -7.30 -4.54
N SER A 2 22.64 -6.96 -4.44
CA SER A 2 21.80 -7.47 -3.38
C SER A 2 20.33 -7.35 -3.74
N SER A 3 19.55 -8.35 -3.35
CA SER A 3 18.11 -8.35 -3.63
C SER A 3 17.33 -7.63 -2.56
N GLY A 4 17.06 -6.35 -2.79
CA GLY A 4 16.32 -5.55 -1.82
C GLY A 4 14.83 -5.53 -2.10
N SER A 5 14.03 -5.82 -1.07
CA SER A 5 12.57 -5.84 -1.22
C SER A 5 12.01 -4.42 -1.21
N SER A 6 12.06 -3.77 -2.37
CA SER A 6 11.56 -2.40 -2.48
C SER A 6 10.19 -2.27 -1.83
N GLY A 7 9.93 -1.11 -1.23
CA GLY A 7 8.65 -0.87 -0.58
C GLY A 7 8.42 -1.82 0.58
N ARG A 8 7.35 -1.58 1.34
CA ARG A 8 7.01 -2.42 2.48
C ARG A 8 5.67 -3.11 2.27
N PRO A 9 5.49 -4.27 2.92
CA PRO A 9 4.26 -5.05 2.81
C PRO A 9 3.09 -4.37 3.52
N ALA A 10 1.88 -4.61 3.01
CA ALA A 10 0.68 -4.02 3.58
C ALA A 10 -0.57 -4.76 3.12
N ARG A 11 -1.40 -5.17 4.09
CA ARG A 11 -2.63 -5.89 3.77
C ARG A 11 -3.82 -4.95 3.75
N ALA A 12 -4.66 -5.10 2.73
CA ALA A 12 -5.85 -4.25 2.58
C ALA A 12 -6.99 -4.76 3.44
N LYS A 13 -7.32 -4.02 4.48
CA LYS A 13 -8.41 -4.40 5.39
C LYS A 13 -9.76 -4.36 4.66
N PHE A 14 -9.92 -3.38 3.78
CA PHE A 14 -11.16 -3.23 3.03
C PHE A 14 -10.87 -2.82 1.58
N ASP A 15 -11.69 -3.32 0.66
CA ASP A 15 -11.53 -3.01 -0.76
C ASP A 15 -11.73 -1.51 -1.01
N PHE A 16 -10.64 -0.83 -1.37
CA PHE A 16 -10.69 0.60 -1.64
C PHE A 16 -11.03 0.87 -3.10
N LYS A 17 -11.70 1.99 -3.35
CA LYS A 17 -12.09 2.37 -4.71
C LYS A 17 -11.41 3.65 -5.13
N ALA A 18 -10.54 3.56 -6.12
CA ALA A 18 -9.81 4.73 -6.63
C ALA A 18 -10.66 5.50 -7.63
N GLN A 19 -11.07 6.71 -7.25
CA GLN A 19 -11.88 7.55 -8.12
C GLN A 19 -11.10 7.96 -9.37
N THR A 20 -9.82 8.29 -9.17
CA THR A 20 -8.97 8.71 -10.28
C THR A 20 -7.64 7.96 -10.26
N LEU A 21 -6.74 8.34 -11.16
CA LEU A 21 -5.43 7.71 -11.24
C LEU A 21 -4.63 7.97 -9.97
N LYS A 22 -4.70 9.20 -9.46
CA LYS A 22 -3.98 9.57 -8.25
C LYS A 22 -4.11 8.49 -7.18
N GLU A 23 -5.32 7.95 -7.05
CA GLU A 23 -5.57 6.90 -6.06
C GLU A 23 -5.48 5.52 -6.70
N LEU A 24 -5.30 4.50 -5.86
CA LEU A 24 -5.18 3.13 -6.34
C LEU A 24 -6.20 2.22 -5.66
N PRO A 25 -6.90 1.41 -6.45
CA PRO A 25 -7.92 0.48 -5.95
C PRO A 25 -7.30 -0.67 -5.15
N LEU A 26 -7.98 -1.07 -4.08
CA LEU A 26 -7.50 -2.16 -3.23
C LEU A 26 -8.59 -3.19 -3.00
N GLN A 27 -8.19 -4.40 -2.62
CA GLN A 27 -9.14 -5.48 -2.38
C GLN A 27 -8.85 -6.17 -1.04
N LYS A 28 -9.90 -6.46 -0.29
CA LYS A 28 -9.76 -7.11 1.00
C LYS A 28 -8.85 -8.34 0.90
N GLY A 29 -7.69 -8.27 1.54
CA GLY A 29 -6.75 -9.37 1.51
C GLY A 29 -5.77 -9.25 0.37
N ASP A 30 -5.36 -8.03 0.06
CA ASP A 30 -4.39 -7.79 -1.02
C ASP A 30 -3.06 -7.32 -0.47
N ILE A 31 -1.98 -7.92 -0.95
CA ILE A 31 -0.64 -7.57 -0.51
C ILE A 31 -0.02 -6.52 -1.43
N VAL A 32 -0.02 -5.27 -0.98
CA VAL A 32 0.55 -4.17 -1.76
C VAL A 32 1.89 -3.72 -1.17
N TYR A 33 2.70 -3.09 -2.01
CA TYR A 33 4.01 -2.61 -1.58
C TYR A 33 4.03 -1.08 -1.48
N ILE A 34 4.04 -0.57 -0.26
CA ILE A 34 4.06 0.87 -0.04
C ILE A 34 5.43 1.45 -0.35
N TYR A 35 5.51 2.23 -1.42
CA TYR A 35 6.77 2.85 -1.82
C TYR A 35 7.09 4.05 -0.95
N LYS A 36 6.11 4.93 -0.76
CA LYS A 36 6.29 6.12 0.06
C LYS A 36 5.00 6.46 0.81
N GLN A 37 5.04 7.52 1.60
CA GLN A 37 3.88 7.95 2.38
C GLN A 37 3.38 9.30 1.87
N ILE A 38 2.07 9.38 1.63
CA ILE A 38 1.45 10.62 1.15
C ILE A 38 1.03 11.50 2.31
N ASP A 39 0.37 10.90 3.30
CA ASP A 39 -0.09 11.65 4.47
C ASP A 39 -0.17 10.73 5.68
N GLN A 40 -0.53 11.31 6.83
CA GLN A 40 -0.65 10.55 8.07
C GLN A 40 -1.76 9.52 7.97
N ASN A 41 -2.60 9.64 6.94
CA ASN A 41 -3.71 8.73 6.74
C ASN A 41 -3.76 8.24 5.29
N TRP A 42 -2.66 8.45 4.57
CA TRP A 42 -2.57 8.04 3.18
C TRP A 42 -1.19 7.50 2.86
N TYR A 43 -1.13 6.53 1.94
CA TYR A 43 0.14 5.94 1.55
C TYR A 43 0.22 5.79 0.03
N GLU A 44 1.35 5.27 -0.45
CA GLU A 44 1.56 5.07 -1.87
C GLU A 44 2.26 3.74 -2.15
N GLY A 45 1.78 3.03 -3.16
CA GLY A 45 2.36 1.75 -3.51
C GLY A 45 1.95 1.27 -4.88
N GLU A 46 2.01 -0.04 -5.10
CA GLU A 46 1.64 -0.62 -6.38
C GLU A 46 0.72 -1.83 -6.18
N HIS A 47 -0.14 -2.07 -7.16
CA HIS A 47 -1.08 -3.19 -7.10
C HIS A 47 -1.67 -3.48 -8.48
N HIS A 48 -1.55 -4.73 -8.92
CA HIS A 48 -2.07 -5.14 -10.22
C HIS A 48 -1.51 -4.27 -11.33
N GLY A 49 -0.19 -4.12 -11.35
CA GLY A 49 0.45 -3.31 -12.36
C GLY A 49 -0.07 -1.89 -12.39
N ARG A 50 -0.37 -1.35 -11.22
CA ARG A 50 -0.90 0.01 -11.11
C ARG A 50 -0.25 0.75 -9.95
N VAL A 51 -0.10 2.06 -10.10
CA VAL A 51 0.50 2.89 -9.05
C VAL A 51 -0.43 4.02 -8.63
N GLY A 52 -0.57 4.22 -7.33
CA GLY A 52 -1.43 5.26 -6.82
C GLY A 52 -1.38 5.38 -5.31
N ILE A 53 -2.28 6.19 -4.76
CA ILE A 53 -2.33 6.38 -3.31
C ILE A 53 -3.59 5.75 -2.72
N PHE A 54 -3.58 5.55 -1.41
CA PHE A 54 -4.72 4.96 -0.72
C PHE A 54 -4.68 5.27 0.78
N PRO A 55 -5.87 5.32 1.40
CA PRO A 55 -5.99 5.61 2.84
C PRO A 55 -5.48 4.46 3.70
N ARG A 56 -4.77 4.81 4.77
CA ARG A 56 -4.22 3.81 5.68
C ARG A 56 -5.34 3.04 6.38
N THR A 57 -6.40 3.76 6.76
CA THR A 57 -7.53 3.16 7.43
C THR A 57 -8.08 1.98 6.64
N TYR A 58 -7.69 1.89 5.37
CA TYR A 58 -8.16 0.81 4.50
C TYR A 58 -7.18 -0.36 4.54
N ILE A 59 -5.90 -0.05 4.75
CA ILE A 59 -4.87 -1.09 4.81
C ILE A 59 -4.36 -1.28 6.23
N GLU A 60 -3.43 -2.22 6.39
CA GLU A 60 -2.86 -2.50 7.70
C GLU A 60 -1.38 -2.85 7.59
N LEU A 61 -0.54 -2.02 8.20
CA LEU A 61 0.90 -2.23 8.17
C LEU A 61 1.28 -3.54 8.85
N LEU A 62 1.65 -4.54 8.05
CA LEU A 62 2.02 -5.84 8.57
C LEU A 62 3.35 -5.76 9.32
N SER A 63 4.34 -5.14 8.69
CA SER A 63 5.66 -5.00 9.29
C SER A 63 5.56 -4.34 10.67
N GLY A 64 6.32 -4.87 11.62
CA GLY A 64 6.30 -4.33 12.97
C GLY A 64 7.53 -4.72 13.77
N PRO A 65 8.62 -3.96 13.58
CA PRO A 65 9.89 -4.22 14.29
C PRO A 65 9.80 -3.90 15.77
N SER A 66 10.41 -4.75 16.59
CA SER A 66 10.40 -4.56 18.04
C SER A 66 10.72 -3.12 18.39
N SER A 67 9.92 -2.53 19.28
CA SER A 67 10.12 -1.15 19.72
C SER A 67 10.47 -0.26 18.53
N GLY A 68 9.71 -0.40 17.44
CA GLY A 68 9.96 0.40 16.26
C GLY A 68 8.86 0.24 15.22
#